data_9NQZ
#
_entry.id   9NQZ
#
_cell.length_a   1.00
_cell.length_b   1.00
_cell.length_c   1.00
_cell.angle_alpha   90.00
_cell.angle_beta   90.00
_cell.angle_gamma   90.00
#
_symmetry.space_group_name_H-M   'P 1'
#
loop_
_entity.id
_entity.type
_entity.pdbx_description
1 polymer 'Spike glycoprotein'
2 polymer '1871 Fab light chain'
3 polymer '1871 Fab heavy chain'
#
loop_
_entity_poly.entity_id
_entity_poly.type
_entity_poly.pdbx_seq_one_letter_code
_entity_poly.pdbx_strand_id
1 'polypeptide(L)'
;AITTGYRFTNFEPFTVNSVNDSLEPVGGLYEIQIPSEFTIGNMEEFIQTSSPKVTIDCAAFVCGDYAACKLQLVEYGSFC
DNINAILTEVNELLDTTQLQVANSLMNGVTLSTKLKDGVNFNVDDINFSPVLGCLGSECSKASSRSAIEDLLFDKVKLSD
VGFVEAYNNCTGGAEIRDLICVQSYKGIKVLPPLLSENQISGYTLAATSASLFPPWTAAAGVPFYLNVQYRINGLGVTMD
VLSQNQKLIANAFNNALHAIQQGFDATNSALVKIQAVVNANAEALNNLLQQLSNRFGAISASLQEILSRLDALEAEAQID
RLINGRLTALNAYVSQQLSDSTLVKFSAAQAMEKVNECVKSQSSRINFCGNGNHIISLVQNAPYGLYFIHFNYVPTKYVT
AKVSPGLCIAGNRGIAPKSGYFVNVNNTWMYTGSGYYYPEPITENNVVVMSTCAVNYTKAPYVMLNTSIPNLPDFKEELD
QWFKNQTSVAPDLSLDYINVTFLDLQVEMNRLQEAIKVLNHSYINKDIGTYEYGSENLYFQSGSGGGGSGYIPEAPRDGQ
AYVRKDGEWVLLSTFLGHHHHHHHH
;
A,B,C
2 'polypeptide(L)'
;EIVMTQSPATLSVSPGERVTLSCRASQSVRSRLAWFQQKPGQAPRLLIYDASIRATGIPARFSGSGSGTEFTLIISSLQS
EDFAVYYCQQYDNWPPAYTFGQGTKLEIK
;
D,F,L
3 'polypeptide(L)'
;EVQLVESGGGLVKPGGSLRLSCVASGFSFSIYSMNWVRQAPGKGLEWVSYISSSSSYKYYADSVKGRFSVSRDNAKNSLY
LQLNGLRAEDTAVYYCARDGYCPKGVCTYYGMDVWGQGTTVTVSA
;
E,G,H
#
# COMPACT_ATOMS: atom_id res chain seq x y z
N ASP A 21 -12.71 11.20 56.02
CA ASP A 21 -11.68 10.19 55.82
C ASP A 21 -12.28 8.86 55.38
N SER A 22 -13.60 8.85 55.20
CA SER A 22 -14.31 7.68 54.72
C SER A 22 -14.33 7.59 53.19
N LEU A 23 -13.47 8.34 52.51
CA LEU A 23 -13.31 8.20 51.08
C LEU A 23 -12.75 6.82 50.74
N GLU A 24 -13.27 6.22 49.68
CA GLU A 24 -12.86 4.89 49.30
C GLU A 24 -12.39 4.87 47.84
N PRO A 25 -11.35 4.13 47.52
CA PRO A 25 -10.87 4.07 46.13
C PRO A 25 -11.94 3.54 45.19
N VAL A 26 -12.02 4.14 44.00
CA VAL A 26 -12.93 3.72 42.95
C VAL A 26 -12.11 3.44 41.70
N GLY A 27 -12.09 2.18 41.28
CA GLY A 27 -11.33 1.77 40.12
C GLY A 27 -10.02 1.09 40.43
N GLY A 28 -9.62 1.03 41.69
CA GLY A 28 -8.40 0.36 42.10
C GLY A 28 -7.33 1.34 42.57
N LEU A 29 -6.17 0.77 42.86
CA LEU A 29 -5.02 1.53 43.35
C LEU A 29 -3.84 1.29 42.43
N TYR A 30 -3.25 2.36 41.93
CA TYR A 30 -2.21 2.27 40.93
C TYR A 30 -1.07 3.20 41.28
N GLU A 31 0.15 2.67 41.21
CA GLU A 31 1.36 3.45 41.45
C GLU A 31 1.77 4.10 40.13
N ILE A 32 1.72 5.43 40.07
CA ILE A 32 2.13 6.15 38.87
C ILE A 32 2.98 7.34 39.24
N GLN A 33 3.69 7.85 38.24
CA GLN A 33 4.70 8.89 38.42
C GLN A 33 4.12 10.25 38.10
N ILE A 34 4.28 11.19 39.02
CA ILE A 34 3.82 12.56 38.86
C ILE A 34 5.05 13.47 38.89
N PRO A 35 5.22 14.36 37.92
CA PRO A 35 6.45 15.17 37.88
C PRO A 35 6.63 16.02 39.12
N SER A 36 7.88 16.14 39.56
CA SER A 36 8.23 16.99 40.68
C SER A 36 9.28 18.04 40.35
N GLU A 37 10.11 17.83 39.34
CA GLU A 37 11.01 18.88 38.87
C GLU A 37 11.13 18.77 37.36
N PHE A 38 11.47 19.90 36.73
CA PHE A 38 11.53 19.99 35.29
C PHE A 38 12.79 20.72 34.88
N THR A 39 13.19 20.53 33.63
CA THR A 39 14.22 21.34 32.99
C THR A 39 13.73 21.72 31.60
N ILE A 40 14.29 22.81 31.07
CA ILE A 40 13.93 23.24 29.73
C ILE A 40 14.62 22.35 28.70
N GLY A 41 13.87 21.85 27.75
CA GLY A 41 14.38 20.93 26.75
C GLY A 41 14.29 21.51 25.36
N ASN A 42 15.23 21.12 24.50
CA ASN A 42 15.20 21.47 23.09
C ASN A 42 15.32 20.20 22.27
N MET A 43 14.23 19.83 21.60
CA MET A 43 14.22 18.65 20.74
C MET A 43 14.19 19.11 19.30
N GLU A 44 15.07 18.55 18.47
CA GLU A 44 15.13 18.84 17.06
C GLU A 44 14.84 17.57 16.29
N GLU A 45 13.85 17.62 15.41
CA GLU A 45 13.44 16.45 14.67
C GLU A 45 13.16 16.82 13.22
N PHE A 46 13.35 15.85 12.34
CA PHE A 46 12.98 15.92 10.94
C PHE A 46 11.75 15.06 10.72
N ILE A 47 10.76 15.60 10.02
CA ILE A 47 9.60 14.83 9.58
C ILE A 47 9.54 14.91 8.06
N GLN A 48 9.55 13.75 7.42
CA GLN A 48 9.51 13.71 5.96
C GLN A 48 8.13 14.07 5.46
N THR A 49 8.07 14.91 4.42
CA THR A 49 6.79 15.29 3.83
C THR A 49 6.70 15.03 2.33
N SER A 50 7.77 14.56 1.69
CA SER A 50 7.73 14.30 0.26
C SER A 50 8.87 13.35 -0.09
N SER A 51 8.81 12.83 -1.31
CA SER A 51 9.79 11.90 -1.85
C SER A 51 10.36 12.45 -3.15
N PRO A 52 11.55 11.99 -3.53
CA PRO A 52 12.01 12.26 -4.89
C PRO A 52 11.11 11.61 -5.92
N LYS A 53 11.05 12.21 -7.10
CA LYS A 53 10.31 11.61 -8.20
C LYS A 53 10.96 10.29 -8.59
N VAL A 54 10.19 9.21 -8.55
CA VAL A 54 10.69 7.87 -8.82
C VAL A 54 9.96 7.32 -10.02
N THR A 55 10.73 6.87 -11.01
CA THR A 55 10.18 6.12 -12.13
C THR A 55 11.03 4.87 -12.33
N ILE A 56 10.52 3.95 -13.12
CA ILE A 56 11.17 2.67 -13.37
C ILE A 56 11.59 2.62 -14.83
N ASP A 57 12.84 2.24 -15.07
CA ASP A 57 13.28 1.77 -16.38
C ASP A 57 13.04 0.27 -16.40
N CYS A 58 11.86 -0.13 -16.86
CA CYS A 58 11.47 -1.54 -16.78
C CYS A 58 12.37 -2.42 -17.64
N ALA A 59 12.82 -1.90 -18.78
CA ALA A 59 13.78 -2.65 -19.60
C ALA A 59 15.10 -2.84 -18.85
N ALA A 60 15.59 -1.79 -18.19
CA ALA A 60 16.82 -1.91 -17.42
C ALA A 60 16.59 -2.66 -16.12
N PHE A 61 15.40 -2.55 -15.54
CA PHE A 61 15.08 -3.30 -14.32
C PHE A 61 15.08 -4.80 -14.60
N VAL A 62 14.44 -5.22 -15.69
CA VAL A 62 14.25 -6.64 -15.96
C VAL A 62 15.46 -7.23 -16.66
N CYS A 63 15.94 -6.57 -17.70
CA CYS A 63 17.00 -7.11 -18.54
C CYS A 63 18.39 -6.62 -18.19
N GLY A 64 18.52 -5.37 -17.79
CA GLY A 64 19.83 -4.75 -17.67
C GLY A 64 20.29 -4.26 -19.02
N ASP A 65 21.42 -4.78 -19.48
CA ASP A 65 21.95 -4.45 -20.80
C ASP A 65 21.80 -5.59 -21.80
N TYR A 66 21.15 -6.68 -21.42
CA TYR A 66 21.01 -7.85 -22.28
C TYR A 66 20.04 -7.54 -23.41
N ALA A 67 20.54 -7.54 -24.65
CA ALA A 67 19.75 -7.04 -25.77
C ALA A 67 18.68 -8.04 -26.22
N ALA A 68 18.92 -9.34 -26.05
CA ALA A 68 17.89 -10.32 -26.37
C ALA A 68 16.67 -10.15 -25.47
N CYS A 69 16.91 -9.95 -24.18
CA CYS A 69 15.80 -9.74 -23.25
C CYS A 69 15.04 -8.47 -23.58
N LYS A 70 15.76 -7.39 -23.91
CA LYS A 70 15.07 -6.13 -24.23
C LYS A 70 14.27 -6.26 -25.52
N LEU A 71 14.83 -6.95 -26.51
CA LEU A 71 14.13 -7.15 -27.76
C LEU A 71 12.86 -7.95 -27.55
N GLN A 72 12.91 -8.98 -26.70
CA GLN A 72 11.71 -9.75 -26.42
C GLN A 72 10.74 -8.99 -25.51
N LEU A 73 11.25 -8.11 -24.66
CA LEU A 73 10.43 -7.33 -23.74
C LEU A 73 9.71 -6.19 -24.44
N VAL A 74 10.17 -5.79 -25.61
CA VAL A 74 9.44 -4.80 -26.41
C VAL A 74 8.03 -5.31 -26.71
N GLU A 75 7.90 -6.62 -26.97
CA GLU A 75 6.62 -7.22 -27.30
C GLU A 75 5.70 -7.43 -26.10
N TYR A 76 6.06 -6.91 -24.93
CA TYR A 76 5.22 -7.00 -23.74
C TYR A 76 4.31 -5.79 -23.58
N GLY A 77 4.39 -4.81 -24.48
CA GLY A 77 3.55 -3.64 -24.43
C GLY A 77 4.16 -2.49 -23.67
N SER A 78 3.38 -1.43 -23.55
CA SER A 78 3.79 -0.21 -22.84
C SER A 78 3.33 -0.23 -21.39
N PHE A 79 3.64 -1.30 -20.66
CA PHE A 79 3.24 -1.38 -19.26
C PHE A 79 4.07 -0.45 -18.39
N CYS A 80 5.30 -0.15 -18.80
CA CYS A 80 6.14 0.77 -18.02
C CYS A 80 5.51 2.16 -17.98
N ASP A 81 4.98 2.62 -19.12
CA ASP A 81 4.25 3.89 -19.13
C ASP A 81 3.09 3.88 -18.14
N ASN A 82 2.43 2.73 -18.00
CA ASN A 82 1.33 2.64 -17.06
C ASN A 82 1.83 2.57 -15.62
N ILE A 83 2.89 1.82 -15.38
CA ILE A 83 3.48 1.75 -14.05
C ILE A 83 4.03 3.11 -13.64
N ASN A 84 4.76 3.77 -14.55
CA ASN A 84 5.38 5.04 -14.22
C ASN A 84 4.36 6.14 -14.00
N ALA A 85 3.21 6.06 -14.67
CA ALA A 85 2.15 7.02 -14.40
C ALA A 85 1.40 6.71 -13.11
N ILE A 86 1.59 5.52 -12.56
CA ILE A 86 1.09 5.20 -11.23
C ILE A 86 2.08 5.64 -10.16
N LEU A 87 3.37 5.46 -10.42
CA LEU A 87 4.39 5.91 -9.49
C LEU A 87 4.39 7.43 -9.36
N THR A 88 4.20 8.14 -10.47
CA THR A 88 4.20 9.59 -10.46
C THR A 88 2.84 10.19 -10.19
N GLU A 89 1.80 9.36 -10.09
CA GLU A 89 0.45 9.79 -9.72
C GLU A 89 -0.07 10.88 -10.66
N VAL A 90 -0.11 10.56 -11.94
CA VAL A 90 -0.56 11.50 -12.95
C VAL A 90 -2.08 11.66 -12.86
N ASN A 281 11.83 -47.79 -69.32
CA ASN A 281 11.83 -48.08 -67.89
C ASN A 281 13.09 -47.56 -67.21
N ALA A 282 14.25 -47.83 -67.82
CA ALA A 282 15.50 -47.35 -67.25
C ALA A 282 15.58 -45.83 -67.32
N GLU A 283 15.11 -45.23 -68.41
CA GLU A 283 15.14 -43.77 -68.53
C GLU A 283 14.26 -43.10 -67.48
N ALA A 284 13.18 -43.76 -67.07
CA ALA A 284 12.30 -43.17 -66.06
C ALA A 284 12.91 -43.25 -64.68
N LEU A 285 13.74 -44.27 -64.42
CA LEU A 285 14.38 -44.39 -63.12
C LEU A 285 15.33 -43.22 -62.85
N ASN A 286 16.06 -42.79 -63.88
CA ASN A 286 16.88 -41.59 -63.74
C ASN A 286 16.02 -40.36 -63.49
N ASN A 287 14.85 -40.29 -64.13
CA ASN A 287 13.90 -39.22 -63.83
C ASN A 287 13.43 -39.30 -62.38
N LEU A 288 13.14 -40.51 -61.90
CA LEU A 288 12.77 -40.69 -60.50
C LEU A 288 13.90 -40.29 -59.57
N LEU A 289 15.14 -40.64 -59.92
CA LEU A 289 16.29 -40.26 -59.10
C LEU A 289 16.46 -38.75 -59.06
N GLN A 290 16.20 -38.07 -60.18
CA GLN A 290 16.25 -36.61 -60.18
C GLN A 290 15.16 -36.02 -59.31
N GLN A 291 13.95 -36.57 -59.41
CA GLN A 291 12.84 -36.05 -58.59
C GLN A 291 13.07 -36.32 -57.11
N LEU A 292 13.56 -37.51 -56.77
CA LEU A 292 13.79 -37.84 -55.37
C LEU A 292 14.83 -36.91 -54.75
N SER A 293 15.81 -36.47 -55.53
CA SER A 293 16.80 -35.53 -55.02
C SER A 293 16.16 -34.18 -54.70
N ASN A 294 15.19 -33.75 -55.52
CA ASN A 294 14.49 -32.50 -55.24
C ASN A 294 13.49 -32.66 -54.10
N ARG A 295 12.77 -33.78 -54.06
CA ARG A 295 11.80 -33.98 -52.99
C ARG A 295 12.50 -34.06 -51.63
N PHE A 296 13.61 -34.80 -51.56
CA PHE A 296 14.36 -34.86 -50.31
C PHE A 296 15.09 -33.56 -50.04
N GLY A 297 15.39 -32.79 -51.08
CA GLY A 297 15.95 -31.47 -50.86
C GLY A 297 14.95 -30.51 -50.25
N ALA A 298 13.69 -30.58 -50.68
CA ALA A 298 12.66 -29.72 -50.12
C ALA A 298 12.22 -30.18 -48.75
N ILE A 299 12.25 -31.49 -48.50
CA ILE A 299 11.91 -32.02 -47.18
C ILE A 299 12.99 -31.64 -46.18
N SER A 300 14.26 -31.82 -46.56
CA SER A 300 15.36 -31.46 -45.67
C SER A 300 15.39 -29.97 -45.40
N ALA A 301 15.11 -29.16 -46.42
CA ALA A 301 15.03 -27.71 -46.21
C ALA A 301 13.88 -27.35 -45.29
N SER A 302 12.73 -28.01 -45.46
CA SER A 302 11.58 -27.73 -44.62
C SER A 302 11.85 -28.09 -43.16
N LEU A 303 12.48 -29.25 -42.93
CA LEU A 303 12.78 -29.66 -41.57
C LEU A 303 13.72 -28.68 -40.89
N GLN A 304 14.68 -28.13 -41.64
CA GLN A 304 15.56 -27.11 -41.08
C GLN A 304 14.79 -25.87 -40.67
N GLU A 305 13.86 -25.42 -41.51
CA GLU A 305 13.04 -24.27 -41.14
C GLU A 305 12.18 -24.59 -39.92
N ILE A 306 11.64 -25.81 -39.86
CA ILE A 306 10.90 -26.24 -38.68
C ILE A 306 11.81 -26.30 -37.46
N LEU A 307 13.00 -26.87 -37.62
CA LEU A 307 13.90 -27.04 -36.48
C LEU A 307 14.45 -25.71 -36.01
N SER A 308 14.64 -24.76 -36.92
CA SER A 308 15.10 -23.44 -36.49
C SER A 308 14.01 -22.69 -35.75
N ARG A 309 12.75 -22.86 -36.16
CA ARG A 309 11.63 -22.23 -35.46
C ARG A 309 11.30 -22.93 -34.16
N LEU A 310 11.67 -24.21 -34.01
CA LEU A 310 11.49 -24.88 -32.72
C LEU A 310 12.54 -24.43 -31.71
N ASP A 311 13.78 -24.24 -32.16
CA ASP A 311 14.81 -23.68 -31.28
C ASP A 311 14.49 -22.26 -30.87
N ALA A 312 13.96 -21.47 -31.81
CA ALA A 312 13.58 -20.10 -31.47
C ALA A 312 12.46 -20.09 -30.45
N LEU A 313 11.47 -20.97 -30.60
CA LEU A 313 10.35 -21.00 -29.67
C LEU A 313 10.78 -21.40 -28.28
N GLU A 314 11.71 -22.35 -28.18
CA GLU A 314 12.17 -22.81 -26.87
C GLU A 314 13.04 -21.77 -26.19
N ALA A 315 13.84 -21.03 -26.95
CA ALA A 315 14.68 -19.99 -26.34
C ALA A 315 13.83 -18.80 -25.91
N GLU A 316 12.84 -18.44 -26.72
CA GLU A 316 11.93 -17.36 -26.33
C GLU A 316 11.08 -17.75 -25.12
N ALA A 317 10.73 -19.04 -25.01
CA ALA A 317 9.96 -19.49 -23.86
C ALA A 317 10.76 -19.37 -22.57
N GLN A 318 12.04 -19.66 -22.62
CA GLN A 318 12.88 -19.56 -21.43
C GLN A 318 13.15 -18.10 -21.08
N ILE A 319 13.29 -17.24 -22.09
CA ILE A 319 13.45 -15.82 -21.82
C ILE A 319 12.15 -15.24 -21.26
N ASP A 320 11.01 -15.72 -21.73
CA ASP A 320 9.74 -15.25 -21.19
C ASP A 320 9.60 -15.59 -19.72
N ARG A 321 10.06 -16.77 -19.32
CA ARG A 321 9.95 -17.19 -17.92
C ARG A 321 10.78 -16.29 -17.01
N LEU A 322 12.00 -15.96 -17.42
CA LEU A 322 12.81 -15.07 -16.61
C LEU A 322 12.31 -13.63 -16.71
N ILE A 323 11.77 -13.23 -17.86
CA ILE A 323 11.11 -11.93 -17.96
C ILE A 323 9.91 -11.88 -17.02
N ASN A 324 9.09 -12.93 -17.03
CA ASN A 324 7.89 -12.96 -16.19
C ASN A 324 8.24 -13.00 -14.73
N GLY A 325 9.28 -13.75 -14.35
CA GLY A 325 9.69 -13.79 -12.96
C GLY A 325 10.19 -12.46 -12.45
N ARG A 326 10.91 -11.72 -13.31
CA ARG A 326 11.40 -10.40 -12.92
C ARG A 326 10.33 -9.33 -13.02
N LEU A 327 9.21 -9.60 -13.67
CA LEU A 327 8.06 -8.70 -13.60
C LEU A 327 7.24 -8.93 -12.35
N THR A 328 7.33 -10.13 -11.76
CA THR A 328 6.75 -10.36 -10.44
C THR A 328 7.56 -9.66 -9.36
N ALA A 329 8.89 -9.66 -9.49
CA ALA A 329 9.73 -8.87 -8.61
C ALA A 329 9.53 -7.39 -8.83
N LEU A 330 9.29 -6.99 -10.08
CA LEU A 330 8.99 -5.59 -10.37
C LEU A 330 7.69 -5.16 -9.72
N ASN A 331 6.65 -5.99 -9.81
CA ASN A 331 5.38 -5.63 -9.23
C ASN A 331 5.45 -5.57 -7.72
N ALA A 332 6.27 -6.42 -7.10
CA ALA A 332 6.47 -6.34 -5.66
C ALA A 332 7.15 -5.04 -5.27
N TYR A 333 8.04 -4.53 -6.12
CA TYR A 333 8.70 -3.26 -5.82
C TYR A 333 7.80 -2.07 -6.08
N VAL A 334 6.93 -2.15 -7.09
CA VAL A 334 5.97 -1.08 -7.31
C VAL A 334 4.99 -1.01 -6.15
N SER A 335 4.57 -2.17 -5.65
CA SER A 335 3.69 -2.19 -4.47
C SER A 335 4.41 -1.66 -3.25
N GLN A 336 5.71 -1.95 -3.12
CA GLN A 336 6.47 -1.41 -2.00
C GLN A 336 6.65 0.10 -2.13
N GLN A 337 6.88 0.60 -3.34
CA GLN A 337 6.98 2.04 -3.55
C GLN A 337 5.66 2.73 -3.22
N LEU A 338 4.55 2.12 -3.60
CA LEU A 338 3.24 2.69 -3.30
C LEU A 338 2.91 2.61 -1.81
N SER A 339 3.43 1.60 -1.12
CA SER A 339 3.21 1.51 0.32
C SER A 339 4.10 2.48 1.08
N ASP A 340 5.28 2.78 0.54
CA ASP A 340 6.14 3.80 1.16
C ASP A 340 5.60 5.20 0.92
N SER A 341 5.10 5.47 -0.29
CA SER A 341 4.54 6.78 -0.56
C SER A 341 3.27 7.02 0.23
N THR A 342 2.57 5.95 0.61
CA THR A 342 1.45 6.09 1.54
C THR A 342 1.94 6.41 2.94
N LEU A 343 3.03 5.79 3.38
CA LEU A 343 3.59 6.10 4.69
C LEU A 343 4.22 7.49 4.72
N VAL A 344 4.68 8.00 3.58
CA VAL A 344 5.15 9.37 3.50
C VAL A 344 3.97 10.34 3.62
N LYS A 345 2.84 9.99 2.99
CA LYS A 345 1.66 10.84 3.12
C LYS A 345 1.15 10.86 4.55
N PHE A 346 1.22 9.71 5.24
CA PHE A 346 0.91 9.66 6.66
C PHE A 346 1.90 10.51 7.46
N SER A 347 3.18 10.49 7.07
CA SER A 347 4.19 11.30 7.74
C SER A 347 4.06 12.78 7.38
N ALA A 348 3.59 13.09 6.16
CA ALA A 348 3.36 14.48 5.79
C ALA A 348 2.17 15.06 6.54
N ALA A 349 1.19 14.24 6.90
CA ALA A 349 0.09 14.72 7.72
C ALA A 349 0.53 14.94 9.15
N GLN A 350 1.43 14.10 9.66
CA GLN A 350 1.96 14.29 11.00
C GLN A 350 2.79 15.57 11.10
N ALA A 351 3.49 15.94 10.03
CA ALA A 351 4.24 17.18 10.02
C ALA A 351 3.31 18.39 9.98
N MET A 352 2.20 18.28 9.25
CA MET A 352 1.28 19.41 9.19
C MET A 352 0.48 19.57 10.48
N GLU A 353 0.22 18.48 11.18
CA GLU A 353 -0.38 18.60 12.50
C GLU A 353 0.54 19.31 13.48
N LYS A 354 1.85 19.08 13.37
CA LYS A 354 2.80 19.76 14.23
C LYS A 354 3.03 21.20 13.82
N VAL A 355 2.82 21.55 12.56
CA VAL A 355 2.88 22.96 12.20
C VAL A 355 1.69 23.70 12.79
N ASN A 356 0.50 23.13 12.65
CA ASN A 356 -0.72 23.78 13.11
C ASN A 356 -0.76 23.91 14.63
N GLU A 357 -0.32 22.87 15.33
CA GLU A 357 -0.52 22.75 16.76
C GLU A 357 0.74 22.97 17.58
N CYS A 358 1.91 22.99 16.96
CA CYS A 358 3.14 23.30 17.69
C CYS A 358 3.81 24.58 17.22
N VAL A 359 3.70 24.94 15.95
CA VAL A 359 4.37 26.11 15.40
C VAL A 359 3.42 27.28 15.25
N LYS A 360 2.22 27.03 14.74
CA LYS A 360 1.24 28.09 14.57
C LYS A 360 0.41 28.34 15.83
N SER A 361 0.65 27.58 16.89
CA SER A 361 -0.03 27.77 18.16
C SER A 361 0.80 27.06 19.23
N GLN A 362 0.31 27.11 20.46
CA GLN A 362 0.93 26.38 21.57
C GLN A 362 0.01 25.24 21.99
N SER A 363 0.59 24.06 22.17
CA SER A 363 -0.16 22.85 22.41
C SER A 363 -0.31 22.61 23.90
N SER A 364 -1.53 22.26 24.31
CA SER A 364 -1.77 21.74 25.66
C SER A 364 -1.49 20.26 25.75
N ARG A 365 -1.14 19.63 24.64
CA ARG A 365 -0.82 18.21 24.61
C ARG A 365 0.58 17.99 25.15
N ILE A 366 0.69 17.09 26.11
CA ILE A 366 1.98 16.76 26.70
C ILE A 366 2.58 15.62 25.88
N ASN A 367 3.89 15.68 25.67
CA ASN A 367 4.61 14.68 24.89
C ASN A 367 4.10 14.61 23.46
N PHE A 368 3.78 15.77 22.88
CA PHE A 368 3.42 15.86 21.48
C PHE A 368 4.45 16.65 20.68
N CYS A 369 4.74 17.88 21.07
CA CYS A 369 5.78 18.67 20.43
C CYS A 369 7.13 18.39 21.09
N GLY A 370 7.54 17.14 21.01
CA GLY A 370 8.71 16.68 21.74
C GLY A 370 8.29 15.97 23.03
N ASN A 371 8.98 16.29 24.12
CA ASN A 371 8.69 15.69 25.41
C ASN A 371 8.33 16.78 26.40
N GLY A 372 7.36 16.50 27.26
CA GLY A 372 6.98 17.44 28.28
C GLY A 372 5.94 18.44 27.82
N ASN A 373 5.95 19.59 28.48
CA ASN A 373 4.96 20.62 28.25
C ASN A 373 5.48 21.61 27.22
N HIS A 374 4.71 21.83 26.16
CA HIS A 374 5.15 22.65 25.04
C HIS A 374 5.32 24.11 25.45
N ILE A 375 6.41 24.72 24.98
CA ILE A 375 6.59 26.17 25.07
C ILE A 375 6.48 26.82 23.69
N ILE A 376 7.38 26.50 22.78
CA ILE A 376 7.43 27.14 21.48
C ILE A 376 8.14 26.22 20.50
N SER A 377 7.70 26.22 19.25
CA SER A 377 8.29 25.40 18.21
C SER A 377 8.63 26.26 17.00
N LEU A 378 9.70 25.86 16.32
CA LEU A 378 10.12 26.47 15.08
C LEU A 378 10.22 25.37 14.02
N VAL A 379 9.91 25.71 12.78
CA VAL A 379 9.99 24.76 11.68
C VAL A 379 10.79 25.38 10.54
N GLN A 380 11.66 24.59 9.94
CA GLN A 380 12.45 24.99 8.78
C GLN A 380 12.28 23.97 7.66
N ASN A 381 12.39 24.43 6.43
CA ASN A 381 12.42 23.52 5.30
C ASN A 381 13.69 22.69 5.34
N ALA A 382 13.54 21.40 5.13
CA ALA A 382 14.64 20.47 4.96
C ALA A 382 14.36 19.63 3.73
N PRO A 383 15.39 19.10 3.08
CA PRO A 383 15.16 18.27 1.90
C PRO A 383 14.17 17.15 2.13
N TYR A 384 13.02 17.23 1.45
CA TYR A 384 11.95 16.22 1.51
C TYR A 384 11.32 16.15 2.89
N GLY A 385 11.03 17.31 3.46
CA GLY A 385 10.39 17.33 4.76
C GLY A 385 10.54 18.67 5.43
N LEU A 386 10.30 18.66 6.74
CA LEU A 386 10.33 19.84 7.58
C LEU A 386 11.14 19.55 8.84
N TYR A 387 11.95 20.51 9.25
CA TYR A 387 12.81 20.35 10.41
C TYR A 387 12.24 21.15 11.57
N PHE A 388 11.89 20.47 12.65
CA PHE A 388 11.23 21.10 13.78
C PHE A 388 12.22 21.31 14.93
N ILE A 389 12.07 22.43 15.63
CA ILE A 389 12.82 22.71 16.84
C ILE A 389 11.81 23.01 17.93
N HIS A 390 11.77 22.15 18.94
CA HIS A 390 10.78 22.23 20.01
C HIS A 390 11.44 22.69 21.30
N PHE A 391 10.74 23.54 22.03
CA PHE A 391 11.15 23.95 23.37
C PHE A 391 10.07 23.54 24.35
N ASN A 392 10.46 22.81 25.38
CA ASN A 392 9.54 22.34 26.40
C ASN A 392 10.21 22.43 27.75
N TYR A 393 9.41 22.28 28.79
CA TYR A 393 9.93 21.93 30.10
C TYR A 393 9.53 20.48 30.37
N VAL A 394 10.53 19.62 30.50
CA VAL A 394 10.34 18.17 30.54
C VAL A 394 10.55 17.71 31.98
N PRO A 395 9.71 16.83 32.50
CA PRO A 395 9.94 16.30 33.85
C PRO A 395 11.23 15.49 33.90
N THR A 396 12.14 15.90 34.78
CA THR A 396 13.37 15.17 35.00
C THR A 396 13.33 14.30 36.25
N LYS A 397 12.36 14.49 37.13
CA LYS A 397 12.19 13.67 38.31
C LYS A 397 10.71 13.55 38.64
N TYR A 398 10.31 12.37 39.10
CA TYR A 398 8.92 12.05 39.33
C TYR A 398 8.74 11.55 40.75
N VAL A 399 7.52 11.67 41.25
CA VAL A 399 7.12 11.12 42.55
C VAL A 399 6.21 9.94 42.28
N THR A 400 6.63 8.76 42.71
CA THR A 400 5.79 7.58 42.57
C THR A 400 4.67 7.65 43.60
N ALA A 401 3.46 7.90 43.13
CA ALA A 401 2.33 8.21 44.00
C ALA A 401 1.26 7.13 43.88
N LYS A 402 0.51 6.95 44.96
CA LYS A 402 -0.56 5.98 45.01
C LYS A 402 -1.85 6.66 44.57
N VAL A 403 -2.35 6.30 43.39
CA VAL A 403 -3.46 7.00 42.75
C VAL A 403 -4.65 6.06 42.67
N SER A 404 -5.82 6.58 42.99
CA SER A 404 -7.08 5.94 42.66
C SER A 404 -7.80 6.76 41.59
N PRO A 405 -8.37 6.10 40.57
CA PRO A 405 -9.06 6.86 39.52
C PRO A 405 -10.18 7.72 40.03
N GLY A 406 -10.89 7.28 41.07
CA GLY A 406 -11.88 8.10 41.71
C GLY A 406 -12.02 7.68 43.16
N LEU A 407 -12.83 8.43 43.89
CA LEU A 407 -13.09 8.14 45.30
C LEU A 407 -14.58 8.08 45.54
N CYS A 408 -15.01 7.14 46.38
CA CYS A 408 -16.39 7.05 46.80
C CYS A 408 -16.53 7.68 48.18
N ILE A 409 -17.50 8.56 48.34
CA ILE A 409 -17.76 9.23 49.61
C ILE A 409 -18.94 8.52 50.27
N ALA A 410 -18.69 7.90 51.43
CA ALA A 410 -19.71 7.23 52.23
C ALA A 410 -20.41 6.10 51.47
N GLY A 411 -19.80 5.59 50.40
CA GLY A 411 -20.41 4.53 49.65
C GLY A 411 -21.57 4.94 48.79
N ASN A 412 -21.85 6.24 48.69
CA ASN A 412 -23.01 6.75 47.96
C ASN A 412 -22.63 7.68 46.82
N ARG A 413 -21.74 8.64 47.07
CA ARG A 413 -21.36 9.64 46.09
C ARG A 413 -19.90 9.44 45.69
N GLY A 414 -19.63 9.48 44.40
CA GLY A 414 -18.30 9.31 43.87
C GLY A 414 -17.79 10.62 43.27
N ILE A 415 -16.48 10.79 43.28
CA ILE A 415 -15.84 11.97 42.70
C ILE A 415 -14.72 11.52 41.78
N ALA A 416 -14.39 12.40 40.84
CA ALA A 416 -13.31 12.20 39.90
C ALA A 416 -12.39 13.42 39.91
N PRO A 417 -11.08 13.23 39.80
CA PRO A 417 -10.16 14.37 39.89
C PRO A 417 -10.21 15.22 38.62
N LYS A 418 -10.45 16.51 38.79
CA LYS A 418 -10.58 17.41 37.66
C LYS A 418 -9.19 17.89 37.25
N SER A 419 -8.69 17.36 36.13
CA SER A 419 -7.37 17.69 35.61
C SER A 419 -6.28 17.42 36.64
N GLY A 420 -6.34 16.23 37.23
CA GLY A 420 -5.38 15.88 38.26
C GLY A 420 -5.59 14.48 38.75
N TYR A 421 -4.96 14.20 39.89
CA TYR A 421 -4.93 12.86 40.46
C TYR A 421 -5.39 12.89 41.91
N PHE A 422 -5.96 11.78 42.34
CA PHE A 422 -6.26 11.55 43.76
C PHE A 422 -5.14 10.70 44.35
N VAL A 423 -4.34 11.29 45.22
CA VAL A 423 -3.14 10.65 45.75
C VAL A 423 -3.31 10.41 47.25
N ASN A 424 -3.03 9.20 47.69
CA ASN A 424 -3.08 8.84 49.09
C ASN A 424 -1.76 9.24 49.75
N VAL A 425 -1.76 10.37 50.44
CA VAL A 425 -0.57 10.92 51.07
C VAL A 425 -0.82 10.95 52.58
N ASN A 426 0.09 10.34 53.34
CA ASN A 426 -0.05 10.24 54.80
C ASN A 426 -1.38 9.62 55.20
N ASN A 427 -1.79 8.60 54.45
CA ASN A 427 -3.00 7.82 54.72
C ASN A 427 -4.27 8.67 54.67
N THR A 428 -4.23 9.80 53.98
CA THR A 428 -5.44 10.58 53.70
C THR A 428 -5.45 10.97 52.23
N TRP A 429 -6.65 10.91 51.64
CA TRP A 429 -6.80 11.16 50.21
C TRP A 429 -6.72 12.66 49.94
N MET A 430 -5.82 13.05 49.05
CA MET A 430 -5.64 14.44 48.66
C MET A 430 -5.63 14.53 47.14
N TYR A 431 -5.75 15.75 46.64
CA TYR A 431 -5.76 16.01 45.21
C TYR A 431 -4.45 16.65 44.79
N THR A 432 -3.95 16.27 43.63
CA THR A 432 -2.81 16.94 43.04
C THR A 432 -3.07 17.14 41.55
N GLY A 433 -2.50 18.21 41.01
CA GLY A 433 -2.50 18.38 39.58
C GLY A 433 -1.70 17.29 38.90
N SER A 434 -2.09 16.95 37.68
CA SER A 434 -1.46 15.82 37.00
C SER A 434 -0.05 16.15 36.56
N GLY A 435 0.19 17.40 36.18
CA GLY A 435 1.47 17.79 35.63
C GLY A 435 2.55 18.11 36.63
N TYR A 436 2.21 18.24 37.90
CA TYR A 436 3.18 18.58 38.93
C TYR A 436 2.69 18.01 40.25
N TYR A 437 3.58 17.39 41.01
CA TYR A 437 3.20 16.75 42.26
C TYR A 437 3.14 17.79 43.36
N TYR A 438 1.92 18.20 43.70
CA TYR A 438 1.68 19.15 44.79
C TYR A 438 0.36 18.75 45.42
N PRO A 439 0.38 17.86 46.41
CA PRO A 439 -0.87 17.42 47.03
C PRO A 439 -1.57 18.57 47.73
N GLU A 440 -2.90 18.53 47.70
CA GLU A 440 -3.70 19.58 48.28
C GLU A 440 -5.05 18.99 48.67
N PRO A 441 -5.78 19.62 49.60
CA PRO A 441 -7.05 19.06 50.03
C PRO A 441 -8.05 18.95 48.90
N ILE A 442 -8.87 17.92 48.97
CA ILE A 442 -9.94 17.72 48.01
C ILE A 442 -11.04 18.72 48.28
N THR A 443 -11.30 19.61 47.34
CA THR A 443 -12.35 20.61 47.43
C THR A 443 -13.35 20.38 46.30
N GLU A 444 -14.34 21.26 46.21
CA GLU A 444 -15.30 21.16 45.12
C GLU A 444 -14.77 21.76 43.83
N ASN A 445 -13.66 22.50 43.89
CA ASN A 445 -13.10 23.12 42.70
C ASN A 445 -12.15 22.21 41.94
N ASN A 446 -11.71 21.11 42.54
CA ASN A 446 -10.77 20.21 41.88
C ASN A 446 -11.32 18.80 41.71
N VAL A 447 -12.63 18.61 41.86
CA VAL A 447 -13.25 17.31 41.66
C VAL A 447 -14.49 17.48 40.79
N VAL A 448 -14.92 16.36 40.22
CA VAL A 448 -16.16 16.29 39.45
C VAL A 448 -17.06 15.25 40.11
N VAL A 449 -18.31 15.61 40.33
CA VAL A 449 -19.25 14.76 41.04
C VAL A 449 -19.77 13.70 40.09
N MET A 450 -19.62 12.43 40.47
CA MET A 450 -20.15 11.30 39.73
C MET A 450 -21.50 10.92 40.29
N SER A 451 -22.43 10.54 39.42
CA SER A 451 -23.75 10.14 39.88
C SER A 451 -23.67 8.91 40.78
N THR A 452 -22.83 7.94 40.41
CA THR A 452 -22.52 6.81 41.28
C THR A 452 -21.03 6.56 41.25
N CYS A 453 -20.53 5.90 42.29
CA CYS A 453 -19.13 5.54 42.36
C CYS A 453 -18.88 4.11 41.86
N ALA A 454 -19.78 3.57 41.04
CA ALA A 454 -19.56 2.30 40.36
C ALA A 454 -18.90 2.58 39.00
N VAL A 455 -17.91 1.77 38.66
CA VAL A 455 -17.18 1.94 37.41
C VAL A 455 -17.96 1.30 36.27
N ASN A 456 -18.07 2.02 35.16
CA ASN A 456 -18.68 1.48 33.94
C ASN A 456 -17.59 0.88 33.09
N TYR A 457 -17.47 -0.45 33.10
CA TYR A 457 -16.43 -1.14 32.36
C TYR A 457 -16.81 -1.29 30.90
N THR A 458 -15.82 -1.16 30.02
CA THR A 458 -16.03 -1.24 28.59
C THR A 458 -14.82 -1.91 27.97
N LYS A 459 -15.07 -2.74 26.96
CA LYS A 459 -14.02 -3.39 26.20
C LYS A 459 -14.13 -2.92 24.75
N ALA A 460 -13.12 -2.21 24.27
CA ALA A 460 -13.11 -1.82 22.88
C ALA A 460 -12.94 -3.05 21.99
N PRO A 461 -13.45 -3.02 20.76
CA PRO A 461 -13.34 -4.19 19.88
C PRO A 461 -11.89 -4.57 19.63
N TYR A 462 -11.64 -5.87 19.57
CA TYR A 462 -10.30 -6.40 19.32
C TYR A 462 -10.06 -6.47 17.82
N VAL A 463 -9.06 -5.73 17.35
CA VAL A 463 -8.74 -5.65 15.93
C VAL A 463 -7.28 -6.04 15.74
N MET A 464 -7.05 -7.09 14.98
CA MET A 464 -5.72 -7.52 14.58
C MET A 464 -5.72 -7.68 13.07
N LEU A 465 -4.78 -7.03 12.40
CA LEU A 465 -4.67 -7.15 10.95
C LEU A 465 -4.04 -8.49 10.59
N ASN A 466 -4.83 -9.36 9.97
CA ASN A 466 -4.36 -10.66 9.50
C ASN A 466 -4.76 -10.78 8.03
N THR A 467 -3.79 -10.65 7.13
CA THR A 467 -4.07 -10.75 5.70
C THR A 467 -4.48 -12.17 5.36
N SER A 468 -5.60 -12.29 4.65
CA SER A 468 -6.19 -13.60 4.34
C SER A 468 -5.49 -14.21 3.14
N ILE A 469 -5.17 -15.50 3.25
CA ILE A 469 -4.50 -16.21 2.15
C ILE A 469 -5.53 -16.51 1.06
N PRO A 470 -5.20 -16.34 -0.22
CA PRO A 470 -6.17 -16.56 -1.28
C PRO A 470 -6.57 -18.02 -1.41
N ASN A 471 -7.67 -18.24 -2.13
CA ASN A 471 -8.21 -19.59 -2.29
C ASN A 471 -7.31 -20.44 -3.19
N LEU A 472 -7.15 -20.04 -4.46
CA LEU A 472 -6.18 -20.65 -5.37
C LEU A 472 -6.29 -22.18 -5.45
N PRO A 473 -7.23 -22.70 -6.24
CA PRO A 473 -7.45 -24.16 -6.28
C PRO A 473 -6.19 -24.93 -6.66
N ASP A 474 -6.30 -26.26 -6.57
CA ASP A 474 -5.18 -27.12 -6.91
C ASP A 474 -4.73 -26.88 -8.35
N PHE A 475 -3.41 -26.82 -8.55
CA PHE A 475 -2.88 -26.44 -9.85
C PHE A 475 -3.26 -27.45 -10.91
N LYS A 476 -3.05 -28.75 -10.64
CA LYS A 476 -3.31 -29.76 -11.66
C LYS A 476 -4.79 -29.85 -11.98
N GLU A 477 -5.66 -29.76 -10.97
CA GLU A 477 -7.09 -29.83 -11.23
C GLU A 477 -7.56 -28.65 -12.08
N GLU A 478 -7.05 -27.45 -11.81
CA GLU A 478 -7.45 -26.30 -12.61
C GLU A 478 -6.88 -26.38 -14.03
N LEU A 479 -5.62 -26.79 -14.15
CA LEU A 479 -5.00 -26.93 -15.47
C LEU A 479 -5.72 -27.98 -16.31
N ASP A 480 -6.22 -29.04 -15.68
CA ASP A 480 -6.87 -30.13 -16.40
C ASP A 480 -8.17 -29.70 -17.09
N GLN A 481 -8.71 -28.54 -16.76
CA GLN A 481 -9.88 -28.05 -17.49
C GLN A 481 -9.57 -27.75 -18.94
N TRP A 482 -8.33 -27.44 -19.26
CA TRP A 482 -7.97 -27.05 -20.61
C TRP A 482 -6.65 -27.66 -21.08
N PHE A 483 -6.04 -28.53 -20.28
CA PHE A 483 -4.73 -29.06 -20.62
C PHE A 483 -4.86 -30.09 -21.74
N LYS A 484 -4.24 -29.81 -22.88
CA LYS A 484 -4.18 -30.75 -24.00
C LYS A 484 -2.80 -31.40 -23.98
N ASN A 485 -2.71 -32.51 -23.26
CA ASN A 485 -1.47 -33.29 -23.22
C ASN A 485 -1.56 -34.34 -24.32
N GLN A 486 -0.96 -34.06 -25.46
CA GLN A 486 -1.00 -34.94 -26.61
C GLN A 486 0.35 -35.63 -26.76
N THR A 487 0.31 -36.87 -27.26
CA THR A 487 1.52 -37.61 -27.61
C THR A 487 1.46 -37.83 -29.11
N SER A 488 2.00 -36.86 -29.85
CA SER A 488 2.03 -36.95 -31.30
C SER A 488 2.98 -38.05 -31.75
N VAL A 489 2.54 -38.84 -32.72
CA VAL A 489 3.30 -39.98 -33.22
C VAL A 489 3.61 -39.74 -34.69
N ALA A 490 4.89 -39.79 -35.04
CA ALA A 490 5.28 -39.61 -36.43
C ALA A 490 4.73 -40.75 -37.28
N PRO A 491 4.35 -40.47 -38.52
CA PRO A 491 3.88 -41.56 -39.40
C PRO A 491 4.99 -42.53 -39.71
N ASP A 492 4.59 -43.78 -39.96
CA ASP A 492 5.52 -44.83 -40.36
C ASP A 492 5.67 -44.78 -41.88
N LEU A 493 6.89 -44.53 -42.35
CA LEU A 493 7.16 -44.33 -43.77
C LEU A 493 7.97 -45.52 -44.29
N SER A 494 7.25 -46.58 -44.68
CA SER A 494 7.84 -47.77 -45.27
C SER A 494 9.04 -48.30 -44.47
N ASP B 21 15.94 42.47 36.42
CA ASP B 21 16.13 41.70 37.64
C ASP B 21 17.04 40.50 37.39
N SER B 22 18.04 40.72 36.52
CA SER B 22 18.99 39.68 36.13
C SER B 22 18.29 38.46 35.55
N LEU B 23 17.20 38.68 34.82
CA LEU B 23 16.54 37.60 34.08
C LEU B 23 17.19 37.50 32.71
N GLU B 24 17.81 36.36 32.44
CA GLU B 24 18.47 36.14 31.16
C GLU B 24 17.68 35.14 30.33
N PRO B 25 17.67 35.30 29.01
CA PRO B 25 17.00 34.31 28.15
C PRO B 25 17.62 32.93 28.30
N VAL B 26 16.76 31.91 28.30
CA VAL B 26 17.18 30.52 28.34
C VAL B 26 16.61 29.83 27.10
N GLY B 27 17.50 29.39 26.22
CA GLY B 27 17.10 28.77 24.97
C GLY B 27 17.17 29.67 23.76
N GLY B 28 17.55 30.93 23.92
CA GLY B 28 17.65 31.86 22.82
C GLY B 28 16.50 32.84 22.78
N LEU B 29 16.48 33.63 21.72
CA LEU B 29 15.48 34.68 21.52
C LEU B 29 14.84 34.51 20.15
N TYR B 30 13.52 34.40 20.13
CA TYR B 30 12.78 34.09 18.91
C TYR B 30 11.61 35.05 18.76
N GLU B 31 11.41 35.54 17.54
CA GLU B 31 10.31 36.44 17.22
C GLU B 31 9.15 35.58 16.73
N ILE B 32 8.06 35.54 17.51
CA ILE B 32 6.89 34.78 17.14
C ILE B 32 5.63 35.60 17.37
N GLN B 33 4.57 35.21 16.68
CA GLN B 33 3.33 35.98 16.62
C GLN B 33 2.36 35.48 17.67
N ILE B 34 1.84 36.39 18.48
CA ILE B 34 0.86 36.10 19.51
C ILE B 34 -0.43 36.81 19.14
N PRO B 35 -1.57 36.12 19.11
CA PRO B 35 -2.80 36.76 18.65
C PRO B 35 -3.18 37.96 19.50
N SER B 36 -3.71 38.98 18.83
CA SER B 36 -4.25 40.16 19.50
C SER B 36 -5.66 40.50 19.09
N GLU B 37 -6.17 39.95 18.00
CA GLU B 37 -7.51 40.22 17.51
C GLU B 37 -8.05 38.95 16.89
N PHE B 38 -9.32 38.65 17.16
CA PHE B 38 -9.93 37.43 16.65
C PHE B 38 -11.24 37.76 15.95
N THR B 39 -11.67 36.85 15.08
CA THR B 39 -12.99 36.87 14.50
C THR B 39 -13.58 35.46 14.54
N ILE B 40 -14.91 35.39 14.50
CA ILE B 40 -15.58 34.10 14.49
C ILE B 40 -15.50 33.51 13.09
N GLY B 41 -15.10 32.24 13.02
CA GLY B 41 -14.91 31.57 11.76
C GLY B 41 -15.88 30.41 11.60
N ASN B 42 -16.17 30.08 10.34
CA ASN B 42 -16.98 28.92 9.99
C ASN B 42 -16.25 28.18 8.88
N MET B 43 -15.72 27.00 9.19
CA MET B 43 -15.03 26.18 8.21
C MET B 43 -15.89 24.97 7.91
N GLU B 44 -16.20 24.77 6.64
CA GLU B 44 -16.95 23.61 6.17
C GLU B 44 -15.98 22.67 5.48
N GLU B 45 -15.99 21.41 5.89
CA GLU B 45 -14.95 20.45 5.54
C GLU B 45 -15.56 19.10 5.22
N PHE B 46 -15.03 18.45 4.19
CA PHE B 46 -15.35 17.07 3.87
C PHE B 46 -14.14 16.20 4.21
N ILE B 47 -14.39 15.10 4.89
CA ILE B 47 -13.38 14.07 5.11
C ILE B 47 -13.94 12.76 4.58
N GLN B 48 -13.22 12.15 3.66
CA GLN B 48 -13.66 10.88 3.09
C GLN B 48 -13.46 9.76 4.10
N THR B 49 -14.47 8.91 4.24
CA THR B 49 -14.40 7.79 5.15
C THR B 49 -14.63 6.43 4.48
N SER B 50 -14.92 6.40 3.19
CA SER B 50 -15.14 5.14 2.51
C SER B 50 -14.96 5.33 1.02
N SER B 51 -14.99 4.23 0.28
CA SER B 51 -14.89 4.19 -1.16
C SER B 51 -16.06 3.41 -1.74
N PRO B 52 -16.41 3.66 -3.00
CA PRO B 52 -17.33 2.76 -3.69
C PRO B 52 -16.69 1.40 -3.89
N LYS B 53 -17.54 0.39 -4.03
CA LYS B 53 -17.05 -0.97 -4.26
C LYS B 53 -16.37 -1.04 -5.62
N VAL B 54 -15.13 -1.51 -5.63
CA VAL B 54 -14.32 -1.58 -6.84
C VAL B 54 -13.92 -3.03 -7.07
N THR B 55 -14.24 -3.55 -8.25
CA THR B 55 -13.72 -4.82 -8.71
C THR B 55 -13.11 -4.63 -10.09
N ILE B 56 -12.43 -5.66 -10.57
CA ILE B 56 -11.75 -5.63 -11.84
C ILE B 56 -12.39 -6.66 -12.76
N ASP B 57 -12.71 -6.24 -13.98
CA ASP B 57 -13.01 -7.15 -15.08
C ASP B 57 -11.69 -7.40 -15.79
N CYS B 58 -10.98 -8.44 -15.35
CA CYS B 58 -9.61 -8.64 -15.82
C CYS B 58 -9.57 -8.97 -17.31
N ALA B 59 -10.59 -9.68 -17.80
CA ALA B 59 -10.67 -9.94 -19.23
C ALA B 59 -10.86 -8.65 -20.02
N ALA B 60 -11.69 -7.75 -19.51
CA ALA B 60 -11.89 -6.46 -20.14
C ALA B 60 -10.74 -5.51 -19.90
N PHE B 61 -10.09 -5.61 -18.73
CA PHE B 61 -8.92 -4.77 -18.46
C PHE B 61 -7.78 -5.12 -19.39
N VAL B 62 -7.51 -6.41 -19.59
CA VAL B 62 -6.35 -6.84 -20.35
C VAL B 62 -6.65 -6.89 -21.83
N CYS B 63 -7.74 -7.54 -22.21
CA CYS B 63 -8.03 -7.80 -23.61
C CYS B 63 -8.98 -6.79 -24.24
N GLY B 64 -9.73 -6.06 -23.44
CA GLY B 64 -10.82 -5.27 -24.01
C GLY B 64 -11.90 -6.22 -24.52
N ASP B 65 -12.25 -6.05 -25.80
CA ASP B 65 -13.20 -6.92 -26.46
C ASP B 65 -12.55 -7.92 -27.41
N TYR B 66 -11.23 -7.92 -27.51
CA TYR B 66 -10.51 -8.80 -28.42
C TYR B 66 -10.71 -10.25 -28.00
N ALA B 67 -11.40 -11.03 -28.84
CA ALA B 67 -11.83 -12.36 -28.45
C ALA B 67 -10.68 -13.37 -28.49
N ALA B 68 -9.67 -13.12 -29.33
CA ALA B 68 -8.52 -14.01 -29.36
C ALA B 68 -7.69 -13.90 -28.09
N CYS B 69 -7.69 -12.73 -27.46
CA CYS B 69 -7.02 -12.56 -26.19
C CYS B 69 -7.82 -13.15 -25.04
N LYS B 70 -9.15 -13.05 -25.11
CA LYS B 70 -9.99 -13.57 -24.05
C LYS B 70 -10.06 -15.09 -24.06
N LEU B 71 -9.88 -15.70 -25.23
CA LEU B 71 -9.78 -17.17 -25.29
C LEU B 71 -8.50 -17.64 -24.62
N GLN B 72 -7.40 -16.93 -24.84
CA GLN B 72 -6.12 -17.34 -24.27
C GLN B 72 -6.03 -16.99 -22.79
N LEU B 73 -6.76 -15.97 -22.35
CA LEU B 73 -6.72 -15.54 -20.96
C LEU B 73 -7.48 -16.49 -20.05
N VAL B 74 -8.37 -17.32 -20.60
CA VAL B 74 -9.10 -18.29 -19.79
C VAL B 74 -8.13 -19.30 -19.18
N GLU B 75 -7.07 -19.63 -19.92
CA GLU B 75 -6.07 -20.58 -19.46
C GLU B 75 -5.15 -20.02 -18.40
N TYR B 76 -5.28 -18.75 -18.05
CA TYR B 76 -4.50 -18.15 -16.99
C TYR B 76 -5.08 -18.40 -15.61
N GLY B 77 -6.24 -19.06 -15.52
CA GLY B 77 -6.82 -19.40 -14.25
C GLY B 77 -7.75 -18.34 -13.70
N SER B 78 -8.18 -18.57 -12.47
CA SER B 78 -9.13 -17.68 -11.78
C SER B 78 -8.41 -16.66 -10.90
N PHE B 79 -7.46 -15.92 -11.49
CA PHE B 79 -6.76 -14.91 -10.72
C PHE B 79 -7.63 -13.70 -10.45
N CYS B 80 -8.59 -13.41 -11.33
CA CYS B 80 -9.49 -12.28 -11.10
C CYS B 80 -10.33 -12.49 -9.85
N ASP B 81 -10.82 -13.71 -9.64
CA ASP B 81 -11.56 -14.00 -8.41
C ASP B 81 -10.69 -13.78 -7.18
N ASN B 82 -9.42 -14.11 -7.27
CA ASN B 82 -8.51 -13.84 -6.17
C ASN B 82 -8.25 -12.34 -6.01
N ILE B 83 -7.97 -11.66 -7.11
CA ILE B 83 -7.70 -10.22 -7.04
C ILE B 83 -8.91 -9.48 -6.53
N ASN B 84 -10.10 -9.82 -7.03
CA ASN B 84 -11.31 -9.11 -6.64
C ASN B 84 -11.70 -9.37 -5.20
N ALA B 85 -11.36 -10.54 -4.66
CA ALA B 85 -11.57 -10.80 -3.25
C ALA B 85 -10.59 -10.04 -2.38
N ILE B 86 -9.41 -9.71 -2.92
CA ILE B 86 -8.48 -8.84 -2.23
C ILE B 86 -8.97 -7.39 -2.27
N LEU B 87 -9.50 -6.96 -3.42
CA LEU B 87 -10.00 -5.60 -3.55
C LEU B 87 -11.22 -5.38 -2.65
N THR B 88 -12.10 -6.36 -2.56
CA THR B 88 -13.30 -6.23 -1.76
C THR B 88 -13.11 -6.63 -0.30
N GLU B 89 -11.92 -7.14 0.05
CA GLU B 89 -11.57 -7.45 1.43
C GLU B 89 -12.56 -8.45 2.04
N VAL B 90 -12.69 -9.60 1.40
CA VAL B 90 -13.59 -10.64 1.86
C VAL B 90 -13.03 -11.30 3.12
N ASN B 281 11.05 -56.38 -63.39
CA ASN B 281 11.38 -55.31 -62.46
C ASN B 281 10.72 -54.01 -62.86
N ALA B 282 9.72 -54.10 -63.74
CA ALA B 282 8.90 -52.96 -64.12
C ALA B 282 7.65 -52.82 -63.27
N GLU B 283 7.03 -53.95 -62.91
CA GLU B 283 5.89 -53.91 -62.02
C GLU B 283 6.27 -53.38 -60.64
N ALA B 284 7.46 -53.75 -60.16
CA ALA B 284 7.92 -53.26 -58.86
C ALA B 284 8.16 -51.76 -58.89
N LEU B 285 8.70 -51.24 -60.00
CA LEU B 285 8.97 -49.81 -60.10
C LEU B 285 7.67 -49.00 -60.04
N ASN B 286 6.63 -49.48 -60.72
CA ASN B 286 5.32 -48.83 -60.61
C ASN B 286 4.78 -48.95 -59.20
N ASN B 287 5.01 -50.09 -58.54
CA ASN B 287 4.62 -50.24 -57.15
C ASN B 287 5.40 -49.29 -56.26
N LEU B 288 6.68 -49.08 -56.56
CA LEU B 288 7.47 -48.09 -55.82
C LEU B 288 6.93 -46.68 -56.04
N LEU B 289 6.54 -46.35 -57.28
CA LEU B 289 5.99 -45.03 -57.54
C LEU B 289 4.68 -44.82 -56.81
N GLN B 290 3.87 -45.87 -56.67
CA GLN B 290 2.65 -45.76 -55.89
C GLN B 290 2.97 -45.53 -54.42
N GLN B 291 3.95 -46.25 -53.88
CA GLN B 291 4.31 -46.08 -52.47
C GLN B 291 4.94 -44.71 -52.22
N LEU B 292 5.79 -44.25 -53.14
CA LEU B 292 6.44 -42.95 -52.95
C LEU B 292 5.42 -41.81 -52.97
N SER B 293 4.34 -41.95 -53.74
CA SER B 293 3.31 -40.93 -53.75
C SER B 293 2.57 -40.88 -52.41
N ASN B 294 2.39 -42.03 -51.77
CA ASN B 294 1.76 -42.05 -50.45
C ASN B 294 2.72 -41.58 -49.35
N ARG B 295 3.99 -41.98 -49.42
CA ARG B 295 4.95 -41.55 -48.41
C ARG B 295 5.13 -40.05 -48.46
N PHE B 296 5.30 -39.48 -49.65
CA PHE B 296 5.42 -38.03 -49.75
C PHE B 296 4.10 -37.34 -49.45
N GLY B 297 2.97 -38.04 -49.64
CA GLY B 297 1.71 -37.49 -49.19
C GLY B 297 1.61 -37.43 -47.68
N ALA B 298 2.10 -38.45 -46.98
CA ALA B 298 2.07 -38.45 -45.53
C ALA B 298 3.09 -37.50 -44.95
N ILE B 299 4.25 -37.36 -45.60
CA ILE B 299 5.26 -36.40 -45.14
C ILE B 299 4.77 -34.98 -45.32
N SER B 300 4.19 -34.68 -46.49
CA SER B 300 3.69 -33.34 -46.74
C SER B 300 2.52 -33.00 -45.84
N ALA B 301 1.67 -33.99 -45.55
CA ALA B 301 0.58 -33.77 -44.59
C ALA B 301 1.14 -33.50 -43.20
N SER B 302 2.15 -34.26 -42.80
CA SER B 302 2.72 -34.11 -41.46
C SER B 302 3.40 -32.75 -41.31
N LEU B 303 4.19 -32.36 -42.32
CA LEU B 303 4.85 -31.06 -42.26
C LEU B 303 3.84 -29.93 -42.18
N GLN B 304 2.70 -30.08 -42.85
CA GLN B 304 1.65 -29.08 -42.77
C GLN B 304 1.07 -29.00 -41.37
N GLU B 305 0.82 -30.14 -40.73
CA GLU B 305 0.32 -30.14 -39.36
C GLU B 305 1.36 -29.57 -38.41
N ILE B 306 2.64 -29.88 -38.64
CA ILE B 306 3.71 -29.29 -37.85
C ILE B 306 3.76 -27.78 -38.06
N LEU B 307 3.69 -27.34 -39.31
CA LEU B 307 3.79 -25.91 -39.61
C LEU B 307 2.58 -25.15 -39.09
N SER B 308 1.41 -25.78 -39.07
CA SER B 308 0.24 -25.11 -38.51
C SER B 308 0.38 -24.95 -37.00
N ARG B 309 0.95 -25.96 -36.32
CA ARG B 309 1.18 -25.88 -34.89
C ARG B 309 2.36 -24.98 -34.54
N LEU B 310 3.29 -24.77 -35.47
CA LEU B 310 4.35 -23.80 -35.24
C LEU B 310 3.83 -22.37 -35.33
N ASP B 311 2.98 -22.08 -36.32
CA ASP B 311 2.37 -20.76 -36.43
C ASP B 311 1.47 -20.48 -35.24
N ALA B 312 0.73 -21.48 -34.79
CA ALA B 312 -0.14 -21.30 -33.63
C ALA B 312 0.68 -20.99 -32.39
N LEU B 313 1.80 -21.70 -32.20
CA LEU B 313 2.61 -21.50 -31.01
C LEU B 313 3.26 -20.13 -30.98
N GLU B 314 3.61 -19.60 -32.16
CA GLU B 314 4.23 -18.29 -32.23
C GLU B 314 3.21 -17.18 -31.99
N ALA B 315 2.00 -17.34 -32.50
CA ALA B 315 0.95 -16.36 -32.24
C ALA B 315 0.56 -16.36 -30.77
N GLU B 316 0.42 -17.54 -30.18
CA GLU B 316 0.07 -17.62 -28.76
C GLU B 316 1.16 -17.01 -27.90
N ALA B 317 2.42 -17.24 -28.26
CA ALA B 317 3.53 -16.67 -27.49
C ALA B 317 3.51 -15.16 -27.54
N GLN B 318 3.20 -14.57 -28.69
CA GLN B 318 3.13 -13.12 -28.81
C GLN B 318 1.93 -12.56 -28.06
N ILE B 319 0.83 -13.31 -28.03
CA ILE B 319 -0.32 -12.89 -27.25
C ILE B 319 -0.01 -12.98 -25.76
N ASP B 320 0.72 -14.02 -25.35
CA ASP B 320 1.07 -14.15 -23.95
C ASP B 320 1.97 -13.03 -23.47
N ARG B 321 2.79 -12.47 -24.36
CA ARG B 321 3.67 -11.38 -23.96
C ARG B 321 2.89 -10.09 -23.73
N LEU B 322 1.91 -9.80 -24.58
CA LEU B 322 1.07 -8.63 -24.32
C LEU B 322 0.11 -8.88 -23.16
N ILE B 323 -0.31 -10.13 -22.98
CA ILE B 323 -1.13 -10.47 -21.82
C ILE B 323 -0.34 -10.29 -20.53
N ASN B 324 0.89 -10.79 -20.52
CA ASN B 324 1.73 -10.71 -19.33
C ASN B 324 2.12 -9.27 -19.03
N GLY B 325 2.40 -8.47 -20.05
CA GLY B 325 2.71 -7.07 -19.83
C GLY B 325 1.53 -6.31 -19.26
N ARG B 326 0.32 -6.63 -19.71
CA ARG B 326 -0.88 -5.98 -19.21
C ARG B 326 -1.35 -6.53 -17.88
N LEU B 327 -0.85 -7.69 -17.46
CA LEU B 327 -1.08 -8.15 -16.10
C LEU B 327 -0.10 -7.51 -15.12
N THR B 328 1.03 -7.03 -15.61
CA THR B 328 1.93 -6.23 -14.79
C THR B 328 1.37 -4.83 -14.58
N ALA B 329 0.70 -4.28 -15.60
CA ALA B 329 -0.01 -3.02 -15.43
C ALA B 329 -1.26 -3.19 -14.58
N LEU B 330 -1.87 -4.38 -14.65
CA LEU B 330 -2.98 -4.70 -13.75
C LEU B 330 -2.52 -4.76 -12.31
N ASN B 331 -1.38 -5.39 -12.06
CA ASN B 331 -0.90 -5.53 -10.69
C ASN B 331 -0.48 -4.18 -10.12
N ALA B 332 -0.01 -3.28 -10.98
CA ALA B 332 0.32 -1.94 -10.54
C ALA B 332 -0.94 -1.18 -10.14
N TYR B 333 -2.04 -1.37 -10.87
CA TYR B 333 -3.30 -0.73 -10.51
C TYR B 333 -3.88 -1.33 -9.24
N VAL B 334 -3.76 -2.64 -9.06
CA VAL B 334 -4.24 -3.26 -7.84
C VAL B 334 -3.48 -2.74 -6.63
N SER B 335 -2.17 -2.59 -6.77
CA SER B 335 -1.37 -2.05 -5.67
C SER B 335 -1.65 -0.57 -5.46
N GLN B 336 -2.02 0.16 -6.52
CA GLN B 336 -2.42 1.54 -6.35
C GLN B 336 -3.79 1.64 -5.68
N GLN B 337 -4.71 0.76 -6.05
CA GLN B 337 -6.03 0.76 -5.44
C GLN B 337 -5.97 0.31 -3.99
N LEU B 338 -5.04 -0.58 -3.66
CA LEU B 338 -4.82 -0.96 -2.28
C LEU B 338 -4.08 0.10 -1.48
N SER B 339 -3.38 1.00 -2.17
CA SER B 339 -2.71 2.10 -1.48
C SER B 339 -3.63 3.29 -1.28
N ASP B 340 -4.61 3.48 -2.16
CA ASP B 340 -5.69 4.41 -1.87
C ASP B 340 -6.64 3.86 -0.83
N SER B 341 -6.77 2.54 -0.75
CA SER B 341 -7.61 1.91 0.26
C SER B 341 -7.09 2.20 1.66
N THR B 342 -5.76 2.15 1.84
CA THR B 342 -5.21 2.45 3.15
C THR B 342 -5.21 3.95 3.44
N LEU B 343 -5.08 4.77 2.41
CA LEU B 343 -5.13 6.22 2.62
C LEU B 343 -6.54 6.68 2.94
N VAL B 344 -7.56 6.00 2.41
CA VAL B 344 -8.93 6.29 2.82
C VAL B 344 -9.16 5.84 4.25
N LYS B 345 -8.60 4.68 4.64
CA LYS B 345 -8.73 4.23 6.02
C LYS B 345 -8.04 5.20 6.96
N PHE B 346 -6.89 5.72 6.57
CA PHE B 346 -6.22 6.77 7.35
C PHE B 346 -7.10 8.01 7.43
N SER B 347 -7.75 8.37 6.33
CA SER B 347 -8.67 9.50 6.32
C SER B 347 -9.95 9.20 7.11
N ALA B 348 -10.35 7.93 7.17
CA ALA B 348 -11.50 7.55 8.00
C ALA B 348 -11.18 7.65 9.48
N ALA B 349 -9.93 7.42 9.86
CA ALA B 349 -9.55 7.56 11.26
C ALA B 349 -9.43 9.02 11.66
N GLN B 350 -9.08 9.89 10.70
CA GLN B 350 -9.01 11.31 10.99
C GLN B 350 -10.38 11.94 11.12
N ALA B 351 -11.37 11.40 10.41
CA ALA B 351 -12.74 11.88 10.56
C ALA B 351 -13.35 11.41 11.87
N MET B 352 -12.97 10.22 12.33
CA MET B 352 -13.49 9.76 13.62
C MET B 352 -12.81 10.48 14.78
N GLU B 353 -11.58 10.95 14.59
CA GLU B 353 -10.96 11.78 15.61
C GLU B 353 -11.62 13.15 15.70
N LYS B 354 -12.12 13.68 14.58
CA LYS B 354 -12.84 14.94 14.61
C LYS B 354 -14.25 14.78 15.13
N VAL B 355 -14.87 13.62 14.98
CA VAL B 355 -16.17 13.42 15.60
C VAL B 355 -16.03 13.34 17.11
N ASN B 356 -15.03 12.60 17.59
CA ASN B 356 -14.84 12.40 19.02
C ASN B 356 -14.41 13.66 19.73
N GLU B 357 -13.58 14.48 19.08
CA GLU B 357 -12.94 15.61 19.73
C GLU B 357 -13.45 16.97 19.27
N CYS B 358 -14.17 17.04 18.16
CA CYS B 358 -14.76 18.30 17.72
C CYS B 358 -16.28 18.32 17.77
N VAL B 359 -16.93 17.20 17.52
CA VAL B 359 -18.39 17.14 17.48
C VAL B 359 -18.97 16.61 18.78
N LYS B 360 -18.40 15.54 19.32
CA LYS B 360 -18.89 14.98 20.57
C LYS B 360 -18.27 15.64 21.79
N SER B 361 -17.40 16.63 21.60
CA SER B 361 -16.81 17.37 22.69
C SER B 361 -16.27 18.68 22.11
N GLN B 362 -15.70 19.51 22.96
CA GLN B 362 -15.03 20.72 22.52
C GLN B 362 -13.53 20.55 22.68
N SER B 363 -12.80 20.77 21.60
CA SER B 363 -11.37 20.55 21.60
C SER B 363 -10.63 21.74 22.21
N SER B 364 -9.66 21.44 23.05
CA SER B 364 -8.70 22.43 23.52
C SER B 364 -7.52 22.55 22.59
N ARG B 365 -7.52 21.80 21.49
CA ARG B 365 -6.45 21.85 20.52
C ARG B 365 -6.70 22.98 19.52
N ILE B 366 -5.73 23.85 19.37
CA ILE B 366 -5.85 24.99 18.46
C ILE B 366 -5.46 24.51 17.07
N ASN B 367 -6.17 25.03 16.06
CA ASN B 367 -5.92 24.68 14.67
C ASN B 367 -6.12 23.18 14.43
N PHE B 368 -7.15 22.60 15.06
CA PHE B 368 -7.53 21.22 14.82
C PHE B 368 -8.91 21.12 14.18
N CYS B 369 -9.94 21.64 14.83
CA CYS B 369 -11.29 21.68 14.25
C CYS B 369 -11.41 22.96 13.43
N GLY B 370 -10.64 23.01 12.36
CA GLY B 370 -10.52 24.21 11.56
C GLY B 370 -9.29 25.02 11.98
N ASN B 371 -9.49 26.32 12.14
CA ASN B 371 -8.41 27.21 12.54
C ASN B 371 -8.77 27.87 13.87
N GLY B 372 -7.74 28.33 14.57
CA GLY B 372 -8.02 29.06 15.79
C GLY B 372 -8.55 28.18 16.90
N ASN B 373 -9.30 28.79 17.81
CA ASN B 373 -9.76 28.15 19.02
C ASN B 373 -11.17 27.62 18.82
N HIS B 374 -11.35 26.31 19.03
CA HIS B 374 -12.61 25.64 18.74
C HIS B 374 -13.75 26.18 19.60
N ILE B 375 -14.91 26.34 18.98
CA ILE B 375 -16.16 26.60 19.70
C ILE B 375 -17.11 25.41 19.62
N ILE B 376 -17.57 25.07 18.42
CA ILE B 376 -18.56 24.02 18.24
C ILE B 376 -18.43 23.47 16.82
N SER B 377 -18.59 22.16 16.68
CA SER B 377 -18.54 21.51 15.38
C SER B 377 -19.81 20.71 15.15
N LEU B 378 -20.17 20.55 13.89
CA LEU B 378 -21.31 19.74 13.48
C LEU B 378 -20.85 18.83 12.34
N VAL B 379 -21.47 17.66 12.23
CA VAL B 379 -21.13 16.71 11.18
C VAL B 379 -22.40 16.22 10.51
N GLN B 380 -22.33 16.07 9.19
CA GLN B 380 -23.40 15.51 8.39
C GLN B 380 -22.85 14.39 7.52
N ASN B 381 -23.69 13.42 7.20
CA ASN B 381 -23.29 12.40 6.25
C ASN B 381 -23.16 13.00 4.86
N ALA B 382 -22.06 12.72 4.20
CA ALA B 382 -21.84 13.07 2.80
C ALA B 382 -21.46 11.80 2.07
N PRO B 383 -21.76 11.73 0.76
CA PRO B 383 -21.38 10.51 0.01
C PRO B 383 -19.91 10.18 0.12
N TYR B 384 -19.64 9.02 0.74
CA TYR B 384 -18.28 8.47 0.93
C TYR B 384 -17.47 9.30 1.92
N GLY B 385 -18.13 9.83 2.94
CA GLY B 385 -17.41 10.63 3.91
C GLY B 385 -18.36 11.31 4.88
N LEU B 386 -17.79 12.27 5.61
CA LEU B 386 -18.51 13.06 6.60
C LEU B 386 -18.25 14.53 6.31
N TYR B 387 -19.29 15.35 6.46
CA TYR B 387 -19.19 16.77 6.19
C TYR B 387 -19.20 17.54 7.51
N PHE B 388 -18.09 18.21 7.82
CA PHE B 388 -17.93 18.91 9.07
C PHE B 388 -18.17 20.40 8.90
N ILE B 389 -18.76 21.02 9.92
CA ILE B 389 -18.91 22.46 10.00
C ILE B 389 -18.30 22.89 11.32
N HIS B 390 -17.24 23.69 11.27
CA HIS B 390 -16.50 24.08 12.46
C HIS B 390 -16.75 25.55 12.75
N PHE B 391 -17.02 25.86 14.01
CA PHE B 391 -17.11 27.24 14.48
C PHE B 391 -15.97 27.49 15.46
N ASN B 392 -15.27 28.59 15.25
CA ASN B 392 -14.10 28.90 16.07
C ASN B 392 -13.83 30.39 15.96
N TYR B 393 -13.09 30.91 16.93
CA TYR B 393 -12.56 32.27 16.83
C TYR B 393 -11.10 32.18 16.41
N VAL B 394 -10.83 32.62 15.19
CA VAL B 394 -9.51 32.51 14.59
C VAL B 394 -8.79 33.84 14.76
N PRO B 395 -7.48 33.83 15.00
CA PRO B 395 -6.75 35.09 15.09
C PRO B 395 -6.66 35.76 13.73
N THR B 396 -7.02 37.04 13.68
CA THR B 396 -6.90 37.82 12.46
C THR B 396 -5.77 38.82 12.50
N LYS B 397 -5.25 39.15 13.69
CA LYS B 397 -4.12 40.03 13.83
C LYS B 397 -3.20 39.50 14.91
N TYR B 398 -1.90 39.70 14.73
CA TYR B 398 -0.89 39.14 15.61
C TYR B 398 0.07 40.24 16.05
N VAL B 399 0.70 40.00 17.20
CA VAL B 399 1.77 40.85 17.70
C VAL B 399 3.06 40.05 17.60
N THR B 400 4.04 40.59 16.87
CA THR B 400 5.33 39.92 16.72
C THR B 400 6.15 40.24 17.95
N ALA B 401 6.22 39.29 18.86
CA ALA B 401 6.85 39.48 20.16
C ALA B 401 8.17 38.75 20.24
N LYS B 402 9.10 39.29 21.02
CA LYS B 402 10.39 38.68 21.28
C LYS B 402 10.23 37.72 22.45
N VAL B 403 10.45 36.44 22.21
CA VAL B 403 10.14 35.38 23.16
C VAL B 403 11.41 34.62 23.49
N SER B 404 11.61 34.35 24.78
CA SER B 404 12.59 33.37 25.20
C SER B 404 11.88 32.14 25.76
N PRO B 405 12.33 30.94 25.42
CA PRO B 405 11.67 29.73 25.94
C PRO B 405 11.66 29.64 27.45
N GLY B 406 12.68 30.18 28.11
CA GLY B 406 12.70 30.27 29.55
C GLY B 406 13.56 31.44 29.97
N LEU B 407 13.61 31.66 31.28
CA LEU B 407 14.45 32.71 31.83
C LEU B 407 15.25 32.15 33.00
N CYS B 408 16.46 32.69 33.18
CA CYS B 408 17.31 32.30 34.29
C CYS B 408 17.41 33.46 35.27
N ILE B 409 17.36 33.16 36.55
CA ILE B 409 17.46 34.16 37.60
C ILE B 409 18.80 33.98 38.30
N ALA B 410 19.71 34.93 38.11
CA ALA B 410 21.03 34.94 38.73
C ALA B 410 21.87 33.72 38.39
N GLY B 411 21.46 32.94 37.38
CA GLY B 411 22.17 31.75 37.01
C GLY B 411 21.86 30.53 37.84
N ASN B 412 21.02 30.65 38.87
CA ASN B 412 20.74 29.53 39.76
C ASN B 412 19.47 28.77 39.37
N ARG B 413 18.33 29.47 39.34
CA ARG B 413 17.04 28.85 39.08
C ARG B 413 16.44 29.42 37.81
N GLY B 414 16.01 28.52 36.92
CA GLY B 414 15.32 28.91 35.72
C GLY B 414 13.82 28.75 35.85
N ILE B 415 13.08 29.46 34.99
CA ILE B 415 11.63 29.38 34.97
C ILE B 415 11.18 29.11 33.54
N ALA B 416 10.00 28.50 33.42
CA ALA B 416 9.35 28.24 32.16
C ALA B 416 7.93 28.77 32.19
N PRO B 417 7.44 29.34 31.09
CA PRO B 417 6.09 29.95 31.12
C PRO B 417 5.01 28.88 31.14
N LYS B 418 4.06 29.04 32.05
CA LYS B 418 2.98 28.08 32.22
C LYS B 418 1.84 28.45 31.29
N SER B 419 1.70 27.70 30.20
CA SER B 419 0.67 27.94 29.19
C SER B 419 0.75 29.37 28.65
N GLY B 420 1.97 29.79 28.31
CA GLY B 420 2.15 31.13 27.82
C GLY B 420 3.57 31.37 27.35
N TYR B 421 3.89 32.64 27.19
CA TYR B 421 5.15 33.07 26.61
C TYR B 421 5.83 34.09 27.50
N PHE B 422 7.16 34.03 27.54
CA PHE B 422 7.98 35.06 28.17
C PHE B 422 8.34 36.09 27.11
N VAL B 423 7.72 37.26 27.17
CA VAL B 423 7.88 38.30 26.15
C VAL B 423 8.65 39.47 26.74
N ASN B 424 9.69 39.89 26.04
CA ASN B 424 10.50 41.03 26.45
C ASN B 424 9.87 42.29 25.88
N VAL B 425 9.20 43.06 26.74
CA VAL B 425 8.54 44.30 26.34
C VAL B 425 9.07 45.43 27.20
N ASN B 426 9.40 46.56 26.55
CA ASN B 426 9.98 47.72 27.23
C ASN B 426 11.24 47.33 27.99
N ASN B 427 12.00 46.41 27.42
CA ASN B 427 13.28 45.94 27.98
C ASN B 427 13.11 45.34 29.37
N THR B 428 11.93 44.79 29.67
CA THR B 428 11.72 44.01 30.88
C THR B 428 10.96 42.75 30.53
N TRP B 429 11.34 41.65 31.15
CA TRP B 429 10.75 40.35 30.85
C TRP B 429 9.39 40.23 31.53
N MET B 430 8.36 39.95 30.74
CA MET B 430 7.00 39.80 31.22
C MET B 430 6.45 38.45 30.76
N TYR B 431 5.25 38.13 31.21
CA TYR B 431 4.56 36.91 30.83
C TYR B 431 3.29 37.27 30.09
N THR B 432 2.92 36.44 29.11
CA THR B 432 1.65 36.57 28.44
C THR B 432 1.11 35.19 28.15
N GLY B 433 -0.21 35.08 28.09
CA GLY B 433 -0.82 33.85 27.62
C GLY B 433 -0.49 33.61 26.15
N SER B 434 -0.40 32.34 25.79
CA SER B 434 0.00 32.01 24.43
C SER B 434 -1.07 32.39 23.42
N GLY B 435 -2.34 32.27 23.80
CA GLY B 435 -3.43 32.47 22.87
C GLY B 435 -3.84 33.90 22.64
N TYR B 436 -3.39 34.83 23.48
CA TYR B 436 -3.77 36.23 23.35
C TYR B 436 -2.64 37.07 23.92
N TYR B 437 -2.30 38.15 23.23
CA TYR B 437 -1.16 38.98 23.64
C TYR B 437 -1.64 39.99 24.68
N TYR B 438 -1.39 39.66 25.94
CA TYR B 438 -1.68 40.54 27.08
C TYR B 438 -0.53 40.35 28.06
N PRO B 439 0.53 41.16 27.93
CA PRO B 439 1.67 41.01 28.83
C PRO B 439 1.28 41.32 30.26
N GLU B 440 1.92 40.62 31.20
CA GLU B 440 1.63 40.77 32.61
C GLU B 440 2.87 40.40 33.39
N PRO B 441 3.00 40.89 34.63
CA PRO B 441 4.19 40.58 35.43
C PRO B 441 4.35 39.09 35.66
N ILE B 442 5.59 38.65 35.70
CA ILE B 442 5.92 37.26 36.00
C ILE B 442 5.68 37.01 37.47
N THR B 443 4.72 36.15 37.78
CA THR B 443 4.42 35.74 39.15
C THR B 443 4.72 34.25 39.28
N GLU B 444 4.42 33.69 40.45
CA GLU B 444 4.55 32.26 40.66
C GLU B 444 3.37 31.48 40.10
N ASN B 445 2.28 32.18 39.73
CA ASN B 445 1.12 31.50 39.18
C ASN B 445 1.25 31.20 37.71
N ASN B 446 2.12 31.90 36.99
CA ASN B 446 2.24 31.73 35.55
C ASN B 446 3.61 31.24 35.12
N VAL B 447 4.41 30.69 36.04
CA VAL B 447 5.70 30.12 35.69
C VAL B 447 5.84 28.76 36.36
N VAL B 448 6.74 27.95 35.80
CA VAL B 448 7.11 26.67 36.35
C VAL B 448 8.60 26.71 36.66
N VAL B 449 8.95 26.29 37.86
CA VAL B 449 10.33 26.39 38.33
C VAL B 449 11.15 25.24 37.75
N MET B 450 12.23 25.58 37.06
CA MET B 450 13.16 24.61 36.53
C MET B 450 14.29 24.40 37.53
N SER B 451 14.70 23.14 37.71
CA SER B 451 15.78 22.85 38.63
C SER B 451 17.06 23.56 38.24
N THR B 452 17.36 23.59 36.93
CA THR B 452 18.45 24.39 36.41
C THR B 452 17.97 25.07 35.14
N CYS B 453 18.63 26.17 34.78
CA CYS B 453 18.31 26.88 33.55
C CYS B 453 19.24 26.49 32.40
N ALA B 454 19.82 25.29 32.46
CA ALA B 454 20.54 24.74 31.32
C ALA B 454 19.57 23.93 30.45
N VAL B 455 19.63 24.17 29.15
CA VAL B 455 18.73 23.50 28.21
C VAL B 455 19.21 22.08 27.97
N ASN B 456 18.28 21.13 28.00
CA ASN B 456 18.59 19.73 27.69
C ASN B 456 18.33 19.51 26.20
N TYR B 457 19.41 19.53 25.41
CA TYR B 457 19.29 19.39 23.97
C TYR B 457 19.21 17.91 23.59
N THR B 458 18.21 17.57 22.79
CA THR B 458 18.08 16.23 22.25
C THR B 458 17.76 16.33 20.77
N LYS B 459 18.08 15.27 20.02
CA LYS B 459 17.76 15.17 18.62
C LYS B 459 17.03 13.87 18.37
N ALA B 460 15.83 13.95 17.81
CA ALA B 460 15.11 12.75 17.44
C ALA B 460 15.81 12.08 16.26
N PRO B 461 15.73 10.75 16.18
CA PRO B 461 16.42 10.04 15.09
C PRO B 461 15.92 10.46 13.72
N TYR B 462 16.84 10.52 12.77
CA TYR B 462 16.52 10.93 11.41
C TYR B 462 15.93 9.77 10.64
N VAL B 463 14.73 9.94 10.12
CA VAL B 463 14.02 8.90 9.39
C VAL B 463 13.61 9.45 8.03
N MET B 464 14.09 8.81 6.97
CA MET B 464 13.65 9.10 5.61
C MET B 464 13.29 7.78 4.95
N LEU B 465 12.09 7.71 4.37
CA LEU B 465 11.67 6.51 3.65
C LEU B 465 12.38 6.49 2.31
N ASN B 466 13.34 5.57 2.17
CA ASN B 466 14.10 5.38 0.94
C ASN B 466 13.96 3.91 0.56
N THR B 467 13.06 3.62 -0.36
CA THR B 467 12.78 2.24 -0.73
C THR B 467 13.99 1.60 -1.38
N SER B 468 14.37 0.41 -0.89
CA SER B 468 15.54 -0.28 -1.37
C SER B 468 15.27 -0.91 -2.73
N ILE B 469 16.26 -0.82 -3.61
CA ILE B 469 16.11 -1.38 -4.96
C ILE B 469 16.28 -2.89 -4.89
N PRO B 470 15.37 -3.68 -5.45
CA PRO B 470 15.50 -5.14 -5.37
C PRO B 470 16.58 -5.64 -6.29
N ASN B 471 17.81 -5.74 -5.80
CA ASN B 471 18.91 -6.24 -6.61
C ASN B 471 18.58 -7.60 -7.19
N LEU B 472 18.63 -7.70 -8.48
CA LEU B 472 18.42 -8.89 -9.28
C LEU B 472 19.74 -9.35 -9.89
N PRO B 473 19.93 -10.64 -10.09
CA PRO B 473 21.15 -11.12 -10.75
C PRO B 473 21.24 -10.60 -12.17
N ASP B 474 22.42 -10.76 -12.76
CA ASP B 474 22.56 -10.53 -14.19
C ASP B 474 21.61 -11.46 -14.93
N PHE B 475 20.90 -10.90 -15.91
CA PHE B 475 19.89 -11.69 -16.61
C PHE B 475 20.52 -12.88 -17.32
N LYS B 476 21.56 -12.63 -18.12
CA LYS B 476 22.19 -13.71 -18.88
C LYS B 476 22.83 -14.74 -17.96
N GLU B 477 23.47 -14.29 -16.88
CA GLU B 477 24.08 -15.25 -15.96
C GLU B 477 23.05 -16.13 -15.27
N GLU B 478 21.92 -15.55 -14.86
CA GLU B 478 20.87 -16.36 -14.24
C GLU B 478 20.17 -17.24 -15.27
N LEU B 479 19.92 -16.71 -16.47
CA LEU B 479 19.31 -17.51 -17.53
C LEU B 479 20.21 -18.66 -17.93
N ASP B 480 21.53 -18.47 -17.90
CA ASP B 480 22.48 -19.49 -18.33
C ASP B 480 22.51 -20.71 -17.41
N GLN B 481 21.88 -20.64 -16.24
CA GLN B 481 21.82 -21.82 -15.38
C GLN B 481 20.99 -22.93 -16.01
N TRP B 482 20.02 -22.56 -16.83
CA TRP B 482 19.12 -23.53 -17.44
C TRP B 482 18.90 -23.30 -18.93
N PHE B 483 19.51 -22.29 -19.52
CA PHE B 483 19.24 -21.98 -20.92
C PHE B 483 19.76 -23.09 -21.82
N LYS B 484 18.90 -23.55 -22.72
CA LYS B 484 19.23 -24.59 -23.70
C LYS B 484 19.19 -23.92 -25.07
N ASN B 485 20.33 -23.35 -25.49
CA ASN B 485 20.43 -22.72 -26.80
C ASN B 485 20.94 -23.72 -27.84
N GLN B 486 20.19 -24.81 -27.97
CA GLN B 486 20.51 -25.83 -28.95
C GLN B 486 20.36 -25.27 -30.37
N THR B 487 21.19 -25.75 -31.28
CA THR B 487 21.00 -25.53 -32.70
C THR B 487 20.69 -26.86 -33.36
N SER B 488 19.54 -26.93 -34.01
CA SER B 488 19.04 -28.17 -34.58
C SER B 488 19.34 -28.20 -36.07
N VAL B 489 19.91 -29.30 -36.53
CA VAL B 489 20.32 -29.47 -37.92
C VAL B 489 19.47 -30.57 -38.53
N ALA B 490 18.80 -30.25 -39.63
CA ALA B 490 18.01 -31.26 -40.33
C ALA B 490 18.92 -32.34 -40.88
N PRO B 491 18.43 -33.58 -40.95
CA PRO B 491 19.25 -34.65 -41.51
C PRO B 491 19.54 -34.41 -42.99
N ASP B 492 20.69 -34.89 -43.43
CA ASP B 492 21.05 -34.82 -44.85
C ASP B 492 20.38 -35.98 -45.58
N LEU B 493 19.60 -35.67 -46.61
CA LEU B 493 18.80 -36.66 -47.30
C LEU B 493 19.17 -36.74 -48.78
N SER B 494 20.48 -36.82 -49.07
CA SER B 494 20.98 -36.88 -50.43
C SER B 494 20.53 -35.68 -51.25
N ASP C 21 -31.50 41.16 26.89
CA ASP C 21 -30.45 42.06 26.44
C ASP C 21 -30.33 42.02 24.92
N SER C 22 -29.60 42.98 24.35
CA SER C 22 -29.43 43.09 22.91
C SER C 22 -28.34 42.19 22.36
N LEU C 23 -27.89 41.19 23.12
CA LEU C 23 -26.99 40.18 22.57
C LEU C 23 -27.70 39.41 21.46
N GLU C 24 -27.01 39.24 20.34
CA GLU C 24 -27.61 38.60 19.18
C GLU C 24 -26.75 37.43 18.73
N PRO C 25 -27.36 36.32 18.34
CA PRO C 25 -26.57 35.15 17.92
C PRO C 25 -25.68 35.46 16.73
N VAL C 26 -24.47 34.92 16.77
CA VAL C 26 -23.51 35.02 15.67
C VAL C 26 -23.15 33.62 15.24
N GLY C 27 -23.40 33.30 13.97
CA GLY C 27 -23.15 31.98 13.44
C GLY C 27 -24.35 31.06 13.42
N GLY C 28 -25.49 31.48 13.95
CA GLY C 28 -26.68 30.66 13.95
C GLY C 28 -27.01 30.12 15.32
N LEU C 29 -28.03 29.27 15.35
CA LEU C 29 -28.51 28.64 16.58
C LEU C 29 -28.51 27.13 16.39
N TYR C 30 -27.90 26.42 17.34
CA TYR C 30 -27.75 24.97 17.25
C TYR C 30 -28.07 24.35 18.58
N GLU C 31 -28.63 23.14 18.54
CA GLU C 31 -28.87 22.35 19.74
C GLU C 31 -27.75 21.34 19.88
N ILE C 32 -27.04 21.39 21.01
CA ILE C 32 -25.96 20.46 21.29
C ILE C 32 -26.08 19.96 22.72
N GLN C 33 -25.45 18.83 22.98
CA GLN C 33 -25.54 18.13 24.25
C GLN C 33 -24.37 18.55 25.13
N ILE C 34 -24.66 19.10 26.30
CA ILE C 34 -23.66 19.48 27.28
C ILE C 34 -23.79 18.56 28.47
N PRO C 35 -22.71 17.90 28.90
CA PRO C 35 -22.84 16.91 29.98
C PRO C 35 -23.39 17.52 31.26
N SER C 36 -24.26 16.76 31.92
CA SER C 36 -24.82 17.15 33.19
C SER C 36 -24.53 16.18 34.32
N GLU C 37 -24.20 14.93 34.01
CA GLU C 37 -23.76 13.99 35.03
C GLU C 37 -22.76 13.03 34.40
N PHE C 38 -21.87 12.50 35.23
CA PHE C 38 -20.79 11.64 34.76
C PHE C 38 -20.68 10.41 35.65
N THR C 39 -20.02 9.39 35.14
CA THR C 39 -19.63 8.22 35.91
C THR C 39 -18.19 7.86 35.55
N ILE C 40 -17.53 7.16 36.48
CA ILE C 40 -16.17 6.71 36.22
C ILE C 40 -16.20 5.53 35.25
N GLY C 41 -15.38 5.60 34.21
CA GLY C 41 -15.35 4.58 33.19
C GLY C 41 -14.01 3.88 33.15
N ASN C 42 -14.03 2.61 32.75
CA ASN C 42 -12.81 1.84 32.52
C ASN C 42 -12.92 1.21 31.14
N MET C 43 -12.10 1.68 30.21
CA MET C 43 -12.07 1.13 28.87
C MET C 43 -10.76 0.37 28.68
N GLU C 44 -10.86 -0.85 28.18
CA GLU C 44 -9.70 -1.67 27.88
C GLU C 44 -9.68 -1.94 26.38
N GLU C 45 -8.56 -1.63 25.74
CA GLU C 45 -8.43 -1.78 24.31
C GLU C 45 -7.06 -2.34 23.97
N PHE C 46 -7.01 -3.10 22.89
CA PHE C 46 -5.78 -3.56 22.28
C PHE C 46 -5.50 -2.72 21.05
N ILE C 47 -4.26 -2.25 20.91
CA ILE C 47 -3.82 -1.58 19.70
C ILE C 47 -2.65 -2.38 19.14
N GLN C 48 -2.79 -2.85 17.91
CA GLN C 48 -1.74 -3.63 17.29
C GLN C 48 -0.57 -2.74 16.92
N THR C 49 0.64 -3.19 17.25
CA THR C 49 1.85 -2.45 16.93
C THR C 49 2.83 -3.22 16.06
N SER C 50 2.59 -4.51 15.81
CA SER C 50 3.47 -5.30 14.96
C SER C 50 2.68 -6.48 14.43
N SER C 51 3.30 -7.22 13.53
CA SER C 51 2.73 -8.39 12.91
C SER C 51 3.75 -9.52 12.90
N PRO C 52 3.32 -10.76 12.74
CA PRO C 52 4.28 -11.86 12.61
C PRO C 52 5.12 -11.72 11.34
N LYS C 53 6.29 -12.34 11.37
CA LYS C 53 7.12 -12.38 10.17
C LYS C 53 6.45 -13.22 9.11
N VAL C 54 6.26 -12.65 7.92
CA VAL C 54 5.54 -13.28 6.83
C VAL C 54 6.46 -13.37 5.63
N THR C 55 6.63 -14.59 5.10
CA THR C 55 7.30 -14.79 3.83
C THR C 55 6.44 -15.67 2.95
N ILE C 56 6.71 -15.63 1.66
CA ILE C 56 6.00 -16.42 0.66
C ILE C 56 6.89 -17.57 0.23
N ASP C 57 6.29 -18.74 0.04
CA ASP C 57 7.00 -19.83 -0.61
C ASP C 57 7.07 -19.63 -2.11
N CYS C 58 6.02 -19.08 -2.72
CA CYS C 58 5.99 -18.73 -4.15
C CYS C 58 6.06 -19.95 -5.04
N ALA C 59 6.33 -21.11 -4.47
CA ALA C 59 6.28 -22.38 -5.18
C ALA C 59 5.19 -23.27 -4.63
N ALA C 60 5.04 -23.32 -3.31
CA ALA C 60 3.84 -23.88 -2.71
C ALA C 60 2.63 -22.99 -2.98
N PHE C 61 2.83 -21.67 -3.05
CA PHE C 61 1.75 -20.76 -3.36
C PHE C 61 1.22 -20.99 -4.78
N VAL C 62 2.12 -21.09 -5.75
CA VAL C 62 1.72 -21.17 -7.14
C VAL C 62 1.39 -22.61 -7.54
N CYS C 63 2.29 -23.54 -7.25
CA CYS C 63 2.16 -24.90 -7.71
C CYS C 63 1.53 -25.84 -6.70
N GLY C 64 1.68 -25.56 -5.40
CA GLY C 64 1.30 -26.52 -4.39
C GLY C 64 2.37 -27.60 -4.29
N ASP C 65 1.99 -28.83 -4.60
CA ASP C 65 2.94 -29.93 -4.65
C ASP C 65 3.13 -30.49 -6.05
N TYR C 66 2.52 -29.87 -7.06
CA TYR C 66 2.65 -30.34 -8.44
C TYR C 66 4.08 -30.18 -8.90
N ALA C 67 4.69 -31.30 -9.30
CA ALA C 67 6.12 -31.31 -9.61
C ALA C 67 6.43 -30.68 -10.97
N ALA C 68 5.54 -30.85 -11.95
CA ALA C 68 5.76 -30.24 -13.25
C ALA C 68 5.77 -28.72 -13.13
N CYS C 69 4.84 -28.16 -12.37
CA CYS C 69 4.80 -26.72 -12.17
C CYS C 69 6.05 -26.24 -11.45
N LYS C 70 6.53 -26.98 -10.46
CA LYS C 70 7.74 -26.57 -9.75
C LYS C 70 8.95 -26.60 -10.67
N LEU C 71 9.06 -27.65 -11.50
CA LEU C 71 10.17 -27.73 -12.45
C LEU C 71 10.14 -26.56 -13.42
N GLN C 72 8.96 -26.20 -13.91
CA GLN C 72 8.89 -25.09 -14.84
C GLN C 72 9.08 -23.74 -14.14
N LEU C 73 8.70 -23.65 -12.87
CA LEU C 73 8.82 -22.42 -12.10
C LEU C 73 10.24 -22.15 -11.65
N VAL C 74 11.09 -23.19 -11.60
CA VAL C 74 12.50 -22.95 -11.29
C VAL C 74 13.13 -22.02 -12.31
N GLU C 75 12.66 -22.08 -13.56
CA GLU C 75 13.21 -21.25 -14.62
C GLU C 75 12.68 -19.82 -14.61
N TYR C 76 11.76 -19.49 -13.70
CA TYR C 76 11.25 -18.14 -13.58
C TYR C 76 12.17 -17.22 -12.79
N GLY C 77 13.22 -17.76 -12.19
CA GLY C 77 14.21 -16.95 -11.48
C GLY C 77 14.00 -16.93 -9.99
N SER C 78 14.79 -16.08 -9.34
CA SER C 78 14.81 -15.94 -7.89
C SER C 78 13.96 -14.77 -7.42
N PHE C 79 12.79 -14.56 -8.03
CA PHE C 79 11.92 -13.47 -7.64
C PHE C 79 11.40 -13.63 -6.22
N CYS C 80 11.24 -14.86 -5.74
CA CYS C 80 10.75 -15.07 -4.39
C CYS C 80 11.72 -14.50 -3.35
N ASP C 81 13.02 -14.70 -3.57
CA ASP C 81 14.01 -14.06 -2.70
C ASP C 81 13.86 -12.54 -2.74
N ASN C 82 13.49 -11.99 -3.88
CA ASN C 82 13.26 -10.56 -3.97
C ASN C 82 11.95 -10.17 -3.29
N ILE C 83 10.89 -10.95 -3.51
CA ILE C 83 9.61 -10.65 -2.89
C ILE C 83 9.72 -10.75 -1.37
N ASN C 84 10.37 -11.79 -0.87
CA ASN C 84 10.47 -12.00 0.57
C ASN C 84 11.32 -10.92 1.23
N ALA C 85 12.35 -10.43 0.55
CA ALA C 85 13.12 -9.31 1.11
C ALA C 85 12.30 -8.03 1.13
N ILE C 86 11.35 -7.89 0.22
CA ILE C 86 10.40 -6.79 0.28
C ILE C 86 9.42 -6.99 1.45
N LEU C 87 8.97 -8.22 1.64
CA LEU C 87 8.03 -8.49 2.73
C LEU C 87 8.68 -8.31 4.08
N THR C 88 9.93 -8.70 4.22
CA THR C 88 10.64 -8.59 5.48
C THR C 88 11.35 -7.25 5.65
N GLU C 89 11.27 -6.37 4.66
CA GLU C 89 11.84 -5.03 4.74
C GLU C 89 13.33 -5.09 5.09
N VAL C 90 14.08 -5.82 4.29
CA VAL C 90 15.50 -6.01 4.51
C VAL C 90 16.24 -4.68 4.37
N ASN C 281 18.79 -50.13 -64.56
CA ASN C 281 19.27 -51.45 -64.20
C ASN C 281 18.52 -51.99 -62.99
N ALA C 282 18.83 -53.22 -62.58
CA ALA C 282 18.15 -53.86 -61.45
C ALA C 282 18.90 -53.72 -60.14
N GLU C 283 20.23 -53.78 -60.17
CA GLU C 283 21.01 -53.61 -58.95
C GLU C 283 20.82 -52.21 -58.37
N ALA C 284 20.79 -51.20 -59.24
CA ALA C 284 20.60 -49.83 -58.77
C ALA C 284 19.25 -49.65 -58.10
N LEU C 285 18.21 -50.25 -58.65
CA LEU C 285 16.87 -50.11 -58.08
C LEU C 285 16.81 -50.71 -56.68
N ASN C 286 17.44 -51.88 -56.48
CA ASN C 286 17.54 -52.44 -55.14
C ASN C 286 18.35 -51.53 -54.22
N ASN C 287 19.41 -50.93 -54.75
CA ASN C 287 20.18 -49.97 -53.97
C ASN C 287 19.35 -48.74 -53.64
N LEU C 288 18.50 -48.31 -54.57
CA LEU C 288 17.59 -47.20 -54.28
C LEU C 288 16.60 -47.57 -53.20
N LEU C 289 16.09 -48.81 -53.22
CA LEU C 289 15.15 -49.24 -52.18
C LEU C 289 15.82 -49.26 -50.82
N GLN C 290 17.10 -49.65 -50.76
CA GLN C 290 17.81 -49.60 -49.49
C GLN C 290 17.99 -48.18 -49.01
N GLN C 291 18.31 -47.26 -49.92
CA GLN C 291 18.48 -45.85 -49.54
C GLN C 291 17.17 -45.22 -49.12
N LEU C 292 16.08 -45.54 -49.82
CA LEU C 292 14.79 -44.96 -49.46
C LEU C 292 14.34 -45.41 -48.08
N SER C 293 14.63 -46.67 -47.72
CA SER C 293 14.31 -47.14 -46.38
C SER C 293 15.09 -46.40 -45.30
N ASN C 294 16.26 -45.85 -45.64
CA ASN C 294 17.03 -45.05 -44.70
C ASN C 294 16.63 -43.58 -44.70
N ARG C 295 16.34 -43.01 -45.88
CA ARG C 295 15.88 -41.63 -45.92
C ARG C 295 14.55 -41.47 -45.22
N PHE C 296 13.62 -42.40 -45.45
CA PHE C 296 12.34 -42.35 -44.75
C PHE C 296 12.51 -42.74 -43.29
N GLY C 297 13.55 -43.50 -42.96
CA GLY C 297 13.84 -43.75 -41.56
C GLY C 297 14.31 -42.52 -40.83
N ALA C 298 15.14 -41.70 -41.48
CA ALA C 298 15.62 -40.46 -40.88
C ALA C 298 14.57 -39.36 -40.92
N ILE C 299 13.71 -39.34 -41.94
CA ILE C 299 12.63 -38.36 -41.99
C ILE C 299 11.61 -38.64 -40.90
N SER C 300 11.18 -39.90 -40.77
CA SER C 300 10.22 -40.25 -39.74
C SER C 300 10.81 -40.15 -38.35
N ALA C 301 12.13 -40.27 -38.22
CA ALA C 301 12.75 -40.08 -36.92
C ALA C 301 12.74 -38.62 -36.51
N SER C 302 13.07 -37.72 -37.43
CA SER C 302 13.09 -36.29 -37.11
C SER C 302 11.69 -35.76 -36.88
N LEU C 303 10.71 -36.23 -37.66
CA LEU C 303 9.33 -35.81 -37.44
C LEU C 303 8.87 -36.17 -36.04
N GLN C 304 9.24 -37.36 -35.57
CA GLN C 304 8.92 -37.74 -34.20
C GLN C 304 9.60 -36.82 -33.20
N GLU C 305 10.88 -36.50 -33.43
CA GLU C 305 11.58 -35.57 -32.56
C GLU C 305 10.96 -34.18 -32.61
N ILE C 306 10.55 -33.74 -33.80
CA ILE C 306 9.84 -32.48 -33.94
C ILE C 306 8.50 -32.54 -33.21
N LEU C 307 7.75 -33.61 -33.41
CA LEU C 307 6.43 -33.72 -32.80
C LEU C 307 6.52 -33.88 -31.29
N SER C 308 7.64 -34.40 -30.78
CA SER C 308 7.81 -34.48 -29.33
C SER C 308 8.12 -33.11 -28.75
N ARG C 309 8.89 -32.29 -29.47
CA ARG C 309 9.18 -30.94 -29.02
C ARG C 309 8.01 -30.00 -29.21
N LEU C 310 7.13 -30.29 -30.17
CA LEU C 310 5.91 -29.49 -30.32
C LEU C 310 4.93 -29.77 -29.19
N ASP C 311 4.79 -31.04 -28.80
CA ASP C 311 3.94 -31.37 -27.66
C ASP C 311 4.50 -30.79 -26.37
N ALA C 312 5.82 -30.85 -26.20
CA ALA C 312 6.43 -30.29 -25.01
C ALA C 312 6.23 -28.78 -24.94
N LEU C 313 6.36 -28.10 -26.08
CA LEU C 313 6.22 -26.65 -26.11
C LEU C 313 4.79 -26.21 -25.83
N GLU C 314 3.80 -27.00 -26.25
CA GLU C 314 2.41 -26.65 -26.00
C GLU C 314 2.03 -26.88 -24.55
N ALA C 315 2.54 -27.96 -23.95
CA ALA C 315 2.27 -28.21 -22.54
C ALA C 315 2.93 -27.16 -21.66
N GLU C 316 4.17 -26.79 -21.98
CA GLU C 316 4.86 -25.77 -21.22
C GLU C 316 4.22 -24.41 -21.39
N ALA C 317 3.64 -24.13 -22.56
CA ALA C 317 2.94 -22.87 -22.75
C ALA C 317 1.69 -22.78 -21.89
N GLN C 318 0.99 -23.90 -21.71
CA GLN C 318 -0.20 -23.92 -20.89
C GLN C 318 0.14 -23.84 -19.41
N ILE C 319 1.24 -24.48 -19.01
CA ILE C 319 1.69 -24.38 -17.63
C ILE C 319 2.16 -22.96 -17.32
N ASP C 320 2.81 -22.31 -18.29
CA ASP C 320 3.22 -20.93 -18.10
C ASP C 320 2.03 -20.01 -17.92
N ARG C 321 0.94 -20.25 -18.65
CA ARG C 321 -0.24 -19.40 -18.52
C ARG C 321 -0.84 -19.49 -17.13
N LEU C 322 -0.92 -20.69 -16.57
CA LEU C 322 -1.45 -20.82 -15.22
C LEU C 322 -0.43 -20.35 -14.18
N ILE C 323 0.86 -20.55 -14.45
CA ILE C 323 1.88 -19.99 -13.57
C ILE C 323 1.80 -18.47 -13.55
N ASN C 324 1.69 -17.85 -14.72
CA ASN C 324 1.62 -16.41 -14.82
C ASN C 324 0.35 -15.87 -14.17
N GLY C 325 -0.76 -16.59 -14.31
CA GLY C 325 -1.99 -16.17 -13.68
C GLY C 325 -1.90 -16.20 -12.16
N ARG C 326 -1.19 -17.20 -11.63
CA ARG C 326 -1.05 -17.30 -10.18
C ARG C 326 0.07 -16.41 -9.64
N LEU C 327 0.95 -15.91 -10.51
CA LEU C 327 1.89 -14.87 -10.07
C LEU C 327 1.21 -13.51 -10.03
N THR C 328 0.21 -13.28 -10.87
CA THR C 328 -0.62 -12.09 -10.76
C THR C 328 -1.42 -12.11 -9.45
N ALA C 329 -1.98 -13.26 -9.10
CA ALA C 329 -2.65 -13.39 -7.81
C ALA C 329 -1.66 -13.30 -6.65
N LEU C 330 -0.43 -13.78 -6.86
CA LEU C 330 0.62 -13.62 -5.87
C LEU C 330 0.97 -12.15 -5.67
N ASN C 331 1.09 -11.40 -6.76
CA ASN C 331 1.45 -9.99 -6.64
C ASN C 331 0.34 -9.20 -5.97
N ALA C 332 -0.92 -9.60 -6.18
CA ALA C 332 -2.01 -8.97 -5.47
C ALA C 332 -1.95 -9.24 -3.98
N TYR C 333 -1.47 -10.43 -3.58
CA TYR C 333 -1.33 -10.74 -2.17
C TYR C 333 -0.14 -10.03 -1.55
N VAL C 334 0.99 -9.96 -2.26
CA VAL C 334 2.13 -9.19 -1.77
C VAL C 334 1.75 -7.73 -1.65
N SER C 335 0.97 -7.22 -2.60
CA SER C 335 0.45 -5.87 -2.51
C SER C 335 -0.47 -5.70 -1.31
N GLN C 336 -1.30 -6.70 -1.02
CA GLN C 336 -2.20 -6.61 0.13
C GLN C 336 -1.43 -6.71 1.44
N GLN C 337 -0.38 -7.54 1.47
CA GLN C 337 0.46 -7.62 2.67
C GLN C 337 1.18 -6.30 2.93
N LEU C 338 1.62 -5.63 1.88
CA LEU C 338 2.31 -4.36 2.04
C LEU C 338 1.35 -3.27 2.48
N SER C 339 0.10 -3.33 2.04
CA SER C 339 -0.89 -2.34 2.48
C SER C 339 -1.33 -2.59 3.92
N ASP C 340 -1.44 -3.86 4.31
CA ASP C 340 -1.77 -4.18 5.70
C ASP C 340 -0.63 -3.79 6.64
N SER C 341 0.61 -4.02 6.23
CA SER C 341 1.75 -3.64 7.05
C SER C 341 1.92 -2.13 7.11
N THR C 342 1.35 -1.39 6.16
CA THR C 342 1.28 0.05 6.29
C THR C 342 0.24 0.47 7.30
N LEU C 343 -0.91 -0.21 7.32
CA LEU C 343 -1.96 0.09 8.28
C LEU C 343 -1.55 -0.30 9.69
N VAL C 344 -0.68 -1.31 9.83
CA VAL C 344 -0.15 -1.66 11.14
C VAL C 344 0.81 -0.57 11.62
N LYS C 345 1.63 -0.04 10.71
CA LYS C 345 2.51 1.06 11.09
C LYS C 345 1.72 2.29 11.49
N PHE C 346 0.62 2.55 10.78
CA PHE C 346 -0.29 3.60 11.19
C PHE C 346 -0.90 3.31 12.56
N SER C 347 -1.26 2.04 12.80
CA SER C 347 -1.78 1.64 14.11
C SER C 347 -0.71 1.63 15.19
N ALA C 348 0.55 1.34 14.82
CA ALA C 348 1.64 1.40 15.79
C ALA C 348 1.92 2.83 16.21
N ALA C 349 1.71 3.79 15.31
CA ALA C 349 1.90 5.19 15.67
C ALA C 349 0.77 5.69 16.55
N GLN C 350 -0.43 5.16 16.37
CA GLN C 350 -1.54 5.54 17.23
C GLN C 350 -1.33 5.02 18.65
N ALA C 351 -0.73 3.83 18.78
CA ALA C 351 -0.44 3.30 20.10
C ALA C 351 0.66 4.08 20.80
N MET C 352 1.65 4.55 20.05
CA MET C 352 2.70 5.35 20.66
C MET C 352 2.19 6.73 21.07
N GLU C 353 1.23 7.27 20.32
CA GLU C 353 0.61 8.53 20.72
C GLU C 353 -0.16 8.35 22.03
N LYS C 354 -0.78 7.20 22.23
CA LYS C 354 -1.54 6.97 23.46
C LYS C 354 -0.61 6.70 24.63
N VAL C 355 0.54 6.09 24.39
CA VAL C 355 1.51 5.94 25.47
C VAL C 355 2.03 7.31 25.90
N ASN C 356 2.34 8.17 24.94
CA ASN C 356 2.90 9.48 25.25
C ASN C 356 1.88 10.38 25.93
N GLU C 357 0.62 10.31 25.50
CA GLU C 357 -0.39 11.28 25.92
C GLU C 357 -1.43 10.73 26.87
N CYS C 358 -1.54 9.41 27.00
CA CYS C 358 -2.45 8.83 27.97
C CYS C 358 -1.75 8.10 29.11
N VAL C 359 -0.59 7.50 28.87
CA VAL C 359 0.11 6.73 29.88
C VAL C 359 1.26 7.52 30.48
N LYS C 360 2.02 8.22 29.67
CA LYS C 360 3.13 9.02 30.18
C LYS C 360 2.69 10.40 30.64
N SER C 361 1.41 10.74 30.50
CA SER C 361 0.88 12.01 30.92
C SER C 361 -0.63 11.90 30.97
N GLN C 362 -1.29 12.97 31.39
CA GLN C 362 -2.74 13.03 31.41
C GLN C 362 -3.21 13.94 30.28
N SER C 363 -4.17 13.46 29.50
CA SER C 363 -4.63 14.16 28.32
C SER C 363 -5.77 15.10 28.66
N SER C 364 -5.70 16.31 28.09
CA SER C 364 -6.82 17.24 28.10
C SER C 364 -7.76 17.01 26.93
N ARG C 365 -7.45 16.04 26.08
CA ARG C 365 -8.30 15.68 24.95
C ARG C 365 -9.43 14.78 25.44
N ILE C 366 -10.65 15.22 25.24
CA ILE C 366 -11.82 14.42 25.59
C ILE C 366 -12.08 13.42 24.47
N ASN C 367 -12.47 12.20 24.86
CA ASN C 367 -12.75 11.13 23.90
C ASN C 367 -11.50 10.75 23.10
N PHE C 368 -10.36 10.74 23.77
CA PHE C 368 -9.13 10.23 23.18
C PHE C 368 -8.62 8.98 23.88
N CYS C 369 -8.40 9.05 25.20
CA CYS C 369 -8.03 7.87 25.98
C CYS C 369 -9.31 7.18 26.46
N GLY C 370 -10.05 6.66 25.50
CA GLY C 370 -11.37 6.11 25.76
C GLY C 370 -12.45 7.15 25.50
N ASN C 371 -13.34 7.32 26.46
CA ASN C 371 -14.43 8.28 26.34
C ASN C 371 -14.34 9.28 27.49
N GLY C 372 -14.98 10.43 27.30
CA GLY C 372 -15.04 11.39 28.38
C GLY C 372 -13.68 12.01 28.68
N ASN C 373 -13.50 12.36 29.94
CA ASN C 373 -12.33 13.13 30.38
C ASN C 373 -11.32 12.21 31.03
N HIS C 374 -10.09 12.24 30.52
CA HIS C 374 -9.05 11.31 30.95
C HIS C 374 -8.70 11.49 32.42
N ILE C 375 -8.60 10.38 33.14
CA ILE C 375 -7.99 10.35 34.46
C ILE C 375 -6.60 9.72 34.42
N ILE C 376 -6.51 8.45 34.06
CA ILE C 376 -5.24 7.73 34.13
C ILE C 376 -5.34 6.55 33.18
N SER C 377 -4.23 6.23 32.51
CA SER C 377 -4.16 5.10 31.60
C SER C 377 -2.99 4.20 31.99
N LEU C 378 -3.16 2.91 31.75
CA LEU C 378 -2.12 1.91 31.94
C LEU C 378 -1.94 1.15 30.64
N VAL C 379 -0.72 0.69 30.39
CA VAL C 379 -0.43 -0.07 29.17
C VAL C 379 0.33 -1.34 29.53
N GLN C 380 -0.02 -2.44 28.86
CA GLN C 380 0.64 -3.72 29.02
C GLN C 380 1.00 -4.27 27.65
N ASN C 381 2.07 -5.05 27.60
CA ASN C 381 2.40 -5.75 26.37
C ASN C 381 1.37 -6.82 26.09
N ALA C 382 0.89 -6.87 24.85
CA ALA C 382 0.05 -7.95 24.37
C ALA C 382 0.66 -8.48 23.08
N PRO C 383 0.43 -9.74 22.75
CA PRO C 383 0.99 -10.29 21.51
C PRO C 383 0.67 -9.44 20.29
N TYR C 384 1.72 -8.85 19.71
CA TYR C 384 1.65 -8.02 18.50
C TYR C 384 0.94 -6.70 18.76
N GLY C 385 1.14 -6.14 19.94
CA GLY C 385 0.53 -4.85 20.23
C GLY C 385 0.67 -4.49 21.68
N LEU C 386 -0.15 -3.52 22.10
CA LEU C 386 -0.16 -2.98 23.44
C LEU C 386 -1.59 -2.98 23.95
N TYR C 387 -1.75 -3.29 25.23
CA TYR C 387 -3.08 -3.36 25.83
C TYR C 387 -3.25 -2.19 26.80
N PHE C 388 -4.15 -1.27 26.47
CA PHE C 388 -4.37 -0.07 27.25
C PHE C 388 -5.55 -0.26 28.18
N ILE C 389 -5.45 0.27 29.39
CA ILE C 389 -6.55 0.35 30.33
C ILE C 389 -6.75 1.83 30.66
N HIS C 390 -7.88 2.38 30.26
CA HIS C 390 -8.16 3.80 30.41
C HIS C 390 -9.18 4.04 31.51
N PHE C 391 -8.84 4.94 32.43
CA PHE C 391 -9.78 5.39 33.44
C PHE C 391 -10.17 6.82 33.14
N ASN C 392 -11.47 7.08 33.11
CA ASN C 392 -11.98 8.40 32.78
C ASN C 392 -13.36 8.56 33.39
N TYR C 393 -13.81 9.80 33.49
CA TYR C 393 -15.20 10.06 33.86
C TYR C 393 -15.94 10.48 32.60
N VAL C 394 -16.89 9.64 32.19
CA VAL C 394 -17.61 9.80 30.93
C VAL C 394 -18.98 10.37 31.24
N PRO C 395 -19.51 11.27 30.40
CA PRO C 395 -20.88 11.73 30.61
C PRO C 395 -21.87 10.60 30.44
N THR C 396 -22.88 10.58 31.30
CA THR C 396 -23.98 9.65 31.17
C THR C 396 -25.32 10.33 30.94
N LYS C 397 -25.40 11.65 31.07
CA LYS C 397 -26.61 12.39 30.78
C LYS C 397 -26.21 13.78 30.28
N TYR C 398 -26.99 14.29 29.34
CA TYR C 398 -26.66 15.53 28.65
C TYR C 398 -27.85 16.48 28.72
N VAL C 399 -27.56 17.76 28.57
CA VAL C 399 -28.57 18.79 28.47
C VAL C 399 -28.58 19.30 27.03
N THR C 400 -29.72 19.18 26.37
CA THR C 400 -29.84 19.70 25.02
C THR C 400 -30.03 21.20 25.13
N ALA C 401 -28.96 21.95 24.84
CA ALA C 401 -28.94 23.39 25.04
C ALA C 401 -28.88 24.11 23.71
N LYS C 402 -29.59 25.23 23.62
CA LYS C 402 -29.59 26.06 22.42
C LYS C 402 -28.35 26.95 22.47
N VAL C 403 -27.42 26.70 21.57
CA VAL C 403 -26.10 27.32 21.61
C VAL C 403 -25.92 28.18 20.36
N SER C 404 -25.37 29.37 20.54
CA SER C 404 -24.88 30.16 19.43
C SER C 404 -23.35 30.22 19.45
N PRO C 405 -22.70 30.08 18.30
CA PRO C 405 -21.23 30.12 18.28
C PRO C 405 -20.65 31.40 18.85
N GLY C 406 -21.30 32.53 18.64
CA GLY C 406 -20.90 33.77 19.27
C GLY C 406 -22.10 34.67 19.42
N LEU C 407 -21.89 35.79 20.10
CA LEU C 407 -22.94 36.77 20.31
C LEU C 407 -22.46 38.14 19.86
N CYS C 408 -23.35 38.89 19.21
CA CYS C 408 -23.08 40.26 18.83
C CYS C 408 -23.70 41.18 19.86
N ILE C 409 -22.91 42.14 20.35
CA ILE C 409 -23.38 43.12 21.32
C ILE C 409 -23.65 44.43 20.58
N ALA C 410 -24.92 44.82 20.54
CA ALA C 410 -25.36 46.09 19.95
C ALA C 410 -24.99 46.20 18.48
N GLY C 411 -24.70 45.08 17.81
CA GLY C 411 -24.33 45.13 16.41
C GLY C 411 -22.96 45.68 16.12
N ASN C 412 -22.13 45.89 17.15
CA ASN C 412 -20.81 46.50 16.97
C ASN C 412 -19.68 45.54 17.27
N ARG C 413 -19.66 44.94 18.46
CA ARG C 413 -18.60 44.03 18.85
C ARG C 413 -19.20 42.66 19.20
N GLY C 414 -18.51 41.61 18.76
CA GLY C 414 -18.93 40.27 19.06
C GLY C 414 -18.06 39.63 20.13
N ILE C 415 -18.57 38.56 20.74
CA ILE C 415 -17.81 37.80 21.73
C ILE C 415 -17.83 36.33 21.34
N ALA C 416 -16.84 35.60 21.83
CA ALA C 416 -16.74 34.17 21.64
C ALA C 416 -16.57 33.50 22.99
N PRO C 417 -17.22 32.35 23.21
CA PRO C 417 -17.17 31.71 24.53
C PRO C 417 -15.80 31.09 24.77
N LYS C 418 -15.17 31.49 25.86
CA LYS C 418 -13.82 31.04 26.20
C LYS C 418 -13.92 29.66 26.86
N SER C 419 -13.56 28.63 26.11
CA SER C 419 -13.59 27.24 26.60
C SER C 419 -14.97 26.88 27.11
N GLY C 420 -15.99 27.22 26.34
CA GLY C 420 -17.34 26.98 26.76
C GLY C 420 -18.34 27.33 25.69
N TYR C 421 -19.60 27.42 26.11
CA TYR C 421 -20.72 27.62 25.20
C TYR C 421 -21.55 28.82 25.64
N PHE C 422 -22.17 29.46 24.67
CA PHE C 422 -23.19 30.48 24.93
C PHE C 422 -24.56 29.81 24.82
N VAL C 423 -25.25 29.68 25.95
CA VAL C 423 -26.51 28.96 26.01
C VAL C 423 -27.64 29.94 26.32
N ASN C 424 -28.69 29.89 25.51
CA ASN C 424 -29.87 30.72 25.73
C ASN C 424 -30.75 30.04 26.76
N VAL C 425 -30.65 30.49 28.01
CA VAL C 425 -31.38 29.92 29.14
C VAL C 425 -32.34 30.96 29.67
N ASN C 426 -33.63 30.60 29.73
CA ASN C 426 -34.69 31.51 30.19
C ASN C 426 -34.71 32.78 29.35
N ASN C 427 -34.49 32.64 28.05
CA ASN C 427 -34.53 33.74 27.07
C ASN C 427 -33.50 34.83 27.37
N THR C 428 -32.43 34.49 28.08
CA THR C 428 -31.28 35.37 28.23
C THR C 428 -30.01 34.58 27.97
N TRP C 429 -29.04 35.22 27.34
CA TRP C 429 -27.81 34.55 26.94
C TRP C 429 -26.88 34.42 28.13
N MET C 430 -26.47 33.19 28.43
CA MET C 430 -25.58 32.89 29.54
C MET C 430 -24.44 32.02 29.03
N TYR C 431 -23.35 32.00 29.81
CA TYR C 431 -22.18 31.21 29.48
C TYR C 431 -22.16 29.94 30.32
N THR C 432 -21.70 28.85 29.72
CA THR C 432 -21.44 27.63 30.45
C THR C 432 -20.15 27.01 29.95
N GLY C 433 -19.48 26.28 30.82
CA GLY C 433 -18.37 25.47 30.39
C GLY C 433 -18.83 24.37 29.45
N SER C 434 -17.93 23.97 28.55
CA SER C 434 -18.32 23.00 27.54
C SER C 434 -18.45 21.60 28.13
N GLY C 435 -17.64 21.29 29.14
CA GLY C 435 -17.61 19.95 29.71
C GLY C 435 -18.67 19.65 30.73
N TYR C 436 -19.38 20.66 31.22
CA TYR C 436 -20.42 20.46 32.21
C TYR C 436 -21.42 21.60 32.07
N TYR C 437 -22.71 21.26 32.19
CA TYR C 437 -23.77 22.26 32.00
C TYR C 437 -24.02 22.99 33.30
N TYR C 438 -23.32 24.11 33.46
CA TYR C 438 -23.52 25.01 34.59
C TYR C 438 -23.63 26.41 34.01
N PRO C 439 -24.82 26.83 33.62
CA PRO C 439 -24.96 28.17 33.04
C PRO C 439 -24.64 29.24 34.08
N GLU C 440 -23.94 30.27 33.64
CA GLU C 440 -23.50 31.35 34.50
C GLU C 440 -23.53 32.65 33.70
N PRO C 441 -23.60 33.79 34.37
CA PRO C 441 -23.62 35.06 33.65
C PRO C 441 -22.38 35.27 32.80
N ILE C 442 -22.57 35.94 31.68
CA ILE C 442 -21.45 36.26 30.79
C ILE C 442 -20.63 37.39 31.40
N THR C 443 -19.39 37.09 31.74
CA THR C 443 -18.44 38.08 32.23
C THR C 443 -17.34 38.26 31.19
N GLU C 444 -16.39 39.14 31.48
CA GLU C 444 -15.25 39.31 30.59
C GLU C 444 -14.20 38.23 30.78
N ASN C 445 -14.31 37.41 31.83
CA ASN C 445 -13.35 36.33 32.04
C ASN C 445 -13.67 35.09 31.23
N ASN C 446 -14.93 34.89 30.85
CA ASN C 446 -15.33 33.69 30.12
C ASN C 446 -15.68 33.98 28.67
N VAL C 447 -15.30 35.13 28.14
CA VAL C 447 -15.53 35.45 26.74
C VAL C 447 -14.26 36.00 26.12
N VAL C 448 -14.21 35.97 24.79
CA VAL C 448 -13.12 36.53 24.02
C VAL C 448 -13.71 37.58 23.09
N VAL C 449 -13.10 38.75 23.06
CA VAL C 449 -13.63 39.88 22.31
C VAL C 449 -13.25 39.75 20.84
N MET C 450 -14.24 39.77 19.97
CA MET C 450 -14.04 39.75 18.53
C MET C 450 -14.03 41.17 17.99
N SER C 451 -13.17 41.41 17.00
CA SER C 451 -13.12 42.72 16.37
C SER C 451 -14.46 43.07 15.72
N THR C 452 -15.07 42.12 15.03
CA THR C 452 -16.42 42.28 14.50
C THR C 452 -17.18 40.99 14.73
N CYS C 453 -18.51 41.10 14.75
CA CYS C 453 -19.37 39.94 14.91
C CYS C 453 -19.83 39.37 13.57
N ALA C 454 -19.05 39.53 12.51
CA ALA C 454 -19.30 38.91 11.23
C ALA C 454 -18.48 37.64 11.11
N VAL C 455 -19.12 36.57 10.68
CA VAL C 455 -18.47 35.26 10.58
C VAL C 455 -17.62 35.22 9.32
N ASN C 456 -16.38 34.74 9.46
CA ASN C 456 -15.49 34.54 8.33
C ASN C 456 -15.68 33.12 7.82
N TYR C 457 -16.41 32.97 6.73
CA TYR C 457 -16.71 31.67 6.15
C TYR C 457 -15.59 31.21 5.25
N THR C 458 -15.11 29.99 5.49
CA THR C 458 -14.11 29.37 4.63
C THR C 458 -14.52 27.93 4.37
N LYS C 459 -14.03 27.39 3.27
CA LYS C 459 -14.30 26.00 2.88
C LYS C 459 -12.98 25.30 2.65
N ALA C 460 -12.78 24.18 3.33
CA ALA C 460 -11.60 23.36 3.07
C ALA C 460 -11.72 22.72 1.68
N PRO C 461 -10.60 22.50 1.00
CA PRO C 461 -10.65 21.88 -0.33
C PRO C 461 -11.29 20.50 -0.28
N TYR C 462 -12.05 20.17 -1.32
CA TYR C 462 -12.70 18.88 -1.41
C TYR C 462 -11.73 17.85 -1.96
N VAL C 463 -11.45 16.82 -1.16
CA VAL C 463 -10.50 15.77 -1.52
C VAL C 463 -11.22 14.44 -1.42
N MET C 464 -11.31 13.74 -2.54
CA MET C 464 -11.80 12.36 -2.57
C MET C 464 -10.80 11.52 -3.35
N LEU C 465 -10.39 10.40 -2.78
CA LEU C 465 -9.46 9.49 -3.44
C LEU C 465 -10.23 8.69 -4.48
N ASN C 466 -9.96 8.97 -5.75
CA ASN C 466 -10.51 8.22 -6.87
C ASN C 466 -9.34 7.76 -7.73
N THR C 467 -9.04 6.47 -7.67
CA THR C 467 -7.90 5.94 -8.40
C THR C 467 -8.14 6.02 -9.90
N SER C 468 -7.16 6.55 -10.63
CA SER C 468 -7.29 6.72 -12.07
C SER C 468 -7.08 5.39 -12.78
N ILE C 469 -7.96 5.08 -13.73
CA ILE C 469 -7.82 3.84 -14.49
C ILE C 469 -6.69 4.00 -15.51
N PRO C 470 -5.77 3.05 -15.61
CA PRO C 470 -4.69 3.17 -16.59
C PRO C 470 -5.22 3.24 -18.00
N ASN C 471 -4.52 4.00 -18.84
CA ASN C 471 -4.89 4.13 -20.25
C ASN C 471 -4.11 3.09 -21.05
N LEU C 472 -4.67 1.89 -21.11
CA LEU C 472 -4.08 0.84 -21.94
C LEU C 472 -4.56 0.98 -23.37
N PRO C 473 -3.68 0.82 -24.36
CA PRO C 473 -4.12 0.87 -25.76
C PRO C 473 -5.05 -0.28 -26.10
N ASP C 474 -5.62 -0.22 -27.30
CA ASP C 474 -6.34 -1.36 -27.84
C ASP C 474 -5.39 -2.54 -27.96
N PHE C 475 -5.83 -3.71 -27.51
CA PHE C 475 -4.95 -4.87 -27.52
C PHE C 475 -4.53 -5.23 -28.94
N LYS C 476 -5.48 -5.25 -29.88
CA LYS C 476 -5.19 -5.73 -31.23
C LYS C 476 -4.19 -4.80 -31.92
N GLU C 477 -4.33 -3.49 -31.77
CA GLU C 477 -3.43 -2.56 -32.44
C GLU C 477 -2.00 -2.66 -31.89
N GLU C 478 -1.88 -2.64 -30.56
CA GLU C 478 -0.56 -2.76 -29.94
C GLU C 478 0.10 -4.07 -30.30
N LEU C 479 -0.67 -5.16 -30.33
CA LEU C 479 -0.14 -6.43 -30.81
C LEU C 479 0.28 -6.33 -32.28
N ASP C 480 -0.54 -5.69 -33.10
CA ASP C 480 -0.27 -5.58 -34.53
C ASP C 480 0.95 -4.73 -34.82
N GLN C 481 1.44 -3.98 -33.85
CA GLN C 481 2.75 -3.33 -34.03
C GLN C 481 3.84 -4.37 -34.32
N TRP C 482 3.72 -5.57 -33.76
CA TRP C 482 4.75 -6.59 -33.94
C TRP C 482 4.20 -7.97 -34.26
N PHE C 483 2.89 -8.13 -34.41
CA PHE C 483 2.33 -9.46 -34.61
C PHE C 483 2.72 -10.01 -35.98
N LYS C 484 3.01 -11.31 -36.02
CA LYS C 484 3.45 -11.96 -37.24
C LYS C 484 2.29 -12.48 -38.07
N ASN C 485 1.44 -13.32 -37.48
CA ASN C 485 0.26 -13.87 -38.16
C ASN C 485 0.64 -14.58 -39.46
N GLN C 486 1.68 -15.39 -39.38
CA GLN C 486 2.15 -16.13 -40.54
C GLN C 486 1.27 -17.36 -40.78
N THR C 487 1.17 -17.76 -42.04
CA THR C 487 0.52 -19.01 -42.43
C THR C 487 1.52 -19.81 -43.24
N SER C 488 2.07 -20.85 -42.64
CA SER C 488 3.10 -21.68 -43.26
C SER C 488 2.43 -22.84 -43.98
N VAL C 489 2.84 -23.07 -45.23
CA VAL C 489 2.31 -24.15 -46.04
C VAL C 489 3.41 -25.17 -46.27
N ALA C 490 3.06 -26.45 -46.14
CA ALA C 490 4.01 -27.51 -46.42
C ALA C 490 4.30 -27.54 -47.92
N PRO C 491 5.53 -27.88 -48.30
CA PRO C 491 5.83 -28.01 -49.73
C PRO C 491 5.06 -29.16 -50.35
N ASP C 492 4.78 -29.01 -51.65
CA ASP C 492 4.10 -30.06 -52.41
C ASP C 492 5.15 -31.06 -52.91
N LEU C 493 4.97 -32.32 -52.54
CA LEU C 493 5.93 -33.38 -52.86
C LEU C 493 5.21 -34.41 -53.73
N SER C 494 5.20 -34.17 -55.04
CA SER C 494 4.55 -35.05 -56.00
C SER C 494 3.13 -35.44 -55.60
N GLU D 1 26.25 -10.91 8.25
CA GLU D 1 26.24 -11.66 9.49
C GLU D 1 25.83 -10.78 10.66
N ILE D 2 24.78 -11.17 11.36
CA ILE D 2 24.29 -10.45 12.53
C ILE D 2 24.81 -11.18 13.75
N VAL D 3 25.95 -10.72 14.27
CA VAL D 3 26.54 -11.33 15.46
C VAL D 3 25.72 -10.94 16.68
N MET D 4 25.41 -11.93 17.53
CA MET D 4 24.59 -11.72 18.70
C MET D 4 25.39 -12.10 19.94
N THR D 5 25.42 -11.20 20.92
CA THR D 5 26.27 -11.34 22.10
C THR D 5 25.41 -11.36 23.35
N GLN D 6 25.65 -12.34 24.21
CA GLN D 6 25.07 -12.39 25.54
C GLN D 6 26.17 -12.20 26.57
N SER D 7 26.00 -11.22 27.45
CA SER D 7 26.97 -10.93 28.48
C SER D 7 26.22 -10.60 29.77
N PRO D 8 26.66 -11.15 30.92
CA PRO D 8 27.78 -12.08 31.09
C PRO D 8 27.41 -13.51 30.72
N ALA D 9 28.38 -14.32 30.30
CA ALA D 9 28.09 -15.71 29.98
C ALA D 9 27.72 -16.54 31.21
N THR D 10 28.04 -16.04 32.40
CA THR D 10 27.77 -16.76 33.64
C THR D 10 27.05 -15.86 34.63
N LEU D 11 26.16 -16.45 35.41
CA LEU D 11 25.42 -15.72 36.43
C LEU D 11 25.15 -16.65 37.60
N SER D 12 25.64 -16.28 38.78
CA SER D 12 25.34 -17.01 40.01
C SER D 12 24.10 -16.40 40.63
N VAL D 13 23.05 -17.21 40.76
CA VAL D 13 21.74 -16.74 41.20
C VAL D 13 21.18 -17.72 42.22
N SER D 14 20.16 -17.26 42.95
CA SER D 14 19.51 -18.06 43.97
C SER D 14 18.02 -18.11 43.71
N PRO D 15 17.34 -19.17 44.13
CA PRO D 15 15.90 -19.29 43.85
C PRO D 15 15.11 -18.14 44.47
N GLY D 16 14.09 -17.70 43.76
CA GLY D 16 13.28 -16.57 44.17
C GLY D 16 13.84 -15.21 43.82
N GLU D 17 14.97 -15.16 43.11
CA GLU D 17 15.61 -13.90 42.75
C GLU D 17 15.29 -13.55 41.30
N ARG D 18 14.94 -12.29 41.06
CA ARG D 18 14.80 -11.82 39.69
C ARG D 18 16.16 -11.77 39.00
N VAL D 19 16.22 -12.33 37.80
CA VAL D 19 17.45 -12.34 37.00
C VAL D 19 17.11 -11.88 35.60
N THR D 20 17.92 -10.98 35.05
CA THR D 20 17.75 -10.47 33.69
C THR D 20 18.92 -10.92 32.84
N LEU D 21 18.62 -11.51 31.68
CA LEU D 21 19.63 -11.95 30.74
C LEU D 21 19.62 -10.99 29.56
N SER D 22 20.76 -10.36 29.30
CA SER D 22 20.87 -9.34 28.27
C SER D 22 21.35 -9.98 26.97
N CYS D 23 20.70 -9.62 25.87
CA CYS D 23 21.11 -10.01 24.53
C CYS D 23 21.26 -8.77 23.67
N ARG D 24 22.30 -8.75 22.84
CA ARG D 24 22.53 -7.65 21.92
C ARG D 24 22.84 -8.20 20.54
N ALA D 25 22.46 -7.45 19.52
CA ALA D 25 22.71 -7.81 18.14
C ALA D 25 23.55 -6.72 17.47
N SER D 26 24.51 -7.15 16.66
CA SER D 26 25.41 -6.20 16.01
C SER D 26 24.66 -5.26 15.09
N GLN D 27 23.49 -5.68 14.61
CA GLN D 27 22.61 -4.82 13.84
C GLN D 27 21.21 -4.93 14.42
N SER D 28 20.35 -4.00 14.05
CA SER D 28 18.96 -4.05 14.49
C SER D 28 18.27 -5.25 13.87
N VAL D 29 17.79 -6.16 14.71
CA VAL D 29 16.96 -7.27 14.26
C VAL D 29 15.48 -6.98 14.49
N ARG D 30 15.14 -5.75 14.83
CA ARG D 30 13.76 -5.30 15.08
C ARG D 30 13.18 -6.17 16.19
N SER D 31 12.06 -6.85 15.98
CA SER D 31 11.49 -7.71 17.00
C SER D 31 11.67 -9.19 16.68
N ARG D 32 12.56 -9.53 15.76
CA ARG D 32 12.79 -10.93 15.40
C ARG D 32 13.87 -11.53 16.30
N LEU D 33 13.49 -11.76 17.55
CA LEU D 33 14.36 -12.30 18.58
C LEU D 33 13.62 -13.39 19.34
N ALA D 34 14.28 -14.52 19.55
CA ALA D 34 13.72 -15.64 20.29
C ALA D 34 14.64 -16.04 21.42
N TRP D 35 14.07 -16.57 22.49
CA TRP D 35 14.82 -16.99 23.67
C TRP D 35 14.69 -18.50 23.83
N PHE D 36 15.82 -19.16 24.02
CA PHE D 36 15.88 -20.61 24.16
C PHE D 36 16.53 -20.99 25.48
N GLN D 37 16.05 -22.07 26.07
CA GLN D 37 16.56 -22.62 27.32
C GLN D 37 17.02 -24.04 27.06
N GLN D 38 18.26 -24.36 27.42
CA GLN D 38 18.81 -25.67 27.17
C GLN D 38 19.36 -26.28 28.46
N LYS D 39 18.55 -27.08 29.13
CA LYS D 39 19.03 -27.85 30.27
C LYS D 39 20.01 -28.91 29.80
N PRO D 40 20.94 -29.32 30.66
CA PRO D 40 22.00 -30.23 30.21
C PRO D 40 21.45 -31.53 29.64
N GLY D 41 22.05 -31.97 28.54
CA GLY D 41 21.63 -33.20 27.88
C GLY D 41 20.22 -33.18 27.35
N GLN D 42 19.75 -32.02 26.88
CA GLN D 42 18.40 -31.89 26.33
C GLN D 42 18.43 -30.89 25.19
N ALA D 43 17.41 -30.97 24.34
CA ALA D 43 17.30 -30.05 23.23
C ALA D 43 16.90 -28.66 23.72
N PRO D 44 17.22 -27.61 22.96
CA PRO D 44 16.78 -26.26 23.34
C PRO D 44 15.27 -26.15 23.37
N ARG D 45 14.77 -25.36 24.32
CA ARG D 45 13.35 -25.09 24.46
C ARG D 45 13.08 -23.63 24.19
N LEU D 46 12.17 -23.35 23.26
CA LEU D 46 11.82 -21.98 22.92
C LEU D 46 10.99 -21.37 24.04
N LEU D 47 11.52 -20.29 24.63
CA LEU D 47 10.82 -19.57 25.69
C LEU D 47 10.03 -18.40 25.12
N ILE D 48 10.74 -17.48 24.47
CA ILE D 48 10.18 -16.23 23.97
C ILE D 48 10.41 -16.20 22.48
N TYR D 49 9.43 -15.68 21.73
CA TYR D 49 9.64 -15.31 20.34
C TYR D 49 9.06 -13.93 20.10
N ASP D 50 9.47 -13.32 18.99
CA ASP D 50 9.15 -11.94 18.67
C ASP D 50 9.59 -10.98 19.76
N ALA D 51 10.60 -11.40 20.53
CA ALA D 51 11.28 -10.64 21.58
C ALA D 51 10.43 -10.48 22.83
N SER D 52 9.13 -10.69 22.74
CA SER D 52 8.27 -10.51 23.91
C SER D 52 7.13 -11.50 24.03
N ILE D 53 6.93 -12.41 23.09
CA ILE D 53 5.78 -13.31 23.11
C ILE D 53 6.23 -14.64 23.68
N ARG D 54 5.62 -15.03 24.79
CA ARG D 54 5.90 -16.33 25.38
C ARG D 54 5.38 -17.45 24.50
N ALA D 55 6.17 -18.50 24.37
CA ALA D 55 5.68 -19.67 23.66
C ALA D 55 4.66 -20.39 24.54
N THR D 56 3.85 -21.23 23.92
CA THR D 56 2.81 -21.94 24.64
C THR D 56 3.42 -22.85 25.70
N GLY D 57 2.81 -22.88 26.87
CA GLY D 57 3.29 -23.69 27.97
C GLY D 57 4.44 -23.09 28.73
N ILE D 58 4.99 -21.97 28.29
CA ILE D 58 6.11 -21.34 28.98
C ILE D 58 5.58 -20.62 30.21
N PRO D 59 6.18 -20.84 31.39
CA PRO D 59 5.65 -20.22 32.60
C PRO D 59 5.69 -18.69 32.53
N ALA D 60 4.75 -18.08 33.25
CA ALA D 60 4.62 -16.63 33.22
C ALA D 60 5.82 -15.90 33.81
N ARG D 61 6.70 -16.61 34.53
CA ARG D 61 7.86 -15.94 35.10
C ARG D 61 8.89 -15.55 34.05
N PHE D 62 8.90 -16.23 32.90
CA PHE D 62 9.80 -15.89 31.80
C PHE D 62 9.18 -14.76 30.99
N SER D 63 9.81 -13.60 30.99
CA SER D 63 9.31 -12.44 30.28
C SER D 63 10.42 -11.88 29.41
N GLY D 64 10.05 -11.52 28.17
CA GLY D 64 10.99 -10.96 27.23
C GLY D 64 10.59 -9.55 26.85
N SER D 65 11.58 -8.74 26.51
CA SER D 65 11.34 -7.34 26.18
C SER D 65 12.46 -6.86 25.27
N GLY D 66 12.31 -5.64 24.79
CA GLY D 66 13.32 -5.03 23.95
C GLY D 66 13.04 -5.18 22.46
N SER D 67 13.73 -4.37 21.69
CA SER D 67 13.68 -4.44 20.24
C SER D 67 14.93 -3.74 19.69
N GLY D 68 15.28 -4.10 18.46
CA GLY D 68 16.43 -3.49 17.82
C GLY D 68 17.73 -4.20 18.09
N THR D 69 18.56 -3.63 18.97
CA THR D 69 19.85 -4.22 19.31
C THR D 69 19.98 -4.55 20.79
N GLU D 70 18.94 -4.37 21.60
CA GLU D 70 19.01 -4.65 23.03
C GLU D 70 17.79 -5.45 23.43
N PHE D 71 18.02 -6.62 24.01
CA PHE D 71 16.95 -7.54 24.38
C PHE D 71 17.23 -8.10 25.76
N THR D 72 16.16 -8.47 26.46
CA THR D 72 16.28 -8.95 27.82
C THR D 72 15.26 -10.05 28.09
N LEU D 73 15.68 -11.07 28.81
CA LEU D 73 14.80 -12.11 29.32
C LEU D 73 14.73 -12.01 30.83
N ILE D 74 13.53 -11.84 31.37
CA ILE D 74 13.32 -11.66 32.80
C ILE D 74 12.76 -12.96 33.37
N ILE D 75 13.39 -13.44 34.44
CA ILE D 75 12.88 -14.56 35.20
C ILE D 75 12.55 -14.04 36.59
N SER D 76 11.29 -13.67 36.81
CA SER D 76 10.91 -12.88 37.98
C SER D 76 11.18 -13.64 39.27
N SER D 77 10.67 -14.86 39.38
CA SER D 77 10.81 -15.69 40.57
C SER D 77 11.56 -16.95 40.15
N LEU D 78 12.89 -16.87 40.14
CA LEU D 78 13.69 -17.99 39.70
C LEU D 78 13.42 -19.22 40.57
N GLN D 79 13.35 -20.38 39.91
CA GLN D 79 13.09 -21.63 40.60
C GLN D 79 14.29 -22.56 40.44
N SER D 80 14.23 -23.70 41.13
CA SER D 80 15.34 -24.64 41.10
C SER D 80 15.54 -25.27 39.74
N GLU D 81 14.53 -25.21 38.88
CA GLU D 81 14.60 -25.82 37.56
C GLU D 81 14.96 -24.83 36.45
N ASP D 82 15.30 -23.60 36.80
CA ASP D 82 15.69 -22.59 35.81
C ASP D 82 17.20 -22.46 35.67
N PHE D 83 17.97 -23.35 36.30
CA PHE D 83 19.43 -23.30 36.22
C PHE D 83 19.86 -24.02 34.96
N ALA D 84 19.70 -23.34 33.83
CA ALA D 84 19.99 -23.88 32.52
C ALA D 84 20.82 -22.87 31.73
N VAL D 85 21.12 -23.21 30.49
CA VAL D 85 21.81 -22.31 29.58
C VAL D 85 20.78 -21.65 28.69
N TYR D 86 20.86 -20.32 28.56
CA TYR D 86 19.86 -19.54 27.86
C TYR D 86 20.50 -18.85 26.67
N TYR D 87 19.93 -19.05 25.49
CA TYR D 87 20.41 -18.45 24.26
C TYR D 87 19.36 -17.50 23.71
N CYS D 88 19.81 -16.51 22.96
CA CYS D 88 18.94 -15.69 22.14
C CYS D 88 19.24 -15.97 20.68
N GLN D 89 18.21 -15.88 19.83
CA GLN D 89 18.34 -16.15 18.41
C GLN D 89 17.62 -15.08 17.62
N GLN D 90 18.21 -14.68 16.50
CA GLN D 90 17.66 -13.65 15.63
C GLN D 90 17.27 -14.26 14.29
N TYR D 91 16.11 -13.86 13.77
CA TYR D 91 15.59 -14.35 12.50
C TYR D 91 14.99 -13.18 11.71
N ASP D 92 15.77 -12.11 11.56
CA ASP D 92 15.20 -10.84 11.11
C ASP D 92 14.85 -10.87 9.63
N ASN D 93 15.84 -10.99 8.77
CA ASN D 93 15.68 -10.65 7.36
C ASN D 93 15.48 -11.91 6.51
N TRP D 94 15.48 -11.71 5.20
CA TRP D 94 15.49 -12.76 4.21
C TRP D 94 16.71 -12.59 3.32
N PRO D 95 17.39 -13.67 2.93
CA PRO D 95 17.14 -15.10 3.19
C PRO D 95 17.34 -15.50 4.63
N PRO D 96 16.90 -16.69 5.01
CA PRO D 96 17.21 -17.21 6.35
C PRO D 96 18.71 -17.25 6.58
N ALA D 97 19.13 -16.59 7.65
CA ALA D 97 20.51 -16.62 8.13
C ALA D 97 20.44 -16.42 9.63
N TYR D 98 20.36 -17.53 10.37
CA TYR D 98 20.00 -17.50 11.77
C TYR D 98 21.25 -17.59 12.63
N THR D 99 21.40 -16.65 13.55
CA THR D 99 22.54 -16.59 14.44
C THR D 99 22.05 -16.63 15.88
N PHE D 100 22.67 -17.46 16.69
CA PHE D 100 22.35 -17.61 18.10
C PHE D 100 23.32 -16.80 18.95
N GLY D 101 22.95 -16.62 20.21
CA GLY D 101 23.87 -16.09 21.19
C GLY D 101 24.68 -17.20 21.84
N GLN D 102 25.84 -16.83 22.39
CA GLN D 102 26.77 -17.82 22.92
C GLN D 102 26.23 -18.55 24.14
N GLY D 103 25.15 -18.09 24.72
CA GLY D 103 24.55 -18.72 25.87
C GLY D 103 24.82 -17.94 27.15
N THR D 104 24.01 -18.23 28.17
CA THR D 104 24.21 -17.70 29.51
C THR D 104 23.82 -18.77 30.50
N LYS D 105 24.77 -19.17 31.34
CA LYS D 105 24.59 -20.26 32.28
C LYS D 105 24.16 -19.71 33.63
N LEU D 106 23.06 -20.22 34.16
CA LEU D 106 22.61 -19.89 35.51
C LEU D 106 23.16 -20.95 36.46
N GLU D 107 24.08 -20.54 37.31
CA GLU D 107 24.71 -21.43 38.29
C GLU D 107 24.01 -21.27 39.65
N ILE D 108 23.79 -22.40 40.31
CA ILE D 108 23.18 -22.37 41.64
C ILE D 108 24.11 -21.65 42.61
N LYS D 109 23.55 -21.20 43.73
CA LYS D 109 24.32 -20.57 44.78
C LYS D 109 24.09 -21.25 46.12
N GLU E 1 3.30 -36.88 21.12
CA GLU E 1 2.67 -35.66 20.63
C GLU E 1 3.39 -35.15 19.39
N VAL E 2 3.60 -33.84 19.34
CA VAL E 2 4.36 -33.22 18.26
C VAL E 2 5.84 -33.44 18.53
N GLN E 3 6.50 -34.17 17.64
CA GLN E 3 7.84 -34.65 17.94
C GLN E 3 8.68 -34.71 16.66
N LEU E 4 9.97 -34.49 16.82
CA LEU E 4 10.96 -34.73 15.78
C LEU E 4 11.96 -35.75 16.31
N VAL E 5 12.20 -36.80 15.53
CA VAL E 5 13.13 -37.86 15.90
C VAL E 5 14.25 -37.89 14.86
N GLU E 6 15.49 -37.83 15.33
CA GLU E 6 16.64 -37.75 14.45
C GLU E 6 17.53 -38.97 14.62
N SER E 7 18.00 -39.49 13.49
CA SER E 7 18.81 -40.70 13.45
C SER E 7 19.96 -40.47 12.49
N GLY E 8 20.73 -41.52 12.23
CA GLY E 8 21.83 -41.43 11.28
C GLY E 8 23.10 -40.84 11.82
N GLY E 9 23.26 -40.78 13.14
CA GLY E 9 24.47 -40.26 13.75
C GLY E 9 25.40 -41.36 14.18
N GLY E 10 26.69 -41.06 14.16
CA GLY E 10 27.69 -42.04 14.55
C GLY E 10 29.08 -41.53 14.25
N LEU E 11 30.04 -42.45 14.31
CA LEU E 11 31.43 -42.12 14.08
C LEU E 11 31.71 -42.09 12.57
N VAL E 12 32.41 -41.05 12.12
CA VAL E 12 32.76 -40.89 10.72
C VAL E 12 34.20 -40.42 10.64
N LYS E 13 34.98 -41.06 9.76
CA LYS E 13 36.35 -40.61 9.54
C LYS E 13 36.38 -39.24 8.88
N PRO E 14 37.41 -38.44 9.13
CA PRO E 14 37.46 -37.11 8.51
C PRO E 14 37.45 -37.21 7.00
N GLY E 15 36.73 -36.26 6.38
CA GLY E 15 36.56 -36.24 4.94
C GLY E 15 35.51 -37.19 4.41
N GLY E 16 34.86 -37.95 5.28
CA GLY E 16 33.86 -38.92 4.85
C GLY E 16 32.49 -38.30 4.69
N SER E 17 31.50 -39.17 4.56
CA SER E 17 30.12 -38.76 4.35
C SER E 17 29.20 -39.44 5.34
N LEU E 18 28.16 -38.72 5.74
CA LEU E 18 27.13 -39.22 6.64
C LEU E 18 25.82 -38.56 6.25
N ARG E 19 24.72 -39.24 6.53
CA ARG E 19 23.41 -38.73 6.16
C ARG E 19 22.48 -38.80 7.37
N LEU E 20 22.05 -37.63 7.84
CA LEU E 20 21.14 -37.54 8.97
C LEU E 20 19.70 -37.51 8.47
N SER E 21 18.79 -38.05 9.28
CA SER E 21 17.38 -38.06 8.97
C SER E 21 16.61 -37.54 10.18
N CYS E 22 15.51 -36.86 9.92
CA CYS E 22 14.67 -36.25 10.96
C CYS E 22 13.22 -36.50 10.57
N VAL E 23 12.67 -37.64 10.98
CA VAL E 23 11.29 -37.96 10.64
C VAL E 23 10.37 -37.25 11.62
N ALA E 24 9.42 -36.51 11.08
CA ALA E 24 8.49 -35.72 11.88
C ALA E 24 7.20 -36.51 12.14
N SER E 25 6.59 -36.23 13.28
CA SER E 25 5.33 -36.85 13.64
C SER E 25 4.51 -35.87 14.47
N GLY E 26 3.19 -35.96 14.34
CA GLY E 26 2.29 -35.19 15.15
C GLY E 26 1.87 -33.85 14.58
N PHE E 27 2.45 -33.42 13.46
CA PHE E 27 2.08 -32.15 12.86
C PHE E 27 2.14 -32.27 11.35
N SER E 28 1.61 -31.26 10.67
CA SER E 28 1.58 -31.22 9.22
C SER E 28 2.95 -30.79 8.72
N PHE E 29 3.82 -31.79 8.51
CA PHE E 29 5.19 -31.55 8.10
C PHE E 29 5.26 -30.90 6.72
N SER E 30 4.29 -31.17 5.85
CA SER E 30 4.37 -30.72 4.47
C SER E 30 4.24 -29.22 4.33
N ILE E 31 3.80 -28.51 5.36
CA ILE E 31 3.65 -27.06 5.28
C ILE E 31 4.58 -26.32 6.22
N TYR E 32 5.48 -27.00 6.92
CA TYR E 32 6.42 -26.33 7.80
C TYR E 32 7.78 -26.25 7.15
N SER E 33 8.41 -25.09 7.25
CA SER E 33 9.84 -25.00 7.01
C SER E 33 10.57 -25.65 8.17
N MET E 34 11.77 -26.13 7.88
CA MET E 34 12.55 -26.87 8.85
C MET E 34 13.97 -26.33 8.86
N ASN E 35 14.65 -26.50 10.00
CA ASN E 35 16.04 -26.10 10.16
C ASN E 35 16.87 -27.28 10.63
N TRP E 36 18.17 -27.20 10.36
CA TRP E 36 19.17 -28.02 11.02
C TRP E 36 20.04 -27.10 11.85
N VAL E 37 20.21 -27.44 13.12
CA VAL E 37 21.05 -26.70 14.05
C VAL E 37 21.96 -27.70 14.74
N ARG E 38 23.26 -27.43 14.75
CA ARG E 38 24.24 -28.30 15.39
C ARG E 38 24.82 -27.62 16.61
N GLN E 39 25.07 -28.42 17.65
CA GLN E 39 25.68 -27.95 18.88
C GLN E 39 27.03 -28.66 19.05
N ALA E 40 28.11 -27.92 18.85
CA ALA E 40 29.43 -28.48 19.04
C ALA E 40 29.64 -28.82 20.51
N PRO E 41 30.52 -29.76 20.82
CA PRO E 41 30.78 -30.12 22.23
C PRO E 41 31.22 -28.91 23.04
N GLY E 42 30.40 -28.55 24.04
CA GLY E 42 30.69 -27.42 24.89
C GLY E 42 30.72 -26.10 24.14
N LYS E 43 29.72 -25.87 23.31
CA LYS E 43 29.64 -24.65 22.52
C LYS E 43 28.18 -24.30 22.28
N GLY E 44 27.96 -23.09 21.76
CA GLY E 44 26.63 -22.63 21.47
C GLY E 44 26.05 -23.23 20.20
N LEU E 45 24.76 -22.99 20.01
CA LEU E 45 24.04 -23.53 18.86
C LEU E 45 24.42 -22.81 17.58
N GLU E 46 24.45 -23.55 16.48
CA GLU E 46 24.78 -23.01 15.17
C GLU E 46 23.75 -23.48 14.16
N TRP E 47 23.18 -22.53 13.42
CA TRP E 47 22.17 -22.85 12.41
C TRP E 47 22.86 -23.37 11.16
N VAL E 48 22.50 -24.58 10.74
CA VAL E 48 23.14 -25.21 9.59
C VAL E 48 22.38 -24.84 8.33
N SER E 49 21.14 -25.31 8.21
CA SER E 49 20.43 -25.21 6.95
C SER E 49 18.95 -24.97 7.19
N TYR E 50 18.33 -24.32 6.21
CA TYR E 50 16.90 -24.06 6.16
C TYR E 50 16.35 -24.62 4.87
N ILE E 51 15.20 -25.29 4.95
CA ILE E 51 14.52 -25.77 3.75
C ILE E 51 13.04 -25.43 3.87
N SER E 52 12.48 -24.92 2.78
CA SER E 52 11.08 -24.53 2.75
C SER E 52 10.19 -25.75 2.52
N SER E 53 8.90 -25.58 2.77
CA SER E 53 7.97 -26.70 2.65
C SER E 53 7.90 -27.22 1.22
N SER E 54 8.08 -26.35 0.24
CA SER E 54 8.10 -26.75 -1.15
C SER E 54 9.46 -27.25 -1.61
N SER E 55 10.47 -27.23 -0.74
CA SER E 55 11.83 -27.66 -1.02
C SER E 55 12.54 -26.80 -2.05
N SER E 56 11.87 -25.77 -2.58
CA SER E 56 12.46 -24.99 -3.65
C SER E 56 13.57 -24.09 -3.16
N TYR E 57 13.48 -23.60 -1.93
CA TYR E 57 14.43 -22.64 -1.39
C TYR E 57 15.11 -23.26 -0.19
N LYS E 58 16.40 -23.57 -0.35
CA LYS E 58 17.22 -24.14 0.69
C LYS E 58 18.38 -23.19 0.95
N TYR E 59 18.68 -22.97 2.23
CA TYR E 59 19.72 -22.04 2.62
C TYR E 59 20.63 -22.72 3.62
N TYR E 60 21.89 -22.29 3.63
CA TYR E 60 22.92 -22.91 4.42
C TYR E 60 23.73 -21.84 5.12
N ALA E 61 24.32 -22.21 6.25
CA ALA E 61 25.34 -21.38 6.85
C ALA E 61 26.56 -21.34 5.94
N ASP E 62 27.27 -20.20 5.96
CA ASP E 62 28.44 -20.06 5.11
C ASP E 62 29.48 -21.12 5.41
N SER E 63 29.57 -21.58 6.65
CA SER E 63 30.57 -22.56 7.04
C SER E 63 30.30 -23.96 6.50
N VAL E 64 29.10 -24.22 5.97
CA VAL E 64 28.77 -25.56 5.48
C VAL E 64 28.28 -25.50 4.04
N LYS E 65 28.36 -24.33 3.41
CA LYS E 65 27.88 -24.20 2.04
C LYS E 65 28.68 -25.09 1.10
N GLY E 66 27.97 -25.82 0.26
CA GLY E 66 28.60 -26.77 -0.66
C GLY E 66 28.76 -28.16 -0.08
N ARG E 67 29.34 -28.26 1.11
CA ARG E 67 29.60 -29.55 1.72
C ARG E 67 28.37 -30.20 2.31
N PHE E 68 27.37 -29.43 2.73
CA PHE E 68 26.15 -29.96 3.32
C PHE E 68 24.98 -29.70 2.38
N SER E 69 24.10 -30.69 2.27
CA SER E 69 22.92 -30.59 1.43
C SER E 69 21.69 -31.04 2.22
N VAL E 70 20.64 -30.24 2.17
CA VAL E 70 19.41 -30.52 2.90
C VAL E 70 18.33 -30.93 1.92
N SER E 71 17.49 -31.88 2.34
CA SER E 71 16.39 -32.33 1.51
C SER E 71 15.24 -32.74 2.41
N ARG E 72 14.07 -32.87 1.81
CA ARG E 72 12.89 -33.29 2.56
C ARG E 72 11.99 -34.10 1.64
N ASP E 73 11.14 -34.92 2.26
CA ASP E 73 10.13 -35.68 1.52
C ASP E 73 8.85 -35.58 2.34
N ASN E 74 7.98 -34.66 1.95
CA ASN E 74 6.77 -34.40 2.72
C ASN E 74 5.80 -35.57 2.68
N ALA E 75 5.94 -36.48 1.71
CA ALA E 75 5.12 -37.68 1.69
C ALA E 75 5.51 -38.63 2.82
N LYS E 76 6.80 -38.68 3.16
CA LYS E 76 7.30 -39.50 4.24
C LYS E 76 7.52 -38.74 5.53
N ASN E 77 7.21 -37.44 5.55
CA ASN E 77 7.36 -36.59 6.74
C ASN E 77 8.79 -36.68 7.29
N SER E 78 9.76 -36.65 6.40
CA SER E 78 11.16 -36.84 6.76
C SER E 78 11.97 -35.65 6.28
N LEU E 79 13.03 -35.35 7.03
CA LEU E 79 13.96 -34.31 6.69
C LEU E 79 15.36 -34.91 6.74
N TYR E 80 16.15 -34.67 5.70
CA TYR E 80 17.46 -35.28 5.58
C TYR E 80 18.53 -34.21 5.49
N LEU E 81 19.75 -34.58 5.88
CA LEU E 81 20.91 -33.70 5.73
C LEU E 81 22.10 -34.54 5.35
N GLN E 82 22.66 -34.26 4.17
CA GLN E 82 23.83 -34.97 3.67
C GLN E 82 25.08 -34.26 4.15
N LEU E 83 25.88 -34.96 4.96
CA LEU E 83 27.09 -34.40 5.54
C LEU E 83 28.29 -34.86 4.70
N ASN E 84 28.49 -34.18 3.58
CA ASN E 84 29.59 -34.50 2.68
C ASN E 84 30.83 -33.71 3.06
N GLY E 85 31.99 -34.35 2.92
CA GLY E 85 33.26 -33.72 3.22
C GLY E 85 33.38 -33.34 4.69
N LEU E 86 33.00 -34.26 5.56
CA LEU E 86 33.00 -33.99 6.99
C LEU E 86 34.40 -33.65 7.50
N ARG E 87 34.49 -32.58 8.28
CA ARG E 87 35.74 -32.12 8.86
C ARG E 87 35.70 -32.32 10.37
N ALA E 88 36.77 -31.90 11.04
CA ALA E 88 36.82 -31.98 12.49
C ALA E 88 35.79 -31.06 13.14
N GLU E 89 35.61 -29.86 12.59
CA GLU E 89 34.69 -28.88 13.14
C GLU E 89 33.24 -29.29 13.03
N ASP E 90 32.91 -30.28 12.20
CA ASP E 90 31.54 -30.74 12.05
C ASP E 90 31.14 -31.75 13.12
N THR E 91 32.00 -32.00 14.09
CA THR E 91 31.63 -32.83 15.24
C THR E 91 30.70 -32.04 16.14
N ALA E 92 29.47 -32.53 16.30
CA ALA E 92 28.46 -31.81 17.08
C ALA E 92 27.28 -32.75 17.31
N VAL E 93 26.27 -32.24 17.98
CA VAL E 93 24.96 -32.87 18.08
C VAL E 93 24.02 -32.09 17.20
N TYR E 94 23.45 -32.76 16.20
CA TYR E 94 22.63 -32.09 15.21
C TYR E 94 21.16 -32.15 15.59
N TYR E 95 20.46 -31.03 15.39
CA TYR E 95 19.06 -30.91 15.73
C TYR E 95 18.27 -30.47 14.51
N CYS E 96 16.98 -30.81 14.50
CA CYS E 96 16.05 -30.28 13.52
C CYS E 96 14.91 -29.57 14.24
N ALA E 97 14.35 -28.54 13.60
CA ALA E 97 13.30 -27.75 14.21
C ALA E 97 12.41 -27.16 13.12
N ARG E 98 11.18 -26.80 13.51
CA ARG E 98 10.22 -26.18 12.62
C ARG E 98 10.44 -24.68 12.52
N ASP E 99 10.26 -24.13 11.32
CA ASP E 99 10.52 -22.71 11.10
C ASP E 99 9.49 -22.09 10.14
N GLY E 100 8.21 -22.26 10.41
CA GLY E 100 7.26 -21.51 9.62
C GLY E 100 6.02 -22.28 9.25
N TYR E 101 4.85 -21.70 9.55
CA TYR E 101 3.60 -22.43 9.43
C TYR E 101 3.25 -22.73 7.97
N CYS E 102 3.49 -21.76 7.07
CA CYS E 102 3.28 -21.86 5.63
C CYS E 102 2.03 -22.67 5.22
N PRO E 103 0.85 -22.33 5.75
CA PRO E 103 -0.32 -23.17 5.45
C PRO E 103 -0.67 -23.27 3.97
N LYS E 104 -0.43 -22.23 3.17
CA LYS E 104 -0.71 -22.33 1.75
C LYS E 104 0.37 -21.67 0.91
N GLY E 105 1.64 -21.84 1.29
CA GLY E 105 2.73 -21.12 0.67
C GLY E 105 2.99 -19.77 1.27
N VAL E 106 2.18 -19.33 2.24
CA VAL E 106 2.38 -18.07 2.94
C VAL E 106 2.84 -18.42 4.34
N CYS E 107 4.09 -18.06 4.67
CA CYS E 107 4.74 -18.52 5.89
C CYS E 107 4.68 -17.46 6.98
N THR E 108 4.26 -17.87 8.17
CA THR E 108 4.37 -17.04 9.37
C THR E 108 5.31 -17.72 10.35
N TYR E 109 6.03 -16.93 11.11
CA TYR E 109 7.10 -17.43 11.97
C TYR E 109 6.74 -17.19 13.42
N TYR E 110 6.75 -18.26 14.22
CA TYR E 110 6.40 -18.22 15.63
C TYR E 110 7.48 -18.86 16.49
N GLY E 111 8.73 -18.75 16.08
CA GLY E 111 9.83 -19.37 16.77
C GLY E 111 10.01 -20.83 16.37
N MET E 112 11.22 -21.33 16.59
CA MET E 112 11.51 -22.76 16.40
C MET E 112 11.09 -23.53 17.64
N ASP E 113 9.77 -23.73 17.73
CA ASP E 113 9.16 -24.22 18.96
C ASP E 113 9.40 -25.71 19.17
N VAL E 114 9.32 -26.50 18.10
CA VAL E 114 9.50 -27.95 18.18
C VAL E 114 10.92 -28.27 17.75
N TRP E 115 11.63 -29.03 18.58
CA TRP E 115 12.97 -29.50 18.29
C TRP E 115 12.99 -31.02 18.31
N GLY E 116 14.11 -31.58 17.88
CA GLY E 116 14.33 -33.00 17.98
C GLY E 116 15.30 -33.32 19.09
N GLN E 117 15.34 -34.58 19.54
CA GLN E 117 16.25 -34.93 20.63
C GLN E 117 17.71 -34.86 20.18
N GLY E 118 17.96 -34.85 18.88
CA GLY E 118 19.31 -34.71 18.37
C GLY E 118 19.95 -36.05 18.03
N THR E 119 21.05 -35.96 17.31
CA THR E 119 21.90 -37.12 17.05
C THR E 119 23.34 -36.62 16.98
N THR E 120 24.27 -37.51 17.32
CA THR E 120 25.66 -37.15 17.52
C THR E 120 26.50 -37.56 16.32
N VAL E 121 27.28 -36.62 15.79
CA VAL E 121 28.20 -36.87 14.69
C VAL E 121 29.60 -36.63 15.23
N THR E 122 30.37 -37.71 15.39
CA THR E 122 31.73 -37.63 15.88
C THR E 122 32.68 -37.87 14.72
N VAL E 123 33.53 -36.89 14.44
CA VAL E 123 34.45 -36.93 13.32
C VAL E 123 35.87 -36.87 13.87
N SER E 124 36.58 -38.00 13.81
CA SER E 124 37.95 -38.04 14.30
C SER E 124 38.69 -39.19 13.62
N ALA E 125 40.01 -39.11 13.64
CA ALA E 125 40.86 -40.12 13.03
C ALA E 125 40.94 -41.38 13.88
N GLU F 1 -23.29 -17.64 2.78
CA GLU F 1 -24.49 -16.89 2.43
C GLU F 1 -24.85 -15.92 3.55
N ILE F 2 -25.20 -14.69 3.17
CA ILE F 2 -25.56 -13.64 4.11
C ILE F 2 -27.06 -13.41 3.99
N VAL F 3 -27.78 -13.62 5.09
CA VAL F 3 -29.25 -13.57 5.10
C VAL F 3 -29.68 -12.19 5.57
N MET F 4 -30.50 -11.53 4.77
CA MET F 4 -31.07 -10.22 5.13
C MET F 4 -32.38 -10.45 5.87
N THR F 5 -32.43 -10.00 7.11
CA THR F 5 -33.63 -10.12 7.94
C THR F 5 -34.23 -8.73 8.10
N GLN F 6 -35.42 -8.55 7.56
CA GLN F 6 -36.08 -7.25 7.52
C GLN F 6 -37.38 -7.35 8.30
N SER F 7 -37.41 -6.81 9.51
CA SER F 7 -38.54 -6.94 10.41
C SER F 7 -38.90 -5.58 11.00
N PRO F 8 -40.19 -5.32 11.25
CA PRO F 8 -41.34 -6.19 11.01
C PRO F 8 -41.75 -6.21 9.55
N ALA F 9 -42.32 -7.31 9.06
CA ALA F 9 -42.70 -7.39 7.66
C ALA F 9 -43.84 -6.45 7.30
N THR F 10 -44.59 -5.99 8.28
CA THR F 10 -45.75 -5.12 8.06
C THR F 10 -45.68 -3.91 8.98
N LEU F 11 -46.12 -2.77 8.45
CA LEU F 11 -46.15 -1.54 9.22
C LEU F 11 -47.30 -0.68 8.73
N SER F 12 -48.27 -0.43 9.60
CA SER F 12 -49.39 0.45 9.30
C SER F 12 -49.03 1.86 9.76
N VAL F 13 -48.91 2.78 8.81
CA VAL F 13 -48.49 4.15 9.08
C VAL F 13 -49.44 5.11 8.37
N SER F 14 -49.41 6.37 8.81
CA SER F 14 -50.24 7.42 8.26
C SER F 14 -49.38 8.47 7.59
N PRO F 15 -49.91 9.19 6.61
CA PRO F 15 -49.11 10.22 5.92
C PRO F 15 -48.61 11.28 6.89
N GLY F 16 -47.39 11.75 6.65
CA GLY F 16 -46.75 12.71 7.52
C GLY F 16 -46.07 12.13 8.74
N GLU F 17 -46.05 10.81 8.88
CA GLU F 17 -45.43 10.15 10.01
C GLU F 17 -44.03 9.67 9.65
N ARG F 18 -43.09 9.84 10.57
CA ARG F 18 -41.76 9.28 10.39
C ARG F 18 -41.82 7.76 10.43
N VAL F 19 -41.17 7.12 9.47
CA VAL F 19 -41.15 5.67 9.37
C VAL F 19 -39.70 5.21 9.35
N THR F 20 -39.38 4.20 10.15
CA THR F 20 -38.07 3.57 10.16
C THR F 20 -38.23 2.10 9.78
N LEU F 21 -37.49 1.67 8.78
CA LEU F 21 -37.50 0.28 8.33
C LEU F 21 -36.15 -0.32 8.68
N SER F 22 -36.15 -1.39 9.46
CA SER F 22 -34.93 -1.99 9.97
C SER F 22 -34.51 -3.15 9.08
N CYS F 23 -33.21 -3.21 8.77
CA CYS F 23 -32.61 -4.32 8.06
C CYS F 23 -31.44 -4.85 8.88
N ARG F 24 -31.31 -6.16 8.94
CA ARG F 24 -30.23 -6.80 9.68
C ARG F 24 -29.59 -7.86 8.81
N ALA F 25 -28.30 -8.10 9.07
CA ALA F 25 -27.50 -9.02 8.29
C ALA F 25 -26.96 -10.13 9.19
N SER F 26 -26.99 -11.37 8.69
CA SER F 26 -26.47 -12.48 9.47
C SER F 26 -24.98 -12.32 9.74
N GLN F 27 -24.29 -11.57 8.90
CA GLN F 27 -22.90 -11.20 9.14
C GLN F 27 -22.67 -9.82 8.56
N SER F 28 -21.60 -9.17 9.01
CA SER F 28 -21.30 -7.81 8.60
C SER F 28 -21.16 -7.72 7.09
N VAL F 29 -22.03 -6.93 6.46
CA VAL F 29 -21.88 -6.58 5.04
C VAL F 29 -21.20 -5.24 4.87
N ARG F 30 -20.64 -4.68 5.94
CA ARG F 30 -19.94 -3.39 5.94
C ARG F 30 -20.92 -2.33 5.46
N SER F 31 -20.59 -1.52 4.46
CA SER F 31 -21.51 -0.51 3.96
C SER F 31 -22.08 -0.86 2.60
N ARG F 32 -22.12 -2.15 2.25
CA ARG F 32 -22.64 -2.59 0.95
C ARG F 32 -24.08 -3.04 1.14
N LEU F 33 -24.98 -2.06 1.30
CA LEU F 33 -26.41 -2.32 1.41
C LEU F 33 -27.16 -1.32 0.56
N ALA F 34 -28.23 -1.78 -0.09
CA ALA F 34 -29.09 -0.95 -0.90
C ALA F 34 -30.54 -1.10 -0.47
N TRP F 35 -31.34 -0.06 -0.68
CA TRP F 35 -32.75 -0.07 -0.35
C TRP F 35 -33.57 0.04 -1.63
N PHE F 36 -34.56 -0.84 -1.76
CA PHE F 36 -35.43 -0.88 -2.93
C PHE F 36 -36.87 -0.69 -2.54
N GLN F 37 -37.62 -0.01 -3.40
CA GLN F 37 -39.05 0.22 -3.22
C GLN F 37 -39.80 -0.41 -4.38
N GLN F 38 -40.79 -1.23 -4.09
CA GLN F 38 -41.53 -1.94 -5.13
C GLN F 38 -43.03 -1.71 -4.96
N LYS F 39 -43.55 -0.72 -5.66
CA LYS F 39 -44.99 -0.51 -5.71
C LYS F 39 -45.64 -1.65 -6.49
N PRO F 40 -46.90 -1.98 -6.20
CA PRO F 40 -47.51 -3.17 -6.80
C PRO F 40 -47.52 -3.10 -8.32
N GLY F 41 -47.19 -4.23 -8.95
CA GLY F 41 -47.18 -4.29 -10.40
C GLY F 41 -46.08 -3.50 -11.07
N GLN F 42 -44.97 -3.24 -10.38
CA GLN F 42 -43.87 -2.46 -10.93
C GLN F 42 -42.56 -3.07 -10.48
N ALA F 43 -41.49 -2.70 -11.18
CA ALA F 43 -40.17 -3.19 -10.85
C ALA F 43 -39.63 -2.51 -9.59
N PRO F 44 -38.67 -3.12 -8.90
CA PRO F 44 -38.06 -2.46 -7.75
C PRO F 44 -37.34 -1.18 -8.15
N ARG F 45 -37.41 -0.17 -7.28
CA ARG F 45 -36.75 1.10 -7.49
C ARG F 45 -35.68 1.28 -6.43
N LEU F 46 -34.45 1.50 -6.86
CA LEU F 46 -33.34 1.69 -5.93
C LEU F 46 -33.46 3.04 -5.24
N LEU F 47 -33.50 3.04 -3.91
CA LEU F 47 -33.57 4.25 -3.12
C LEU F 47 -32.21 4.65 -2.58
N ILE F 48 -31.58 3.76 -1.82
CA ILE F 48 -30.33 4.02 -1.15
C ILE F 48 -29.33 2.98 -1.62
N TYR F 49 -28.07 3.40 -1.77
CA TYR F 49 -26.97 2.45 -1.93
C TYR F 49 -25.82 2.91 -1.05
N ASP F 50 -24.88 1.99 -0.83
CA ASP F 50 -23.81 2.17 0.15
C ASP F 50 -24.35 2.46 1.54
N ALA F 51 -25.59 2.01 1.78
CA ALA F 51 -26.32 2.08 3.05
C ALA F 51 -26.77 3.49 3.40
N SER F 52 -26.22 4.52 2.75
CA SER F 52 -26.59 5.88 3.09
C SER F 52 -26.61 6.85 1.92
N ILE F 53 -26.34 6.43 0.69
CA ILE F 53 -26.28 7.35 -0.44
C ILE F 53 -27.57 7.23 -1.22
N ARG F 54 -28.30 8.35 -1.33
CA ARG F 54 -29.52 8.36 -2.10
C ARG F 54 -29.21 8.21 -3.59
N ALA F 55 -30.01 7.41 -4.27
CA ALA F 55 -29.90 7.33 -5.71
C ALA F 55 -30.40 8.63 -6.34
N THR F 56 -29.95 8.88 -7.57
CA THR F 56 -30.35 10.10 -8.26
C THR F 56 -31.85 10.15 -8.43
N GLY F 57 -32.44 11.31 -8.15
CA GLY F 57 -33.86 11.49 -8.26
C GLY F 57 -34.68 11.00 -7.09
N ILE F 58 -34.05 10.36 -6.11
CA ILE F 58 -34.77 9.86 -4.94
C ILE F 58 -35.06 11.03 -4.02
N PRO F 59 -36.29 11.17 -3.52
CA PRO F 59 -36.62 12.32 -2.68
C PRO F 59 -35.79 12.36 -1.41
N ALA F 60 -35.58 13.58 -0.91
CA ALA F 60 -34.76 13.78 0.28
C ALA F 60 -35.39 13.15 1.52
N ARG F 61 -36.66 12.78 1.49
CA ARG F 61 -37.28 12.19 2.67
C ARG F 61 -36.81 10.77 2.93
N PHE F 62 -36.32 10.08 1.91
CA PHE F 62 -35.76 8.74 2.09
C PHE F 62 -34.31 8.87 2.52
N SER F 63 -34.00 8.40 3.72
CA SER F 63 -32.66 8.50 4.29
C SER F 63 -32.22 7.12 4.77
N GLY F 64 -30.95 6.80 4.52
CA GLY F 64 -30.39 5.54 4.92
C GLY F 64 -29.23 5.73 5.88
N SER F 65 -29.02 4.76 6.75
CA SER F 65 -27.97 4.83 7.74
C SER F 65 -27.60 3.42 8.17
N GLY F 66 -26.47 3.32 8.84
CA GLY F 66 -26.05 2.06 9.39
C GLY F 66 -24.87 1.46 8.65
N SER F 67 -24.25 0.47 9.29
CA SER F 67 -23.17 -0.31 8.70
C SER F 67 -23.04 -1.60 9.47
N GLY F 68 -22.42 -2.58 8.83
CA GLY F 68 -22.21 -3.87 9.47
C GLY F 68 -23.40 -4.79 9.38
N THR F 69 -24.15 -4.92 10.48
CA THR F 69 -25.32 -5.78 10.53
C THR F 69 -26.60 -5.03 10.87
N GLU F 70 -26.56 -3.72 11.04
CA GLU F 70 -27.73 -2.94 11.41
C GLU F 70 -27.90 -1.81 10.40
N PHE F 71 -29.06 -1.76 9.76
CA PHE F 71 -29.34 -0.77 8.72
C PHE F 71 -30.77 -0.28 8.89
N THR F 72 -31.00 0.96 8.50
CA THR F 72 -32.30 1.59 8.66
C THR F 72 -32.58 2.51 7.49
N LEU F 73 -33.82 2.52 7.03
CA LEU F 73 -34.29 3.46 6.03
C LEU F 73 -35.32 4.37 6.69
N ILE F 74 -35.07 5.68 6.64
CA ILE F 74 -35.91 6.66 7.29
C ILE F 74 -36.74 7.35 6.22
N ILE F 75 -38.06 7.38 6.41
CA ILE F 75 -38.97 8.16 5.59
C ILE F 75 -39.53 9.26 6.48
N SER F 76 -38.93 10.45 6.42
CA SER F 76 -39.18 11.48 7.42
C SER F 76 -40.64 11.92 7.41
N SER F 77 -41.17 12.29 6.25
CA SER F 77 -42.54 12.76 6.12
C SER F 77 -43.21 11.86 5.08
N LEU F 78 -43.74 10.73 5.54
CA LEU F 78 -44.35 9.77 4.64
C LEU F 78 -45.49 10.42 3.86
N GLN F 79 -45.52 10.17 2.56
CA GLN F 79 -46.55 10.68 1.68
C GLN F 79 -47.47 9.55 1.25
N SER F 80 -48.50 9.90 0.48
CA SER F 80 -49.46 8.90 0.04
C SER F 80 -48.88 7.93 -0.97
N GLU F 81 -47.76 8.28 -1.61
CA GLU F 81 -47.14 7.43 -2.61
C GLU F 81 -46.02 6.58 -2.06
N ASP F 82 -45.77 6.61 -0.76
CA ASP F 82 -44.74 5.80 -0.14
C ASP F 82 -45.27 4.48 0.41
N PHE F 83 -46.54 4.15 0.17
CA PHE F 83 -47.13 2.91 0.64
C PHE F 83 -46.76 1.80 -0.34
N ALA F 84 -45.54 1.32 -0.22
CA ALA F 84 -44.99 0.30 -1.10
C ALA F 84 -44.26 -0.74 -0.27
N VAL F 85 -43.72 -1.75 -0.95
CA VAL F 85 -42.93 -2.77 -0.30
C VAL F 85 -41.45 -2.41 -0.43
N TYR F 86 -40.73 -2.46 0.68
CA TYR F 86 -39.36 -1.99 0.74
C TYR F 86 -38.44 -3.16 1.08
N TYR F 87 -37.40 -3.34 0.28
CA TYR F 87 -36.42 -4.39 0.47
C TYR F 87 -35.05 -3.79 0.73
N CYS F 88 -34.21 -4.57 1.43
CA CYS F 88 -32.79 -4.27 1.55
C CYS F 88 -32.00 -5.36 0.87
N GLN F 89 -30.91 -4.98 0.21
CA GLN F 89 -30.06 -5.90 -0.52
C GLN F 89 -28.61 -5.66 -0.16
N GLN F 90 -27.83 -6.73 -0.09
CA GLN F 90 -26.42 -6.67 0.25
C GLN F 90 -25.57 -7.12 -0.94
N TYR F 91 -24.46 -6.43 -1.15
CA TYR F 91 -23.53 -6.74 -2.24
C TYR F 91 -22.09 -6.63 -1.74
N ASP F 92 -21.78 -7.28 -0.62
CA ASP F 92 -20.56 -6.98 0.10
C ASP F 92 -19.33 -7.57 -0.59
N ASN F 93 -19.23 -8.89 -0.65
CA ASN F 93 -17.97 -9.54 -0.95
C ASN F 93 -17.89 -9.91 -2.42
N TRP F 94 -16.83 -10.66 -2.76
CA TRP F 94 -16.66 -11.27 -4.07
C TRP F 94 -16.50 -12.77 -3.90
N PRO F 95 -17.09 -13.60 -4.77
CA PRO F 95 -17.87 -13.29 -5.98
C PRO F 95 -19.24 -12.70 -5.68
N PRO F 96 -19.91 -12.18 -6.70
CA PRO F 96 -21.30 -11.73 -6.51
C PRO F 96 -22.16 -12.85 -5.95
N ALA F 97 -22.81 -12.56 -4.82
CA ALA F 97 -23.80 -13.45 -4.22
C ALA F 97 -24.78 -12.54 -3.48
N TYR F 98 -25.82 -12.13 -4.19
CA TYR F 98 -26.68 -11.05 -3.73
C TYR F 98 -27.92 -11.61 -3.06
N THR F 99 -28.21 -11.13 -1.86
CA THR F 99 -29.36 -11.57 -1.09
C THR F 99 -30.17 -10.36 -0.68
N PHE F 100 -31.47 -10.42 -0.89
CA PHE F 100 -32.40 -9.38 -0.52
C PHE F 100 -33.03 -9.69 0.82
N GLY F 101 -33.72 -8.68 1.38
CA GLY F 101 -34.58 -8.91 2.51
C GLY F 101 -35.97 -9.28 2.08
N GLN F 102 -36.71 -9.93 2.99
CA GLN F 102 -38.03 -10.45 2.66
C GLN F 102 -39.04 -9.36 2.36
N GLY F 103 -38.72 -8.11 2.65
CA GLY F 103 -39.59 -7.00 2.34
C GLY F 103 -40.29 -6.45 3.56
N THR F 104 -40.83 -5.23 3.41
CA THR F 104 -41.62 -4.60 4.45
C THR F 104 -42.74 -3.82 3.77
N LYS F 105 -43.97 -4.17 4.09
CA LYS F 105 -45.13 -3.58 3.46
C LYS F 105 -45.65 -2.42 4.30
N LEU F 106 -45.82 -1.26 3.68
CA LEU F 106 -46.41 -0.09 4.33
C LEU F 106 -47.89 -0.05 3.98
N GLU F 107 -48.74 -0.33 4.95
CA GLU F 107 -50.18 -0.33 4.77
C GLU F 107 -50.76 1.00 5.23
N ILE F 108 -51.68 1.55 4.45
CA ILE F 108 -52.36 2.77 4.84
C ILE F 108 -53.13 2.54 6.13
N LYS F 109 -53.38 3.61 6.87
CA LYS F 109 -54.15 3.51 8.11
C LYS F 109 -55.50 4.21 7.98
N GLU G 1 -35.74 6.51 -22.33
CA GLU G 1 -34.45 6.89 -21.76
C GLU G 1 -33.59 5.66 -21.51
N VAL G 2 -33.03 5.59 -20.31
CA VAL G 2 -32.24 4.44 -19.89
C VAL G 2 -33.21 3.35 -19.47
N GLN G 3 -33.26 2.26 -20.23
CA GLN G 3 -34.32 1.27 -20.06
C GLN G 3 -33.80 -0.14 -20.29
N LEU G 4 -34.43 -1.10 -19.63
CA LEU G 4 -34.23 -2.51 -19.88
C LEU G 4 -35.58 -3.13 -20.18
N VAL G 5 -35.66 -3.96 -21.23
CA VAL G 5 -36.89 -4.60 -21.64
C VAL G 5 -36.67 -6.10 -21.70
N GLU G 6 -37.43 -6.84 -20.91
CA GLU G 6 -37.40 -8.29 -20.93
C GLU G 6 -38.43 -8.84 -21.91
N SER G 7 -38.13 -10.01 -22.46
CA SER G 7 -39.03 -10.71 -23.36
C SER G 7 -38.81 -12.20 -23.19
N GLY G 8 -39.58 -13.00 -23.91
CA GLY G 8 -39.43 -14.44 -23.84
C GLY G 8 -40.13 -15.08 -22.66
N GLY G 9 -41.13 -14.43 -22.09
CA GLY G 9 -41.88 -15.00 -21.00
C GLY G 9 -43.17 -15.65 -21.47
N GLY G 10 -43.54 -16.73 -20.80
CA GLY G 10 -44.75 -17.44 -21.15
C GLY G 10 -44.86 -18.72 -20.35
N LEU G 11 -45.81 -19.56 -20.78
CA LEU G 11 -46.06 -20.82 -20.10
C LEU G 11 -45.06 -21.87 -20.57
N VAL G 12 -44.51 -22.63 -19.63
CA VAL G 12 -43.56 -23.70 -19.92
C VAL G 12 -43.94 -24.91 -19.08
N LYS G 13 -43.99 -26.08 -19.70
CA LYS G 13 -44.25 -27.31 -18.95
C LYS G 13 -43.07 -27.61 -18.04
N PRO G 14 -43.32 -28.25 -16.89
CA PRO G 14 -42.23 -28.55 -15.96
C PRO G 14 -41.14 -29.39 -16.62
N GLY G 15 -39.89 -29.09 -16.27
CA GLY G 15 -38.75 -29.75 -16.85
C GLY G 15 -38.36 -29.28 -18.23
N GLY G 16 -39.06 -28.30 -18.78
CA GLY G 16 -38.80 -27.81 -20.12
C GLY G 16 -37.74 -26.73 -20.14
N SER G 17 -37.69 -26.01 -21.26
CA SER G 17 -36.70 -24.96 -21.47
C SER G 17 -37.37 -23.69 -21.95
N LEU G 18 -36.75 -22.57 -21.62
CA LEU G 18 -37.23 -21.25 -22.00
C LEU G 18 -36.03 -20.31 -22.00
N ARG G 19 -36.04 -19.35 -22.91
CA ARG G 19 -34.94 -18.41 -23.04
C ARG G 19 -35.45 -17.00 -22.89
N LEU G 20 -34.84 -16.26 -21.97
CA LEU G 20 -35.22 -14.89 -21.66
C LEU G 20 -34.23 -13.93 -22.29
N SER G 21 -34.73 -12.84 -22.84
CA SER G 21 -33.90 -11.80 -23.44
C SER G 21 -34.16 -10.48 -22.73
N CYS G 22 -33.11 -9.67 -22.63
CA CYS G 22 -33.19 -8.35 -21.98
C CYS G 22 -32.38 -7.37 -22.83
N VAL G 23 -33.04 -6.73 -23.79
CA VAL G 23 -32.37 -5.80 -24.69
C VAL G 23 -32.26 -4.46 -23.98
N ALA G 24 -31.05 -3.95 -23.84
CA ALA G 24 -30.79 -2.69 -23.18
C ALA G 24 -30.82 -1.54 -24.17
N SER G 25 -31.17 -0.36 -23.66
CA SER G 25 -31.21 0.83 -24.48
C SER G 25 -30.94 2.04 -23.59
N GLY G 26 -30.31 3.06 -24.18
CA GLY G 26 -30.09 4.32 -23.51
C GLY G 26 -28.80 4.43 -22.73
N PHE G 27 -28.04 3.36 -22.60
CA PHE G 27 -26.78 3.43 -21.87
C PHE G 27 -25.75 2.53 -22.55
N SER G 28 -24.51 2.62 -22.07
CA SER G 28 -23.40 1.84 -22.62
C SER G 28 -23.46 0.44 -22.01
N PHE G 29 -24.24 -0.43 -22.66
CA PHE G 29 -24.44 -1.78 -22.15
C PHE G 29 -23.14 -2.57 -22.12
N SER G 30 -22.21 -2.27 -23.04
CA SER G 30 -21.03 -3.11 -23.19
C SER G 30 -20.10 -3.02 -21.99
N ILE G 31 -20.19 -1.99 -21.17
CA ILE G 31 -19.32 -1.85 -20.01
C ILE G 31 -20.03 -2.07 -18.69
N TYR G 32 -21.33 -2.31 -18.69
CA TYR G 32 -22.04 -2.56 -17.44
C TYR G 32 -22.13 -4.05 -17.17
N SER G 33 -21.90 -4.43 -15.92
CA SER G 33 -22.31 -5.73 -15.44
C SER G 33 -23.83 -5.75 -15.27
N MET G 34 -24.40 -6.93 -15.42
CA MET G 34 -25.85 -7.09 -15.39
C MET G 34 -26.21 -8.23 -14.46
N ASN G 35 -27.43 -8.17 -13.93
CA ASN G 35 -27.97 -9.19 -13.06
C ASN G 35 -29.31 -9.68 -13.59
N TRP G 36 -29.65 -10.90 -13.20
CA TRP G 36 -31.00 -11.43 -13.33
C TRP G 36 -31.56 -11.63 -11.93
N VAL G 37 -32.74 -11.07 -11.68
CA VAL G 37 -33.43 -11.20 -10.40
C VAL G 37 -34.86 -11.63 -10.69
N ARG G 38 -35.32 -12.66 -10.00
CA ARG G 38 -36.68 -13.15 -10.16
C ARG G 38 -37.50 -12.93 -8.90
N GLN G 39 -38.77 -12.63 -9.10
CA GLN G 39 -39.71 -12.42 -8.00
C GLN G 39 -40.81 -13.47 -8.09
N ALA G 40 -40.80 -14.42 -7.17
CA ALA G 40 -41.83 -15.44 -7.15
C ALA G 40 -43.18 -14.81 -6.82
N PRO G 41 -44.29 -15.44 -7.21
CA PRO G 41 -45.61 -14.87 -6.92
C PRO G 41 -45.81 -14.65 -5.43
N GLY G 42 -45.94 -13.38 -5.05
CA GLY G 42 -46.14 -13.01 -3.67
C GLY G 42 -44.99 -13.35 -2.76
N LYS G 43 -43.76 -13.09 -3.22
CA LYS G 43 -42.56 -13.34 -2.43
C LYS G 43 -41.54 -12.26 -2.72
N GLY G 44 -40.43 -12.30 -1.98
CA GLY G 44 -39.37 -11.34 -2.15
C GLY G 44 -38.48 -11.63 -3.34
N LEU G 45 -37.62 -10.66 -3.63
CA LEU G 45 -36.72 -10.76 -4.78
C LEU G 45 -35.61 -11.76 -4.52
N GLU G 46 -35.20 -12.47 -5.58
CA GLU G 46 -34.11 -13.42 -5.51
C GLU G 46 -33.15 -13.16 -6.66
N TRP G 47 -31.88 -13.01 -6.35
CA TRP G 47 -30.86 -12.78 -7.36
C TRP G 47 -30.53 -14.09 -8.05
N VAL G 48 -30.61 -14.11 -9.38
CA VAL G 48 -30.39 -15.33 -10.13
C VAL G 48 -28.94 -15.40 -10.59
N SER G 49 -28.55 -14.48 -11.45
CA SER G 49 -27.24 -14.59 -12.09
C SER G 49 -26.62 -13.22 -12.30
N TYR G 50 -25.30 -13.19 -12.24
CA TYR G 50 -24.49 -12.02 -12.53
C TYR G 50 -23.57 -12.35 -13.70
N ILE G 51 -23.50 -11.46 -14.67
CA ILE G 51 -22.56 -11.61 -15.77
C ILE G 51 -21.79 -10.30 -15.92
N SER G 52 -20.47 -10.41 -16.09
CA SER G 52 -19.61 -9.25 -16.22
C SER G 52 -19.70 -8.68 -17.63
N SER G 53 -19.13 -7.49 -17.80
CA SER G 53 -19.19 -6.83 -19.10
C SER G 53 -18.44 -7.63 -20.15
N SER G 54 -17.33 -8.26 -19.77
CA SER G 54 -16.54 -9.06 -20.69
C SER G 54 -17.07 -10.47 -20.86
N SER G 55 -18.15 -10.82 -20.17
CA SER G 55 -18.80 -12.12 -20.21
C SER G 55 -17.95 -13.23 -19.62
N SER G 56 -16.75 -12.92 -19.16
CA SER G 56 -15.84 -13.96 -18.69
C SER G 56 -16.24 -14.48 -17.31
N TYR G 57 -16.76 -13.62 -16.45
CA TYR G 57 -17.10 -13.98 -15.09
C TYR G 57 -18.62 -13.97 -14.97
N LYS G 58 -19.19 -15.16 -14.89
CA LYS G 58 -20.62 -15.36 -14.70
C LYS G 58 -20.84 -16.10 -13.39
N TYR G 59 -21.83 -15.66 -12.63
CA TYR G 59 -22.11 -16.22 -11.33
C TYR G 59 -23.61 -16.47 -11.23
N TYR G 60 -23.97 -17.48 -10.44
CA TYR G 60 -25.33 -17.95 -10.33
C TYR G 60 -25.68 -18.18 -8.87
N ALA G 61 -26.95 -18.02 -8.54
CA ALA G 61 -27.45 -18.49 -7.26
C ALA G 61 -27.41 -20.01 -7.23
N ASP G 62 -27.19 -20.56 -6.03
CA ASP G 62 -27.06 -22.01 -5.92
C ASP G 62 -28.36 -22.72 -6.29
N SER G 63 -29.51 -22.07 -6.07
CA SER G 63 -30.79 -22.67 -6.41
C SER G 63 -30.96 -22.85 -7.92
N VAL G 64 -30.16 -22.16 -8.73
CA VAL G 64 -30.23 -22.27 -10.19
C VAL G 64 -28.90 -22.68 -10.80
N LYS G 65 -27.93 -23.06 -9.97
CA LYS G 65 -26.59 -23.34 -10.48
C LYS G 65 -26.61 -24.60 -11.34
N GLY G 66 -26.14 -24.47 -12.58
CA GLY G 66 -26.13 -25.59 -13.50
C GLY G 66 -27.31 -25.60 -14.44
N ARG G 67 -28.49 -25.28 -13.92
CA ARG G 67 -29.71 -25.30 -14.70
C ARG G 67 -29.93 -24.03 -15.49
N PHE G 68 -29.47 -22.89 -15.00
CA PHE G 68 -29.63 -21.62 -15.69
C PHE G 68 -28.27 -21.16 -16.22
N SER G 69 -28.28 -20.56 -17.41
CA SER G 69 -27.07 -20.06 -18.05
C SER G 69 -27.31 -18.64 -18.53
N VAL G 70 -26.41 -17.74 -18.18
CA VAL G 70 -26.52 -16.34 -18.54
C VAL G 70 -25.51 -16.03 -19.65
N SER G 71 -25.90 -15.14 -20.55
CA SER G 71 -25.03 -14.75 -21.66
C SER G 71 -25.38 -13.33 -22.07
N ARG G 72 -24.47 -12.70 -22.79
CA ARG G 72 -24.72 -11.34 -23.26
C ARG G 72 -24.08 -11.16 -24.63
N ASP G 73 -24.62 -10.20 -25.37
CA ASP G 73 -24.09 -9.81 -26.68
C ASP G 73 -23.98 -8.29 -26.64
N ASN G 74 -22.80 -7.79 -26.26
CA ASN G 74 -22.62 -6.35 -26.13
C ASN G 74 -22.78 -5.65 -27.48
N ALA G 75 -22.56 -6.38 -28.58
CA ALA G 75 -22.81 -5.80 -29.90
C ALA G 75 -24.30 -5.59 -30.14
N LYS G 76 -25.14 -6.48 -29.61
CA LYS G 76 -26.58 -6.38 -29.71
C LYS G 76 -27.21 -5.65 -28.54
N ASN G 77 -26.42 -5.28 -27.53
CA ASN G 77 -26.94 -4.64 -26.32
C ASN G 77 -28.02 -5.51 -25.67
N SER G 78 -27.80 -6.81 -25.68
CA SER G 78 -28.79 -7.77 -25.22
C SER G 78 -28.21 -8.63 -24.10
N LEU G 79 -29.09 -9.03 -23.20
CA LEU G 79 -28.75 -9.94 -22.12
C LEU G 79 -29.71 -11.11 -22.20
N TYR G 80 -29.19 -12.33 -22.15
CA TYR G 80 -30.00 -13.52 -22.28
C TYR G 80 -29.88 -14.39 -21.04
N LEU G 81 -30.92 -15.18 -20.79
CA LEU G 81 -30.90 -16.16 -19.71
C LEU G 81 -31.60 -17.42 -20.18
N GLN G 82 -30.85 -18.50 -20.28
CA GLN G 82 -31.40 -19.79 -20.70
C GLN G 82 -31.90 -20.54 -19.46
N LEU G 83 -33.20 -20.80 -19.42
CA LEU G 83 -33.84 -21.46 -18.29
C LEU G 83 -34.02 -22.93 -18.67
N ASN G 84 -33.07 -23.76 -18.27
CA ASN G 84 -33.11 -25.19 -18.57
C ASN G 84 -33.53 -25.96 -17.34
N GLY G 85 -34.31 -27.03 -17.56
CA GLY G 85 -34.79 -27.85 -16.46
C GLY G 85 -35.71 -27.09 -15.53
N LEU G 86 -36.65 -26.34 -16.12
CA LEU G 86 -37.55 -25.51 -15.33
C LEU G 86 -38.38 -26.37 -14.38
N ARG G 87 -38.46 -25.93 -13.12
CA ARG G 87 -39.21 -26.60 -12.08
C ARG G 87 -40.38 -25.72 -11.66
N ALA G 88 -41.12 -26.19 -10.65
CA ALA G 88 -42.22 -25.40 -10.13
C ALA G 88 -41.71 -24.13 -9.46
N GLU G 89 -40.58 -24.21 -8.75
CA GLU G 89 -40.03 -23.08 -8.02
C GLU G 89 -39.56 -21.95 -8.93
N ASP G 90 -39.35 -22.21 -10.21
CA ASP G 90 -38.89 -21.19 -11.14
C ASP G 90 -40.02 -20.33 -11.69
N THR G 91 -41.25 -20.55 -11.26
CA THR G 91 -42.35 -19.67 -11.63
C THR G 91 -42.18 -18.33 -10.93
N ALA G 92 -41.97 -17.26 -11.69
CA ALA G 92 -41.70 -15.96 -11.13
C ALA G 92 -41.78 -14.92 -12.24
N VAL G 93 -41.55 -13.66 -11.87
CA VAL G 93 -41.34 -12.58 -12.82
C VAL G 93 -39.86 -12.27 -12.80
N TYR G 94 -39.23 -12.32 -13.97
CA TYR G 94 -37.78 -12.22 -14.08
C TYR G 94 -37.36 -10.83 -14.50
N TYR G 95 -36.48 -10.22 -13.71
CA TYR G 95 -35.98 -8.89 -13.96
C TYR G 95 -34.51 -8.95 -14.33
N CYS G 96 -34.10 -8.09 -15.25
CA CYS G 96 -32.69 -7.82 -15.48
C CYS G 96 -32.38 -6.44 -14.91
N ALA G 97 -31.22 -6.34 -14.26
CA ALA G 97 -30.82 -5.11 -13.59
C ALA G 97 -29.38 -4.79 -13.96
N ARG G 98 -29.07 -3.50 -13.93
CA ARG G 98 -27.76 -2.97 -14.25
C ARG G 98 -26.93 -2.85 -12.98
N ASP G 99 -25.71 -3.40 -12.98
CA ASP G 99 -24.98 -3.53 -11.73
C ASP G 99 -23.71 -2.68 -11.65
N GLY G 100 -22.72 -2.93 -12.48
CA GLY G 100 -21.39 -2.36 -12.28
C GLY G 100 -20.92 -1.56 -13.48
N TYR G 101 -20.36 -0.39 -13.20
CA TYR G 101 -20.06 0.57 -14.25
C TYR G 101 -18.97 0.08 -15.19
N CYS G 102 -17.86 -0.42 -14.65
CA CYS G 102 -16.75 -1.04 -15.37
C CYS G 102 -16.32 -0.29 -16.64
N PRO G 103 -15.97 0.99 -16.55
CA PRO G 103 -15.67 1.75 -17.78
C PRO G 103 -14.51 1.20 -18.61
N LYS G 104 -13.47 0.64 -17.98
CA LYS G 104 -12.34 0.10 -18.74
C LYS G 104 -11.85 -1.21 -18.14
N GLY G 105 -12.77 -2.06 -17.74
CA GLY G 105 -12.44 -3.26 -16.99
C GLY G 105 -12.32 -3.05 -15.50
N VAL G 106 -12.40 -1.81 -15.03
CA VAL G 106 -12.34 -1.50 -13.60
C VAL G 106 -13.74 -1.11 -13.17
N CYS G 107 -14.36 -1.92 -12.31
CA CYS G 107 -15.76 -1.80 -12.00
C CYS G 107 -15.99 -1.01 -10.72
N THR G 108 -17.01 -0.16 -10.74
CA THR G 108 -17.50 0.52 -9.54
C THR G 108 -18.99 0.28 -9.42
N TYR G 109 -19.48 0.19 -8.20
CA TYR G 109 -20.85 -0.23 -7.94
C TYR G 109 -21.63 0.90 -7.29
N TYR G 110 -22.80 1.19 -7.84
CA TYR G 110 -23.67 2.27 -7.37
C TYR G 110 -25.11 1.82 -7.25
N GLY G 111 -25.32 0.55 -6.89
CA GLY G 111 -26.65 -0.01 -6.79
C GLY G 111 -27.17 -0.48 -8.14
N MET G 112 -28.21 -1.32 -8.08
CA MET G 112 -28.93 -1.73 -9.28
C MET G 112 -29.93 -0.63 -9.63
N ASP G 113 -29.39 0.45 -10.22
CA ASP G 113 -30.18 1.65 -10.45
C ASP G 113 -31.26 1.42 -11.50
N VAL G 114 -30.93 0.71 -12.57
CA VAL G 114 -31.85 0.48 -13.68
C VAL G 114 -32.35 -0.96 -13.62
N TRP G 115 -33.66 -1.13 -13.68
CA TRP G 115 -34.31 -2.43 -13.75
C TRP G 115 -35.19 -2.50 -14.98
N GLY G 116 -35.52 -3.73 -15.38
CA GLY G 116 -36.48 -3.95 -16.45
C GLY G 116 -37.89 -4.12 -15.91
N GLN G 117 -38.85 -4.10 -16.82
CA GLN G 117 -40.24 -4.28 -16.41
C GLN G 117 -40.55 -5.73 -16.06
N GLY G 118 -39.75 -6.67 -16.53
CA GLY G 118 -39.91 -8.06 -16.18
C GLY G 118 -40.72 -8.84 -17.21
N THR G 119 -40.61 -10.16 -17.12
CA THR G 119 -41.44 -11.09 -17.87
C THR G 119 -41.84 -12.22 -16.95
N THR G 120 -43.02 -12.79 -17.19
CA THR G 120 -43.57 -13.82 -16.33
C THR G 120 -43.24 -15.19 -16.89
N VAL G 121 -42.66 -16.05 -16.06
CA VAL G 121 -42.41 -17.44 -16.42
C VAL G 121 -43.33 -18.28 -15.55
N THR G 122 -44.31 -18.94 -16.17
CA THR G 122 -45.26 -19.77 -15.46
C THR G 122 -44.96 -21.23 -15.79
N VAL G 123 -44.51 -21.98 -14.80
CA VAL G 123 -44.10 -23.37 -14.97
C VAL G 123 -45.08 -24.23 -14.18
N SER G 124 -46.04 -24.83 -14.87
CA SER G 124 -47.01 -25.70 -14.22
C SER G 124 -47.56 -26.69 -15.23
N ALA G 125 -48.15 -27.76 -14.71
CA ALA G 125 -48.72 -28.81 -15.53
C ALA G 125 -50.22 -28.57 -15.77
N GLU H 1 35.90 17.63 -15.10
CA GLU H 1 35.34 16.54 -14.33
C GLU H 1 34.08 15.96 -14.99
N VAL H 2 32.94 16.13 -14.33
CA VAL H 2 31.66 15.66 -14.84
C VAL H 2 31.15 16.69 -15.85
N GLN H 3 31.08 16.32 -17.13
CA GLN H 3 30.68 17.28 -18.14
C GLN H 3 30.09 16.57 -19.33
N LEU H 4 29.40 17.36 -20.17
CA LEU H 4 28.85 16.91 -21.43
C LEU H 4 29.36 17.81 -22.54
N VAL H 5 29.71 17.22 -23.67
CA VAL H 5 30.27 17.98 -24.80
C VAL H 5 29.43 17.69 -26.03
N GLU H 6 28.89 18.74 -26.62
CA GLU H 6 28.14 18.65 -27.86
C GLU H 6 29.04 18.90 -29.06
N SER H 7 28.64 18.36 -30.20
CA SER H 7 29.38 18.53 -31.44
C SER H 7 28.42 18.28 -32.60
N GLY H 8 28.92 18.50 -33.81
CA GLY H 8 28.10 18.29 -34.98
C GLY H 8 27.13 19.38 -35.30
N GLY H 9 27.42 20.62 -34.92
CA GLY H 9 26.59 21.76 -35.24
C GLY H 9 27.21 22.61 -36.33
N GLY H 10 26.36 23.22 -37.15
CA GLY H 10 26.83 24.08 -38.20
C GLY H 10 25.69 24.47 -39.12
N LEU H 11 26.06 25.12 -40.22
CA LEU H 11 25.07 25.55 -41.20
C LEU H 11 24.47 24.35 -41.90
N VAL H 12 23.15 24.38 -42.09
CA VAL H 12 22.42 23.33 -42.79
C VAL H 12 21.25 23.96 -43.54
N LYS H 13 21.13 23.61 -44.82
CA LYS H 13 20.03 24.15 -45.62
C LYS H 13 18.69 23.61 -45.11
N PRO H 14 17.62 24.37 -45.27
CA PRO H 14 16.31 23.90 -44.79
C PRO H 14 15.93 22.58 -45.43
N GLY H 15 15.32 21.71 -44.63
CA GLY H 15 15.00 20.36 -45.06
C GLY H 15 16.15 19.38 -45.00
N GLY H 16 17.33 19.81 -44.56
CA GLY H 16 18.49 18.96 -44.48
C GLY H 16 18.50 18.11 -43.22
N SER H 17 19.66 17.51 -42.96
CA SER H 17 19.83 16.64 -41.81
C SER H 17 21.13 16.95 -41.10
N LEU H 18 21.11 16.82 -39.77
CA LEU H 18 22.27 16.97 -38.92
C LEU H 18 22.26 15.85 -37.90
N ARG H 19 23.44 15.55 -37.35
CA ARG H 19 23.60 14.50 -36.34
C ARG H 19 24.39 15.07 -35.18
N LEU H 20 23.69 15.59 -34.18
CA LEU H 20 24.34 16.10 -32.99
C LEU H 20 24.77 14.95 -32.09
N SER H 21 25.95 15.09 -31.49
CA SER H 21 26.49 14.10 -30.57
C SER H 21 26.78 14.77 -29.25
N CYS H 22 26.59 14.04 -28.15
CA CYS H 22 26.81 14.55 -26.80
C CYS H 22 27.55 13.47 -26.03
N VAL H 23 28.88 13.47 -26.13
CA VAL H 23 29.69 12.47 -25.46
C VAL H 23 29.85 12.87 -24.00
N ALA H 24 29.48 11.97 -23.11
CA ALA H 24 29.56 12.21 -21.67
C ALA H 24 30.90 11.77 -21.12
N SER H 25 31.25 12.35 -19.97
CA SER H 25 32.50 12.02 -19.30
C SER H 25 32.38 12.41 -17.83
N GLY H 26 32.93 11.57 -16.96
CA GLY H 26 33.02 11.86 -15.56
C GLY H 26 31.95 11.23 -14.69
N PHE H 27 30.89 10.68 -15.29
CA PHE H 27 29.83 10.04 -14.53
C PHE H 27 29.42 8.75 -15.22
N SER H 28 28.57 7.98 -14.54
CA SER H 28 28.08 6.71 -15.05
C SER H 28 26.95 7.00 -16.04
N PHE H 29 27.33 7.22 -17.30
CA PHE H 29 26.36 7.57 -18.33
C PHE H 29 25.36 6.45 -18.58
N SER H 30 25.76 5.20 -18.36
CA SER H 30 24.92 4.07 -18.73
C SER H 30 23.66 3.97 -17.86
N ILE H 31 23.62 4.64 -16.72
CA ILE H 31 22.45 4.58 -15.86
C ILE H 31 21.67 5.88 -15.82
N TYR H 32 22.20 6.97 -16.36
CA TYR H 32 21.47 8.22 -16.35
C TYR H 32 20.57 8.35 -17.56
N SER H 33 19.38 8.89 -17.33
CA SER H 33 18.55 9.39 -18.41
C SER H 33 19.10 10.72 -18.88
N MET H 34 18.83 11.06 -20.13
CA MET H 34 19.39 12.24 -20.75
C MET H 34 18.29 13.00 -21.48
N ASN H 35 18.50 14.30 -21.64
CA ASN H 35 17.59 15.16 -22.36
C ASN H 35 18.34 15.93 -23.44
N TRP H 36 17.59 16.38 -24.44
CA TRP H 36 18.03 17.40 -25.37
C TRP H 36 17.15 18.62 -25.17
N VAL H 37 17.79 19.77 -24.96
CA VAL H 37 17.10 21.05 -24.82
C VAL H 37 17.75 22.03 -25.78
N ARG H 38 16.94 22.72 -26.57
CA ARG H 38 17.45 23.70 -27.51
C ARG H 38 17.02 25.11 -27.09
N GLN H 39 17.88 26.08 -27.36
CA GLN H 39 17.62 27.48 -27.06
C GLN H 39 17.67 28.27 -28.36
N ALA H 40 16.51 28.72 -28.83
CA ALA H 40 16.45 29.52 -30.03
C ALA H 40 17.14 30.86 -29.79
N PRO H 41 17.58 31.54 -30.85
CA PRO H 41 18.21 32.86 -30.68
C PRO H 41 17.30 33.83 -29.95
N GLY H 42 17.73 34.23 -28.74
CA GLY H 42 16.98 35.17 -27.94
C GLY H 42 15.61 34.67 -27.51
N LYS H 43 15.55 33.43 -27.05
CA LYS H 43 14.30 32.84 -26.58
C LYS H 43 14.60 31.89 -25.43
N GLY H 44 13.53 31.41 -24.80
CA GLY H 44 13.66 30.49 -23.69
C GLY H 44 14.04 29.09 -24.12
N LEU H 45 14.31 28.26 -23.11
CA LEU H 45 14.74 26.89 -23.35
C LEU H 45 13.55 26.00 -23.71
N GLU H 46 13.76 25.09 -24.66
CA GLU H 46 12.74 24.16 -25.09
C GLU H 46 13.27 22.74 -24.99
N TRP H 47 12.53 21.88 -24.29
CA TRP H 47 12.93 20.49 -24.15
C TRP H 47 12.61 19.73 -25.43
N VAL H 48 13.62 19.08 -26.00
CA VAL H 48 13.46 18.38 -27.27
C VAL H 48 13.09 16.92 -27.00
N SER H 49 14.02 16.16 -26.44
CA SER H 49 13.82 14.73 -26.32
C SER H 49 14.37 14.20 -25.01
N TYR H 50 13.76 13.11 -24.55
CA TYR H 50 14.19 12.36 -23.38
C TYR H 50 14.47 10.93 -23.82
N ILE H 51 15.57 10.37 -23.34
CA ILE H 51 15.89 8.97 -23.59
C ILE H 51 16.32 8.34 -22.28
N SER H 52 15.81 7.13 -22.03
CA SER H 52 16.12 6.42 -20.80
C SER H 52 17.44 5.69 -20.91
N SER H 53 17.96 5.24 -19.77
CA SER H 53 19.26 4.58 -19.75
C SER H 53 19.25 3.30 -20.57
N SER H 54 18.12 2.59 -20.59
CA SER H 54 17.98 1.38 -21.38
C SER H 54 17.60 1.66 -22.83
N SER H 55 17.41 2.93 -23.18
CA SER H 55 17.09 3.36 -24.54
C SER H 55 15.71 2.89 -24.99
N SER H 56 14.99 2.18 -24.13
CA SER H 56 13.71 1.64 -24.54
C SER H 56 12.62 2.70 -24.57
N TYR H 57 12.72 3.71 -23.72
CA TYR H 57 11.70 4.75 -23.61
C TYR H 57 12.31 6.07 -24.07
N LYS H 58 11.91 6.51 -25.25
CA LYS H 58 12.32 7.78 -25.82
C LYS H 58 11.08 8.64 -26.00
N TYR H 59 11.21 9.91 -25.65
CA TYR H 59 10.10 10.84 -25.72
C TYR H 59 10.57 12.11 -26.39
N TYR H 60 9.63 12.79 -27.06
CA TYR H 60 9.93 13.95 -27.87
C TYR H 60 8.91 15.04 -27.60
N ALA H 61 9.33 16.29 -27.77
CA ALA H 61 8.36 17.37 -27.84
C ALA H 61 7.54 17.23 -29.10
N ASP H 62 6.30 17.71 -29.04
CA ASP H 62 5.43 17.57 -30.21
C ASP H 62 5.94 18.38 -31.39
N SER H 63 6.61 19.49 -31.14
CA SER H 63 7.14 20.32 -32.22
C SER H 63 8.22 19.61 -33.03
N VAL H 64 8.85 18.57 -32.48
CA VAL H 64 9.89 17.82 -33.17
C VAL H 64 9.53 16.35 -33.32
N LYS H 65 8.32 15.96 -32.96
CA LYS H 65 7.95 14.55 -33.00
C LYS H 65 7.91 14.04 -34.44
N GLY H 66 8.56 12.92 -34.67
CA GLY H 66 8.67 12.38 -36.02
C GLY H 66 9.92 12.80 -36.76
N ARG H 67 10.26 14.08 -36.71
CA ARG H 67 11.41 14.59 -37.46
C ARG H 67 12.72 14.44 -36.69
N PHE H 68 12.69 14.34 -35.37
CA PHE H 68 13.90 14.19 -34.58
C PHE H 68 13.93 12.81 -33.94
N SER H 69 15.11 12.21 -33.89
CA SER H 69 15.29 10.89 -33.31
C SER H 69 16.46 10.91 -32.34
N VAL H 70 16.25 10.40 -31.14
CA VAL H 70 17.27 10.38 -30.09
C VAL H 70 17.80 8.96 -29.94
N SER H 71 19.10 8.84 -29.71
CA SER H 71 19.72 7.55 -29.52
C SER H 71 20.91 7.71 -28.59
N ARG H 72 21.32 6.59 -27.98
CA ARG H 72 22.45 6.61 -27.07
C ARG H 72 23.24 5.33 -27.24
N ASP H 73 24.51 5.39 -26.85
CA ASP H 73 25.40 4.24 -26.86
C ASP H 73 26.13 4.26 -25.53
N ASN H 74 25.58 3.54 -24.55
CA ASN H 74 26.16 3.56 -23.21
C ASN H 74 27.55 2.94 -23.17
N ALA H 75 27.91 2.15 -24.19
CA ALA H 75 29.27 1.62 -24.27
C ALA H 75 30.25 2.73 -24.63
N LYS H 76 29.84 3.68 -25.47
CA LYS H 76 30.65 4.80 -25.87
C LYS H 76 30.37 6.06 -25.06
N ASN H 77 29.45 5.99 -24.10
CA ASN H 77 29.10 7.12 -23.24
C ASN H 77 28.73 8.35 -24.06
N SER H 78 27.96 8.14 -25.12
CA SER H 78 27.62 9.21 -26.04
C SER H 78 26.13 9.23 -26.29
N LEU H 79 25.63 10.43 -26.55
CA LEU H 79 24.22 10.65 -26.83
C LEU H 79 24.11 11.33 -28.19
N TYR H 80 23.18 10.88 -29.01
CA TYR H 80 23.02 11.39 -30.36
C TYR H 80 21.62 11.93 -30.57
N LEU H 81 21.50 12.86 -31.52
CA LEU H 81 20.20 13.38 -31.92
C LEU H 81 20.20 13.58 -33.42
N GLN H 82 19.31 12.87 -34.10
CA GLN H 82 19.17 12.97 -35.55
C GLN H 82 18.20 14.10 -35.86
N LEU H 83 18.70 15.14 -36.52
CA LEU H 83 17.90 16.32 -36.86
C LEU H 83 17.47 16.18 -38.31
N ASN H 84 16.39 15.44 -38.54
CA ASN H 84 15.88 15.19 -39.88
C ASN H 84 14.79 16.19 -40.21
N GLY H 85 14.76 16.62 -41.47
CA GLY H 85 13.76 17.57 -41.93
C GLY H 85 13.86 18.92 -41.24
N LEU H 86 15.09 19.42 -41.13
CA LEU H 86 15.32 20.67 -40.40
C LEU H 86 14.56 21.82 -41.05
N ARG H 87 13.88 22.60 -40.21
CA ARG H 87 13.13 23.76 -40.62
C ARG H 87 13.82 25.02 -40.10
N ALA H 88 13.19 26.17 -40.36
CA ALA H 88 13.74 27.43 -39.87
C ALA H 88 13.71 27.49 -38.34
N GLU H 89 12.64 27.00 -37.73
CA GLU H 89 12.47 27.05 -36.29
C GLU H 89 13.48 26.22 -35.53
N ASP H 90 14.17 25.30 -36.18
CA ASP H 90 15.14 24.44 -35.53
C ASP H 90 16.51 25.11 -35.37
N THR H 91 16.65 26.35 -35.80
CA THR H 91 17.86 27.13 -35.55
C THR H 91 17.94 27.47 -34.08
N ALA H 92 18.92 26.92 -33.38
CA ALA H 92 19.05 27.09 -31.94
C ALA H 92 20.41 26.58 -31.50
N VAL H 93 20.68 26.71 -30.21
CA VAL H 93 21.83 26.06 -29.57
C VAL H 93 21.29 24.87 -28.81
N TYR H 94 21.83 23.69 -29.11
CA TYR H 94 21.27 22.44 -28.61
C TYR H 94 22.07 21.95 -27.43
N TYR H 95 21.39 21.74 -26.31
CA TYR H 95 22.01 21.30 -25.07
C TYR H 95 21.57 19.87 -24.74
N CYS H 96 22.47 19.13 -24.10
CA CYS H 96 22.13 17.85 -23.50
C CYS H 96 22.34 17.94 -22.01
N ALA H 97 21.51 17.23 -21.25
CA ALA H 97 21.58 17.26 -19.80
C ALA H 97 21.17 15.92 -19.24
N ARG H 98 21.69 15.60 -18.05
CA ARG H 98 21.26 14.42 -17.31
C ARG H 98 19.89 14.65 -16.69
N ASP H 99 19.09 13.60 -16.64
CA ASP H 99 17.79 13.71 -15.98
C ASP H 99 17.65 12.80 -14.77
N GLY H 100 17.70 11.49 -14.95
CA GLY H 100 17.35 10.56 -13.90
C GLY H 100 18.50 9.64 -13.57
N TYR H 101 18.58 9.27 -12.28
CA TYR H 101 19.73 8.52 -11.79
C TYR H 101 19.71 7.07 -12.26
N CYS H 102 18.61 6.36 -11.97
CA CYS H 102 18.39 4.99 -12.43
C CYS H 102 19.53 4.01 -12.18
N PRO H 103 19.95 3.82 -10.92
CA PRO H 103 21.07 2.88 -10.67
C PRO H 103 20.81 1.44 -11.10
N LYS H 104 19.58 0.94 -10.98
CA LYS H 104 19.30 -0.44 -11.40
C LYS H 104 17.96 -0.53 -12.11
N GLY H 105 17.67 0.43 -12.99
CA GLY H 105 16.37 0.53 -13.59
C GLY H 105 15.35 1.28 -12.77
N VAL H 106 15.70 1.74 -11.57
CA VAL H 106 14.82 2.52 -10.72
C VAL H 106 15.35 3.95 -10.71
N CYS H 107 14.60 4.86 -11.32
CA CYS H 107 15.05 6.22 -11.57
C CYS H 107 14.58 7.18 -10.50
N THR H 108 15.49 7.99 -9.98
CA THR H 108 15.15 9.12 -9.13
C THR H 108 15.64 10.40 -9.79
N TYR H 109 14.92 11.49 -9.56
CA TYR H 109 15.13 12.73 -10.29
C TYR H 109 15.58 13.83 -9.35
N TYR H 110 16.65 14.52 -9.73
CA TYR H 110 17.25 15.58 -8.92
C TYR H 110 17.56 16.82 -9.76
N GLY H 111 16.75 17.10 -10.77
CA GLY H 111 17.00 18.19 -11.68
C GLY H 111 18.03 17.85 -12.74
N MET H 112 18.05 18.66 -13.79
CA MET H 112 19.08 18.55 -14.83
C MET H 112 20.32 19.28 -14.34
N ASP H 113 21.09 18.61 -13.50
CA ASP H 113 22.20 19.26 -12.82
C ASP H 113 23.38 19.50 -13.75
N VAL H 114 23.70 18.54 -14.60
CA VAL H 114 24.83 18.64 -15.53
C VAL H 114 24.29 19.00 -16.90
N TRP H 115 24.88 20.00 -17.54
CA TRP H 115 24.54 20.41 -18.89
C TRP H 115 25.80 20.42 -19.75
N GLY H 116 25.59 20.31 -21.05
CA GLY H 116 26.67 20.51 -21.99
C GLY H 116 26.81 21.97 -22.38
N GLN H 117 27.96 22.30 -22.97
CA GLN H 117 28.17 23.67 -23.42
C GLN H 117 27.32 24.03 -24.63
N GLY H 118 26.72 23.04 -25.28
CA GLY H 118 25.84 23.28 -26.41
C GLY H 118 26.57 23.25 -27.73
N THR H 119 25.77 23.21 -28.79
CA THR H 119 26.27 23.36 -30.16
C THR H 119 25.21 24.09 -30.97
N THR H 120 25.65 24.82 -31.98
CA THR H 120 24.79 25.73 -32.72
C THR H 120 24.36 25.10 -34.03
N VAL H 121 23.06 25.05 -34.26
CA VAL H 121 22.48 24.60 -35.52
C VAL H 121 21.88 25.80 -36.21
N THR H 122 22.37 26.11 -37.41
CA THR H 122 21.91 27.26 -38.17
C THR H 122 21.23 26.77 -39.44
N VAL H 123 19.92 26.95 -39.52
CA VAL H 123 19.12 26.46 -40.64
C VAL H 123 18.59 27.68 -41.38
N SER H 124 19.22 28.03 -42.50
CA SER H 124 18.77 29.15 -43.31
C SER H 124 19.24 28.96 -44.74
N ALA H 125 18.59 29.68 -45.65
CA ALA H 125 18.91 29.61 -47.06
C ALA H 125 19.86 30.72 -47.48
N GLU I 1 -0.29 19.65 -21.66
CA GLU I 1 0.78 20.65 -21.72
C GLU I 1 0.68 21.63 -20.57
N ILE I 2 1.67 21.59 -19.67
CA ILE I 2 1.71 22.52 -18.55
C ILE I 2 2.54 23.72 -18.95
N VAL I 3 1.92 24.89 -19.00
CA VAL I 3 2.57 26.12 -19.42
C VAL I 3 3.15 26.81 -18.19
N MET I 4 4.41 27.21 -18.29
CA MET I 4 5.12 27.86 -17.19
C MET I 4 5.26 29.34 -17.51
N THR I 5 4.75 30.18 -16.62
CA THR I 5 4.73 31.63 -16.83
C THR I 5 5.53 32.31 -15.74
N GLN I 6 6.52 33.10 -16.15
CA GLN I 6 7.30 33.93 -15.23
C GLN I 6 6.99 35.39 -15.53
N SER I 7 6.57 36.13 -14.50
CA SER I 7 6.23 37.53 -14.64
C SER I 7 6.75 38.26 -13.41
N PRO I 8 7.40 39.41 -13.59
CA PRO I 8 7.72 40.08 -14.85
C PRO I 8 8.92 39.48 -15.56
N ALA I 9 8.99 39.57 -16.87
CA ALA I 9 10.14 39.04 -17.60
C ALA I 9 11.42 39.82 -17.31
N THR I 10 11.31 41.04 -16.79
CA THR I 10 12.45 41.89 -16.54
C THR I 10 12.37 42.46 -15.13
N LEU I 11 13.54 42.66 -14.52
CA LEU I 11 13.63 43.24 -13.19
C LEU I 11 14.90 44.06 -13.09
N SER I 12 14.77 45.29 -12.61
CA SER I 12 15.91 46.15 -12.30
C SER I 12 16.17 46.07 -10.80
N VAL I 13 17.33 45.54 -10.44
CA VAL I 13 17.68 45.32 -9.04
C VAL I 13 19.10 45.83 -8.80
N SER I 14 19.43 46.02 -7.54
CA SER I 14 20.73 46.49 -7.12
C SER I 14 21.34 45.50 -6.15
N PRO I 15 22.67 45.43 -6.09
CA PRO I 15 23.32 44.46 -5.20
C PRO I 15 22.90 44.66 -3.75
N GLY I 16 22.75 43.55 -3.03
CA GLY I 16 22.28 43.59 -1.66
C GLY I 16 20.79 43.68 -1.48
N GLU I 17 20.02 43.61 -2.57
CA GLU I 17 18.57 43.71 -2.51
C GLU I 17 17.95 42.33 -2.62
N ARG I 18 16.90 42.09 -1.83
CA ARG I 18 16.14 40.86 -1.94
C ARG I 18 15.36 40.83 -3.24
N VAL I 19 15.43 39.71 -3.96
CA VAL I 19 14.74 39.54 -5.22
C VAL I 19 13.89 38.29 -5.13
N THR I 20 12.63 38.38 -5.55
CA THR I 20 11.73 37.23 -5.62
C THR I 20 11.29 37.07 -7.07
N LEU I 21 11.57 35.91 -7.64
CA LEU I 21 11.18 35.58 -9.00
C LEU I 21 10.00 34.63 -8.94
N SER I 22 8.88 35.03 -9.54
CA SER I 22 7.65 34.26 -9.48
C SER I 22 7.53 33.35 -10.68
N CYS I 23 7.02 32.14 -10.44
CA CYS I 23 6.72 31.17 -11.48
C CYS I 23 5.34 30.59 -11.23
N ARG I 24 4.56 30.47 -12.29
CA ARG I 24 3.22 29.91 -12.21
C ARG I 24 3.05 28.83 -13.27
N ALA I 25 2.36 27.76 -12.90
CA ALA I 25 2.10 26.64 -13.80
C ALA I 25 0.61 26.59 -14.10
N SER I 26 0.26 26.37 -15.37
CA SER I 26 -1.14 26.34 -15.76
C SER I 26 -1.89 25.21 -15.06
N GLN I 27 -1.17 24.17 -14.65
CA GLN I 27 -1.73 23.09 -13.86
C GLN I 27 -0.83 22.85 -12.67
N SER I 28 -1.37 22.15 -11.67
CA SER I 28 -0.57 21.82 -10.49
C SER I 28 0.53 20.86 -10.88
N VAL I 29 1.78 21.28 -10.71
CA VAL I 29 2.93 20.40 -10.89
C VAL I 29 3.45 19.89 -9.56
N ARG I 30 2.72 20.11 -8.48
CA ARG I 30 3.07 19.63 -7.13
C ARG I 30 4.43 20.21 -6.77
N SER I 31 5.43 19.40 -6.44
CA SER I 31 6.74 19.92 -6.08
C SER I 31 7.80 19.62 -7.14
N ARG I 32 7.38 19.35 -8.38
CA ARG I 32 8.32 19.04 -9.46
C ARG I 32 8.63 20.31 -10.26
N LEU I 33 9.40 21.19 -9.62
CA LEU I 33 9.77 22.48 -10.19
C LEU I 33 11.25 22.71 -9.94
N ALA I 34 11.98 23.13 -10.97
CA ALA I 34 13.40 23.42 -10.86
C ALA I 34 13.70 24.84 -11.34
N TRP I 35 14.73 25.45 -10.76
CA TRP I 35 15.15 26.80 -11.11
C TRP I 35 16.50 26.76 -11.79
N PHE I 36 16.62 27.45 -12.91
CA PHE I 36 17.84 27.49 -13.71
C PHE I 36 18.32 28.92 -13.88
N GLN I 37 19.64 29.09 -13.91
CA GLN I 37 20.28 30.39 -14.11
C GLN I 37 21.15 30.30 -15.36
N GLN I 38 20.99 31.26 -16.27
CA GLN I 38 21.74 31.25 -17.53
C GLN I 38 22.39 32.60 -17.77
N LYS I 39 23.65 32.73 -17.37
CA LYS I 39 24.43 33.90 -17.70
C LYS I 39 24.71 33.91 -19.21
N PRO I 40 24.89 35.10 -19.80
CA PRO I 40 25.00 35.19 -21.26
C PRO I 40 26.14 34.35 -21.81
N GLY I 41 25.86 33.64 -22.90
CA GLY I 41 26.87 32.81 -23.53
C GLY I 41 27.28 31.59 -22.75
N GLN I 42 26.43 31.09 -21.86
CA GLN I 42 26.74 29.92 -21.04
C GLN I 42 25.52 29.03 -20.94
N ALA I 43 25.75 27.77 -20.59
CA ALA I 43 24.67 26.82 -20.42
C ALA I 43 23.86 27.14 -19.17
N PRO I 44 22.61 26.69 -19.10
CA PRO I 44 21.82 26.90 -17.89
C PRO I 44 22.42 26.15 -16.70
N ARG I 45 22.30 26.75 -15.52
CA ARG I 45 22.79 26.16 -14.28
C ARG I 45 21.61 25.88 -13.37
N LEU I 46 21.49 24.63 -12.93
CA LEU I 46 20.42 24.26 -12.01
C LEU I 46 20.68 24.89 -10.65
N LEU I 47 19.70 25.66 -10.17
CA LEU I 47 19.78 26.27 -8.84
C LEU I 47 18.96 25.47 -7.82
N ILE I 48 17.67 25.35 -8.05
CA ILE I 48 16.74 24.71 -7.14
C ILE I 48 16.10 23.56 -7.88
N TYR I 49 15.91 22.44 -7.20
CA TYR I 49 15.04 21.38 -7.69
C TYR I 49 14.10 20.96 -6.58
N ASP I 50 13.03 20.26 -6.97
CA ASP I 50 11.94 19.89 -6.08
C ASP I 50 11.30 21.12 -5.44
N ALA I 51 11.41 22.26 -6.13
CA ALA I 51 10.83 23.56 -5.80
C ALA I 51 11.51 24.24 -4.63
N SER I 52 12.27 23.49 -3.82
CA SER I 52 12.89 24.09 -2.65
C SER I 52 14.26 23.53 -2.28
N ILE I 53 14.82 22.60 -3.04
CA ILE I 53 16.07 21.96 -2.67
C ILE I 53 17.18 22.57 -3.51
N ARG I 54 18.15 23.17 -2.83
CA ARG I 54 19.29 23.74 -3.53
C ARG I 54 20.14 22.65 -4.14
N ALA I 55 20.60 22.87 -5.37
CA ALA I 55 21.54 21.95 -5.96
C ALA I 55 22.90 22.09 -5.28
N THR I 56 23.74 21.06 -5.44
CA THR I 56 25.03 21.07 -4.78
C THR I 56 25.88 22.23 -5.28
N GLY I 57 26.53 22.91 -4.33
CA GLY I 57 27.37 24.04 -4.66
C GLY I 57 26.63 25.33 -4.89
N ILE I 58 25.31 25.33 -4.84
CA ILE I 58 24.53 26.54 -5.05
C ILE I 58 24.57 27.37 -3.78
N PRO I 59 24.85 28.68 -3.88
CA PRO I 59 24.97 29.49 -2.67
C PRO I 59 23.68 29.53 -1.87
N ALA I 60 23.82 29.73 -0.56
CA ALA I 60 22.67 29.74 0.33
C ALA I 60 21.72 30.90 0.07
N ARG I 61 22.15 31.92 -0.69
CA ARG I 61 21.26 33.04 -0.94
C ARG I 61 20.12 32.69 -1.89
N PHE I 62 20.30 31.66 -2.72
CA PHE I 62 19.24 31.21 -3.62
C PHE I 62 18.32 30.27 -2.85
N SER I 63 17.08 30.67 -2.65
CA SER I 63 16.11 29.90 -1.89
C SER I 63 14.86 29.71 -2.73
N GLY I 64 14.32 28.49 -2.71
CA GLY I 64 13.12 28.16 -3.45
C GLY I 64 12.00 27.77 -2.51
N SER I 65 10.78 28.01 -2.95
CA SER I 65 9.60 27.70 -2.15
C SER I 65 8.40 27.58 -3.07
N GLY I 66 7.31 27.05 -2.53
CA GLY I 66 6.08 26.92 -3.27
C GLY I 66 5.80 25.48 -3.66
N SER I 67 4.56 25.25 -4.06
CA SER I 67 4.12 23.96 -4.56
C SER I 67 2.79 24.16 -5.27
N GLY I 68 2.56 23.34 -6.30
CA GLY I 68 1.32 23.42 -7.04
C GLY I 68 1.41 24.29 -8.27
N THR I 69 0.87 25.50 -8.20
CA THR I 69 0.89 26.43 -9.32
C THR I 69 1.58 27.73 -9.01
N GLU I 70 2.16 27.90 -7.82
CA GLU I 70 2.84 29.13 -7.45
C GLU I 70 4.20 28.79 -6.86
N PHE I 71 5.25 29.32 -7.48
CA PHE I 71 6.62 29.02 -7.07
C PHE I 71 7.41 30.32 -7.05
N THR I 72 8.41 30.38 -6.19
CA THR I 72 9.20 31.59 -6.02
C THR I 72 10.65 31.23 -5.78
N LEU I 73 11.55 32.01 -6.37
CA LEU I 73 12.98 31.91 -6.11
C LEU I 73 13.44 33.19 -5.43
N ILE I 74 14.05 33.04 -4.26
CA ILE I 74 14.46 34.17 -3.43
C ILE I 74 15.98 34.30 -3.52
N ILE I 75 16.43 35.49 -3.89
CA ILE I 75 17.85 35.83 -3.85
C ILE I 75 18.02 36.89 -2.77
N SER I 76 18.38 36.44 -1.56
CA SER I 76 18.29 37.30 -0.38
C SER I 76 19.21 38.51 -0.49
N SER I 77 20.48 38.28 -0.77
CA SER I 77 21.48 39.34 -0.86
C SER I 77 22.08 39.27 -2.26
N LEU I 78 21.41 39.91 -3.21
CA LEU I 78 21.84 39.84 -4.60
C LEU I 78 23.26 40.38 -4.74
N GLN I 79 24.08 39.66 -5.52
CA GLN I 79 25.45 40.04 -5.76
C GLN I 79 25.61 40.45 -7.22
N SER I 80 26.80 40.93 -7.56
CA SER I 80 27.06 41.38 -8.92
C SER I 80 27.07 40.23 -9.92
N GLU I 81 27.30 39.00 -9.47
CA GLU I 81 27.31 37.85 -10.35
C GLU I 81 25.94 37.20 -10.49
N ASP I 82 24.92 37.69 -9.79
CA ASP I 82 23.58 37.14 -9.87
C ASP I 82 22.75 37.79 -10.97
N PHE I 83 23.32 38.71 -11.74
CA PHE I 83 22.62 39.36 -12.85
C PHE I 83 22.62 38.41 -14.04
N ALA I 84 21.56 37.61 -14.15
CA ALA I 84 21.48 36.58 -15.17
C ALA I 84 20.01 36.36 -15.50
N VAL I 85 19.76 35.43 -16.41
CA VAL I 85 18.40 35.05 -16.81
C VAL I 85 18.01 33.80 -16.05
N TYR I 86 16.83 33.81 -15.44
CA TYR I 86 16.39 32.75 -14.56
C TYR I 86 15.12 32.12 -15.11
N TYR I 87 15.14 30.80 -15.26
CA TYR I 87 13.99 30.05 -15.76
C TYR I 87 13.50 29.09 -14.68
N CYS I 88 12.23 28.74 -14.76
CA CYS I 88 11.65 27.66 -13.99
C CYS I 88 11.26 26.54 -14.93
N GLN I 89 11.39 25.30 -14.47
CA GLN I 89 11.09 24.14 -15.27
C GLN I 89 10.29 23.14 -14.45
N GLN I 90 9.32 22.49 -15.09
CA GLN I 90 8.45 21.53 -14.43
C GLN I 90 8.70 20.14 -15.01
N TYR I 91 8.67 19.13 -14.15
CA TYR I 91 8.89 17.74 -14.54
C TYR I 91 7.93 16.84 -13.77
N ASP I 92 6.65 17.19 -13.76
CA ASP I 92 5.74 16.58 -12.82
C ASP I 92 5.40 15.13 -13.18
N ASN I 93 4.72 14.92 -14.29
CA ASN I 93 4.05 13.66 -14.55
C ASN I 93 4.88 12.77 -15.46
N TRP I 94 4.27 11.66 -15.87
CA TRP I 94 4.84 10.74 -16.84
C TRP I 94 3.89 10.60 -18.02
N PRO I 95 4.38 10.56 -19.26
CA PRO I 95 5.78 10.55 -19.73
C PRO I 95 6.48 11.89 -19.53
N PRO I 96 7.80 11.92 -19.73
CA PRO I 96 8.51 13.20 -19.73
C PRO I 96 7.93 14.16 -20.75
N ALA I 97 7.47 15.30 -20.25
CA ALA I 97 7.00 16.42 -21.08
C ALA I 97 7.42 17.67 -20.32
N TYR I 98 8.64 18.14 -20.61
CA TYR I 98 9.27 19.17 -19.79
C TYR I 98 9.06 20.53 -20.45
N THR I 99 8.56 21.48 -19.68
CA THR I 99 8.29 22.83 -20.13
C THR I 99 8.98 23.82 -19.21
N PHE I 100 9.67 24.78 -19.80
CA PHE I 100 10.37 25.83 -19.08
C PHE I 100 9.53 27.10 -19.06
N GLY I 101 9.83 27.97 -18.10
CA GLY I 101 9.35 29.32 -18.14
C GLY I 101 10.18 30.18 -19.07
N GLN I 102 9.58 31.27 -19.55
CA GLN I 102 10.22 32.06 -20.61
C GLN I 102 11.38 32.90 -20.10
N GLY I 103 11.70 32.84 -18.81
CA GLY I 103 12.88 33.49 -18.29
C GLY I 103 12.55 34.80 -17.60
N THR I 104 13.47 35.24 -16.75
CA THR I 104 13.39 36.53 -16.10
C THR I 104 14.79 37.12 -16.05
N LYS I 105 14.96 38.29 -16.65
CA LYS I 105 16.27 38.93 -16.77
C LYS I 105 16.46 39.92 -15.63
N LEU I 106 17.58 39.78 -14.93
CA LEU I 106 17.97 40.72 -13.87
C LEU I 106 18.89 41.76 -14.49
N GLU I 107 18.37 42.98 -14.66
CA GLU I 107 19.14 44.09 -15.18
C GLU I 107 19.74 44.89 -14.04
N ILE I 108 21.01 45.30 -14.21
CA ILE I 108 21.66 46.11 -13.20
C ILE I 108 20.93 47.43 -13.04
N LYS I 109 20.96 47.97 -11.82
CA LYS I 109 20.40 49.28 -11.54
C LYS I 109 21.18 49.98 -10.45
#